data_1O1X
# 
_entry.id   1O1X 
# 
_audit_conform.dict_name       mmcif_pdbx.dic 
_audit_conform.dict_version    5.365 
_audit_conform.dict_location   http://mmcif.pdb.org/dictionaries/ascii/mmcif_pdbx.dic 
# 
loop_
_database_2.database_id 
_database_2.database_code 
_database_2.pdbx_database_accession 
_database_2.pdbx_DOI 
PDB   1O1X         pdb_00001o1x 10.2210/pdb1o1x/pdb 
RCSB  RCSB001701   ?            ?                   
WWPDB D_1000001701 ?            ?                   
# 
_pdbx_database_related.db_name        TargetDB 
_pdbx_database_related.db_id          282947 
_pdbx_database_related.details        . 
_pdbx_database_related.content_type   unspecified 
# 
_pdbx_database_status.entry_id                        1O1X 
_pdbx_database_status.status_code                     REL 
_pdbx_database_status.deposit_site                    RCSB 
_pdbx_database_status.process_site                    RCSB 
_pdbx_database_status.recvd_initial_deposition_date   2003-02-12 
_pdbx_database_status.SG_entry                        Y 
_pdbx_database_status.status_code_sf                  REL 
_pdbx_database_status.status_code_cs                  ? 
_pdbx_database_status.pdb_format_compatible           Y 
_pdbx_database_status.status_code_mr                  ? 
_pdbx_database_status.methods_development_category    ? 
_pdbx_database_status.status_code_nmr_data            ? 
# 
_audit_author.name           'Joint Center for Structural Genomics (JCSG)' 
_audit_author.pdbx_ordinal   1 
# 
_citation.id                        primary 
_citation.title                     
'Crystal structure of a ribose-5-phosphate isomerase RpiB (TM1080) from Thermotoga maritima at 1.90 A resolution.' 
_citation.journal_abbrev            Proteins 
_citation.journal_volume            56 
_citation.page_first                171 
_citation.page_last                 175 
_citation.year                      2004 
_citation.journal_id_ASTM           PSFGEY 
_citation.country                   US 
_citation.journal_id_ISSN           0887-3585 
_citation.journal_id_CSD            0867 
_citation.book_publisher            ? 
_citation.pdbx_database_id_PubMed   15162497 
_citation.pdbx_database_id_DOI      10.1002/prot.20129 
# 
loop_
_citation_author.citation_id 
_citation_author.name 
_citation_author.ordinal 
_citation_author.identifier_ORCID 
primary 'Xu, Q.'              1  ? 
primary 'Schwarzenbacher, R.' 2  ? 
primary 'McMullan, D.'        3  ? 
primary 'von Delft, F.'       4  ? 
primary 'Brinen, L.S.'        5  ? 
primary 'Canaves, J.M.'       6  ? 
primary 'Dai, X.'             7  ? 
primary 'Deacon, A.M.'        8  ? 
primary 'Elsliger, M.A.'      9  ? 
primary 'Eshagi, S.'          10 ? 
primary 'Floyd, R.'           11 ? 
primary 'Godzik, A.'          12 ? 
primary 'Grittini, C.'        13 ? 
primary 'Grzechnik, S.K.'     14 ? 
primary 'Jaroszewski, L.'     15 ? 
primary 'Karlak, C.'          16 ? 
primary 'Klock, H.E.'         17 ? 
primary 'Koesema, E.'         18 ? 
primary 'Kovarik, J.S.'       19 ? 
primary 'Kreusch, A.'         20 ? 
primary 'Kuhn, P.'            21 ? 
primary 'Lesley, S.A.'        22 ? 
primary 'Levin, I.'           23 ? 
primary 'McPhillips, T.M.'    24 ? 
primary 'Miller, M.D.'        25 ? 
primary 'Morse, A.'           26 ? 
primary 'Moy, K.'             27 ? 
primary 'Ouyang, J.'          28 ? 
primary 'Page, R.'            29 ? 
primary 'Quijano, K.'         30 ? 
primary 'Robb, A.'            31 ? 
primary 'Spraggon, G.'        32 ? 
primary 'Stevens, F.'         33 ? 
primary 'van den Bedem, H.'   34 ? 
primary 'Velasquez, J.'       35 ? 
primary 'Vincent, J.'         36 ? 
primary 'Wang, X.'            37 ? 
primary 'West, B.'            38 ? 
primary 'Wolf, G.'            39 ? 
primary 'Hodgson, K.O.'       40 ? 
primary 'Wooley, J.'          41 ? 
primary 'Wilson, I.A.'        42 ? 
# 
_cell.entry_id           1O1X 
_cell.length_a           61.490 
_cell.length_b           73.890 
_cell.length_c           87.740 
_cell.angle_alpha        90.00 
_cell.angle_beta         90.00 
_cell.angle_gamma        90.00 
_cell.Z_PDB              8 
_cell.pdbx_unique_axis   ? 
# 
_symmetry.entry_id                         1O1X 
_symmetry.space_group_name_H-M             'I 2 2 2' 
_symmetry.pdbx_full_space_group_name_H-M   ? 
_symmetry.cell_setting                     ? 
_symmetry.Int_Tables_number                23 
_symmetry.space_group_name_Hall            ? 
# 
loop_
_entity.id 
_entity.type 
_entity.src_method 
_entity.pdbx_description 
_entity.formula_weight 
_entity.pdbx_number_of_molecules 
_entity.pdbx_ec 
_entity.pdbx_mutation 
_entity.pdbx_fragment 
_entity.details 
1 polymer     man 'ribose-5-phosphate isomerase RpiB' 17507.496 1   5.3.1.6 ? ? ? 
2 non-polymer syn '(4S)-2-METHYL-2,4-PENTANEDIOL'     118.174   1   ?       ? ? ? 
3 water       nat water                               18.015    212 ?       ? ? ? 
# 
_entity_poly.entity_id                      1 
_entity_poly.type                           'polypeptide(L)' 
_entity_poly.nstd_linkage                   no 
_entity_poly.nstd_monomer                   yes 
_entity_poly.pdbx_seq_one_letter_code       
;(MSE)GSDKIHHHHHHVKIAIASDHAAFELKEKVKNYLLGKGIEVEDHGTYSEESVDYPDYAKKVVQSILSNEADFGILL
(OCS)GTGLG(MSE)SIAANRYRGIRAALCLFPD(MSE)ARLARSHNNANILVLPGRLIGAELAFWIVDTFLSTPFDGGR
HERRIRKIDEV
;
_entity_poly.pdbx_seq_one_letter_code_can   
;MGSDKIHHHHHHVKIAIASDHAAFELKEKVKNYLLGKGIEVEDHGTYSEESVDYPDYAKKVVQSILSNEADFGILLCGTG
LGMSIAANRYRGIRAALCLFPDMARLARSHNNANILVLPGRLIGAELAFWIVDTFLSTPFDGGRHERRIRKIDEV
;
_entity_poly.pdbx_strand_id                 A 
_entity_poly.pdbx_target_identifier         282947 
# 
loop_
_entity_poly_seq.entity_id 
_entity_poly_seq.num 
_entity_poly_seq.mon_id 
_entity_poly_seq.hetero 
1 1   MSE n 
1 2   GLY n 
1 3   SER n 
1 4   ASP n 
1 5   LYS n 
1 6   ILE n 
1 7   HIS n 
1 8   HIS n 
1 9   HIS n 
1 10  HIS n 
1 11  HIS n 
1 12  HIS n 
1 13  VAL n 
1 14  LYS n 
1 15  ILE n 
1 16  ALA n 
1 17  ILE n 
1 18  ALA n 
1 19  SER n 
1 20  ASP n 
1 21  HIS n 
1 22  ALA n 
1 23  ALA n 
1 24  PHE n 
1 25  GLU n 
1 26  LEU n 
1 27  LYS n 
1 28  GLU n 
1 29  LYS n 
1 30  VAL n 
1 31  LYS n 
1 32  ASN n 
1 33  TYR n 
1 34  LEU n 
1 35  LEU n 
1 36  GLY n 
1 37  LYS n 
1 38  GLY n 
1 39  ILE n 
1 40  GLU n 
1 41  VAL n 
1 42  GLU n 
1 43  ASP n 
1 44  HIS n 
1 45  GLY n 
1 46  THR n 
1 47  TYR n 
1 48  SER n 
1 49  GLU n 
1 50  GLU n 
1 51  SER n 
1 52  VAL n 
1 53  ASP n 
1 54  TYR n 
1 55  PRO n 
1 56  ASP n 
1 57  TYR n 
1 58  ALA n 
1 59  LYS n 
1 60  LYS n 
1 61  VAL n 
1 62  VAL n 
1 63  GLN n 
1 64  SER n 
1 65  ILE n 
1 66  LEU n 
1 67  SER n 
1 68  ASN n 
1 69  GLU n 
1 70  ALA n 
1 71  ASP n 
1 72  PHE n 
1 73  GLY n 
1 74  ILE n 
1 75  LEU n 
1 76  LEU n 
1 77  OCS n 
1 78  GLY n 
1 79  THR n 
1 80  GLY n 
1 81  LEU n 
1 82  GLY n 
1 83  MSE n 
1 84  SER n 
1 85  ILE n 
1 86  ALA n 
1 87  ALA n 
1 88  ASN n 
1 89  ARG n 
1 90  TYR n 
1 91  ARG n 
1 92  GLY n 
1 93  ILE n 
1 94  ARG n 
1 95  ALA n 
1 96  ALA n 
1 97  LEU n 
1 98  CYS n 
1 99  LEU n 
1 100 PHE n 
1 101 PRO n 
1 102 ASP n 
1 103 MSE n 
1 104 ALA n 
1 105 ARG n 
1 106 LEU n 
1 107 ALA n 
1 108 ARG n 
1 109 SER n 
1 110 HIS n 
1 111 ASN n 
1 112 ASN n 
1 113 ALA n 
1 114 ASN n 
1 115 ILE n 
1 116 LEU n 
1 117 VAL n 
1 118 LEU n 
1 119 PRO n 
1 120 GLY n 
1 121 ARG n 
1 122 LEU n 
1 123 ILE n 
1 124 GLY n 
1 125 ALA n 
1 126 GLU n 
1 127 LEU n 
1 128 ALA n 
1 129 PHE n 
1 130 TRP n 
1 131 ILE n 
1 132 VAL n 
1 133 ASP n 
1 134 THR n 
1 135 PHE n 
1 136 LEU n 
1 137 SER n 
1 138 THR n 
1 139 PRO n 
1 140 PHE n 
1 141 ASP n 
1 142 GLY n 
1 143 GLY n 
1 144 ARG n 
1 145 HIS n 
1 146 GLU n 
1 147 ARG n 
1 148 ARG n 
1 149 ILE n 
1 150 ARG n 
1 151 LYS n 
1 152 ILE n 
1 153 ASP n 
1 154 GLU n 
1 155 VAL n 
# 
_entity_src_gen.entity_id                          1 
_entity_src_gen.pdbx_src_id                        1 
_entity_src_gen.pdbx_alt_source_flag               sample 
_entity_src_gen.pdbx_seq_type                      ? 
_entity_src_gen.pdbx_beg_seq_num                   ? 
_entity_src_gen.pdbx_end_seq_num                   ? 
_entity_src_gen.gene_src_common_name               ? 
_entity_src_gen.gene_src_genus                     Thermotoga 
_entity_src_gen.pdbx_gene_src_gene                 TM1080 
_entity_src_gen.gene_src_species                   ? 
_entity_src_gen.gene_src_strain                    ? 
_entity_src_gen.gene_src_tissue                    ? 
_entity_src_gen.gene_src_tissue_fraction           ? 
_entity_src_gen.gene_src_details                   ? 
_entity_src_gen.pdbx_gene_src_fragment             ? 
_entity_src_gen.pdbx_gene_src_scientific_name      'Thermotoga maritima' 
_entity_src_gen.pdbx_gene_src_ncbi_taxonomy_id     2336 
_entity_src_gen.pdbx_gene_src_variant              ? 
_entity_src_gen.pdbx_gene_src_cell_line            ? 
_entity_src_gen.pdbx_gene_src_atcc                 ? 
_entity_src_gen.pdbx_gene_src_organ                ? 
_entity_src_gen.pdbx_gene_src_organelle            ? 
_entity_src_gen.pdbx_gene_src_cell                 ? 
_entity_src_gen.pdbx_gene_src_cellular_location    ? 
_entity_src_gen.host_org_common_name               ? 
_entity_src_gen.pdbx_host_org_scientific_name      'Escherichia coli' 
_entity_src_gen.pdbx_host_org_ncbi_taxonomy_id     562 
_entity_src_gen.host_org_genus                     Escherichia 
_entity_src_gen.pdbx_host_org_gene                 ? 
_entity_src_gen.pdbx_host_org_organ                ? 
_entity_src_gen.host_org_species                   ? 
_entity_src_gen.pdbx_host_org_tissue               ? 
_entity_src_gen.pdbx_host_org_tissue_fraction      ? 
_entity_src_gen.pdbx_host_org_strain               ? 
_entity_src_gen.pdbx_host_org_variant              ? 
_entity_src_gen.pdbx_host_org_cell_line            ? 
_entity_src_gen.pdbx_host_org_atcc                 ? 
_entity_src_gen.pdbx_host_org_culture_collection   ? 
_entity_src_gen.pdbx_host_org_cell                 ? 
_entity_src_gen.pdbx_host_org_organelle            ? 
_entity_src_gen.pdbx_host_org_cellular_location    ? 
_entity_src_gen.pdbx_host_org_vector_type          PLASMID 
_entity_src_gen.pdbx_host_org_vector               ? 
_entity_src_gen.host_org_details                   ? 
_entity_src_gen.expression_system_id               ? 
_entity_src_gen.plasmid_name                       ? 
_entity_src_gen.plasmid_details                    ? 
_entity_src_gen.pdbx_description                   ? 
# 
_struct_ref.id                         1 
_struct_ref.db_name                    UNP 
_struct_ref.db_code                    Q9X0G9_THEMA 
_struct_ref.pdbx_db_accession          Q9X0G9 
_struct_ref.entity_id                  1 
_struct_ref.pdbx_seq_one_letter_code   
;KIAIASDHAAFELKEKVKNYLLGKGIEVEDHGTYSEESVDYPDYAKKVVQSILSNEADFGILLCGTGLGMSIAANRYRGI
RAALCLFPDMARLARSHNNANILVLPGRLIGAELAFWIVDTFLSTPFDGGRHERRIRKIDEV
;
_struct_ref.pdbx_align_begin           1 
_struct_ref.pdbx_db_isoform            ? 
# 
_struct_ref_seq.align_id                      1 
_struct_ref_seq.ref_id                        1 
_struct_ref_seq.pdbx_PDB_id_code              1O1X 
_struct_ref_seq.pdbx_strand_id                A 
_struct_ref_seq.seq_align_beg                 14 
_struct_ref_seq.pdbx_seq_align_beg_ins_code   ? 
_struct_ref_seq.seq_align_end                 155 
_struct_ref_seq.pdbx_seq_align_end_ins_code   ? 
_struct_ref_seq.pdbx_db_accession             Q9X0G9 
_struct_ref_seq.db_align_beg                  2 
_struct_ref_seq.pdbx_db_align_beg_ins_code    ? 
_struct_ref_seq.db_align_end                  143 
_struct_ref_seq.pdbx_db_align_end_ins_code    ? 
_struct_ref_seq.pdbx_auth_seq_align_beg       2 
_struct_ref_seq.pdbx_auth_seq_align_end       143 
# 
loop_
_struct_ref_seq_dif.align_id 
_struct_ref_seq_dif.pdbx_pdb_id_code 
_struct_ref_seq_dif.mon_id 
_struct_ref_seq_dif.pdbx_pdb_strand_id 
_struct_ref_seq_dif.seq_num 
_struct_ref_seq_dif.pdbx_pdb_ins_code 
_struct_ref_seq_dif.pdbx_seq_db_name 
_struct_ref_seq_dif.pdbx_seq_db_accession_code 
_struct_ref_seq_dif.db_mon_id 
_struct_ref_seq_dif.pdbx_seq_db_seq_num 
_struct_ref_seq_dif.details 
_struct_ref_seq_dif.pdbx_auth_seq_num 
_struct_ref_seq_dif.pdbx_ordinal 
1 1O1X MSE A 1   ? UNP Q9X0G9 ?   ?  'expression tag'   -11 1  
1 1O1X GLY A 2   ? UNP Q9X0G9 ?   ?  'expression tag'   -10 2  
1 1O1X SER A 3   ? UNP Q9X0G9 ?   ?  'expression tag'   -9  3  
1 1O1X ASP A 4   ? UNP Q9X0G9 ?   ?  'expression tag'   -8  4  
1 1O1X LYS A 5   ? UNP Q9X0G9 ?   ?  'expression tag'   -7  5  
1 1O1X ILE A 6   ? UNP Q9X0G9 ?   ?  'expression tag'   -6  6  
1 1O1X HIS A 7   ? UNP Q9X0G9 ?   ?  'expression tag'   -5  7  
1 1O1X HIS A 8   ? UNP Q9X0G9 ?   ?  'expression tag'   -4  8  
1 1O1X HIS A 9   ? UNP Q9X0G9 ?   ?  'expression tag'   -3  9  
1 1O1X HIS A 10  ? UNP Q9X0G9 ?   ?  'expression tag'   -2  10 
1 1O1X HIS A 11  ? UNP Q9X0G9 ?   ?  'expression tag'   -1  11 
1 1O1X HIS A 12  ? UNP Q9X0G9 ?   ?  'expression tag'   0   12 
1 1O1X VAL A 13  ? UNP Q9X0G9 ?   ?  'expression tag'   1   13 
1 1O1X OCS A 77  ? UNP Q9X0G9 CYS 65 'modified residue' 65  14 
1 1O1X MSE A 83  ? UNP Q9X0G9 MET 71 'modified residue' 71  15 
1 1O1X MSE A 103 ? UNP Q9X0G9 MET 91 'modified residue' 91  16 
# 
loop_
_chem_comp.id 
_chem_comp.type 
_chem_comp.mon_nstd_flag 
_chem_comp.name 
_chem_comp.pdbx_synonyms 
_chem_comp.formula 
_chem_comp.formula_weight 
ALA 'L-peptide linking' y ALANINE                         ? 'C3 H7 N O2'     89.093  
ARG 'L-peptide linking' y ARGININE                        ? 'C6 H15 N4 O2 1' 175.209 
ASN 'L-peptide linking' y ASPARAGINE                      ? 'C4 H8 N2 O3'    132.118 
ASP 'L-peptide linking' y 'ASPARTIC ACID'                 ? 'C4 H7 N O4'     133.103 
CYS 'L-peptide linking' y CYSTEINE                        ? 'C3 H7 N O2 S'   121.158 
GLN 'L-peptide linking' y GLUTAMINE                       ? 'C5 H10 N2 O3'   146.144 
GLU 'L-peptide linking' y 'GLUTAMIC ACID'                 ? 'C5 H9 N O4'     147.129 
GLY 'peptide linking'   y GLYCINE                         ? 'C2 H5 N O2'     75.067  
HIS 'L-peptide linking' y HISTIDINE                       ? 'C6 H10 N3 O2 1' 156.162 
HOH non-polymer         . WATER                           ? 'H2 O'           18.015  
ILE 'L-peptide linking' y ISOLEUCINE                      ? 'C6 H13 N O2'    131.173 
LEU 'L-peptide linking' y LEUCINE                         ? 'C6 H13 N O2'    131.173 
LYS 'L-peptide linking' y LYSINE                          ? 'C6 H15 N2 O2 1' 147.195 
MET 'L-peptide linking' y METHIONINE                      ? 'C5 H11 N O2 S'  149.211 
MPD non-polymer         . '(4S)-2-METHYL-2,4-PENTANEDIOL' ? 'C6 H14 O2'      118.174 
MSE 'L-peptide linking' n SELENOMETHIONINE                ? 'C5 H11 N O2 Se' 196.106 
OCS 'L-peptide linking' n 'CYSTEINESULFONIC ACID'         ? 'C3 H7 N O5 S'   169.156 
PHE 'L-peptide linking' y PHENYLALANINE                   ? 'C9 H11 N O2'    165.189 
PRO 'L-peptide linking' y PROLINE                         ? 'C5 H9 N O2'     115.130 
SER 'L-peptide linking' y SERINE                          ? 'C3 H7 N O3'     105.093 
THR 'L-peptide linking' y THREONINE                       ? 'C4 H9 N O3'     119.119 
TRP 'L-peptide linking' y TRYPTOPHAN                      ? 'C11 H12 N2 O2'  204.225 
TYR 'L-peptide linking' y TYROSINE                        ? 'C9 H11 N O3'    181.189 
VAL 'L-peptide linking' y VALINE                          ? 'C5 H11 N O2'    117.146 
# 
_exptl.entry_id          1O1X 
_exptl.method            'X-RAY DIFFRACTION' 
_exptl.crystals_number   1 
# 
_exptl_crystal.id                    1 
_exptl_crystal.density_meas          ? 
_exptl_crystal.density_Matthews      2.56 
_exptl_crystal.density_percent_sol   51.52 
_exptl_crystal.description           ? 
_exptl_crystal.F_000                 ? 
_exptl_crystal.preparation           ? 
# 
_exptl_crystal_grow.crystal_id      1 
_exptl_crystal_grow.method          ? 
_exptl_crystal_grow.temp            277 
_exptl_crystal_grow.temp_details    ? 
_exptl_crystal_grow.pH              7.00 
_exptl_crystal_grow.pdbx_details    
'40 % (+/-)-2-Methyl-2,4-Pentanediol; 0.1 M HEPES pH 7.0, VAPOR DIFFUSION,SITTING DROP,NANODROP, temperature 277K, pH 7.00' 
_exptl_crystal_grow.pdbx_pH_range   . 
# 
_diffrn.id                     1 
_diffrn.ambient_temp           100.0 
_diffrn.ambient_temp_details   ? 
_diffrn.crystal_id             1 
# 
_diffrn_detector.diffrn_id              1 
_diffrn_detector.detector               CCD 
_diffrn_detector.type                   'ADSC QUANTUM 4' 
_diffrn_detector.pdbx_collection_date   2002-11-26 
_diffrn_detector.details                'FLAT MIRROR,SINGLE CRYSTAL SI(311) BENT MONOCHROMATOR' 
# 
_diffrn_radiation.diffrn_id                        1 
_diffrn_radiation.wavelength_id                    1 
_diffrn_radiation.pdbx_monochromatic_or_laue_m_l   M 
_diffrn_radiation.monochromator                    ? 
_diffrn_radiation.pdbx_diffrn_protocol             MAD 
_diffrn_radiation.pdbx_scattering_type             x-ray 
# 
loop_
_diffrn_radiation_wavelength.id 
_diffrn_radiation_wavelength.wavelength 
_diffrn_radiation_wavelength.wt 
1 0.91837 1.0 
2 0.97931 1.0 
3 0.97892 1.0 
# 
_diffrn_source.diffrn_id                   1 
_diffrn_source.source                      SYNCHROTRON 
_diffrn_source.type                        'SSRL BEAMLINE BL9-1' 
_diffrn_source.pdbx_synchrotron_site       SSRL 
_diffrn_source.pdbx_synchrotron_beamline   BL9-1 
_diffrn_source.pdbx_wavelength             ? 
_diffrn_source.pdbx_wavelength_list        '0.91837, 0.97931, 0.97892' 
# 
_reflns.entry_id                     1O1X 
_reflns.observed_criterion_sigma_I   ? 
_reflns.observed_criterion_sigma_F   ? 
_reflns.d_resolution_low             29.788 
_reflns.d_resolution_high            1.900 
_reflns.number_obs                   15973 
_reflns.number_all                   ? 
_reflns.percent_possible_obs         99.1 
_reflns.pdbx_Rmerge_I_obs            ? 
_reflns.pdbx_Rsym_value              0.067 
_reflns.pdbx_netI_over_sigmaI        15.0000 
_reflns.B_iso_Wilson_estimate        ? 
_reflns.pdbx_redundancy              4.700 
_reflns.R_free_details               ? 
_reflns.limit_h_max                  ? 
_reflns.limit_h_min                  ? 
_reflns.limit_k_max                  ? 
_reflns.limit_k_min                  ? 
_reflns.limit_l_max                  ? 
_reflns.limit_l_min                  ? 
_reflns.observed_criterion_F_max     ? 
_reflns.observed_criterion_F_min     ? 
_reflns.pdbx_chi_squared             ? 
_reflns.pdbx_scaling_rejects         ? 
_reflns.pdbx_ordinal                 1 
_reflns.pdbx_diffrn_id               1 
# 
_reflns_shell.d_res_high             1.90 
_reflns_shell.d_res_low              1.95 
_reflns_shell.percent_possible_all   93.2 
_reflns_shell.Rmerge_I_obs           ? 
_reflns_shell.pdbx_Rsym_value        0.284 
_reflns_shell.meanI_over_sigI_obs    3.400 
_reflns_shell.pdbx_redundancy        2.40 
_reflns_shell.percent_possible_obs   ? 
_reflns_shell.number_unique_all      ? 
_reflns_shell.number_measured_all    ? 
_reflns_shell.number_measured_obs    ? 
_reflns_shell.number_unique_obs      ? 
_reflns_shell.pdbx_chi_squared       ? 
_reflns_shell.pdbx_ordinal           1 
_reflns_shell.pdbx_diffrn_id         1 
# 
_refine.entry_id                                 1O1X 
_refine.ls_number_reflns_obs                     15168 
_refine.ls_number_reflns_all                     ? 
_refine.pdbx_ls_sigma_I                          ? 
_refine.pdbx_ls_sigma_F                          0.000 
_refine.pdbx_data_cutoff_high_absF               ? 
_refine.pdbx_data_cutoff_low_absF                ? 
_refine.pdbx_data_cutoff_high_rms_absF           ? 
_refine.ls_d_res_low                             28.26 
_refine.ls_d_res_high                            1.90 
_refine.ls_percent_reflns_obs                    100.0 
_refine.ls_R_factor_obs                          0.118 
_refine.ls_R_factor_all                          ? 
_refine.ls_R_factor_R_work                       0.117 
_refine.ls_R_factor_R_free                       0.138 
_refine.ls_R_factor_R_free_error                 ? 
_refine.ls_R_factor_R_free_error_details         ? 
_refine.ls_percent_reflns_R_free                 5.000 
_refine.ls_number_reflns_R_free                  803 
_refine.ls_number_parameters                     ? 
_refine.ls_number_restraints                     ? 
_refine.occupancy_min                            ? 
_refine.occupancy_max                            ? 
_refine.correlation_coeff_Fo_to_Fc               0.978 
_refine.correlation_coeff_Fo_to_Fc_free          0.974 
_refine.B_iso_mean                               13.98 
_refine.aniso_B[1][1]                            1.40000 
_refine.aniso_B[2][2]                            -1.10000 
_refine.aniso_B[3][3]                            -0.30000 
_refine.aniso_B[1][2]                            0.00000 
_refine.aniso_B[1][3]                            0.00000 
_refine.aniso_B[2][3]                            0.00000 
_refine.solvent_model_details                    'BABINET MODEL WITH MASK' 
_refine.solvent_model_param_ksol                 ? 
_refine.solvent_model_param_bsol                 ? 
_refine.pdbx_solvent_vdw_probe_radii             1.40 
_refine.pdbx_solvent_ion_probe_radii             0.80 
_refine.pdbx_solvent_shrinkage_radii             0.80 
_refine.pdbx_ls_cross_valid_method               THROUGHOUT 
_refine.details                                  
;THERE IS WEAK DIFFERENCE DENSITY AT THE N-TERMINUS, APPARENTLY INDICATING AT LEAST ONE MORE HIS- TAG RESIDUE; IT WAS NOT MODELLED BECAUSE AT FULL OCCUPANCY, IT RESULTS IN A WORSE RFREE. SEVERAL LARGE BLOBS OF DIFFERENCE DENSITY THAT COULD NOT BE UNAMBIGUOUSLY IDENTIFIED, AND HAVE BEEN MODELLED AS CLOSELY-SPACED SOLVENT INSTEAD. THESE OCCUR NEAR THE FOLLOWING:A25, A51, A60, A82, A114, A127, A133. INITIAL REFINEMENT WAS PERFORMED USING CNS. REBUILDING WAS PERFORMED USING XFIT.
;
_refine.pdbx_starting_model                      ? 
_refine.pdbx_method_to_determine_struct          MAD 
_refine.pdbx_isotropic_thermal_model             isotropic 
_refine.pdbx_stereochemistry_target_values       'MAXIMUM LIKELIHOOD' 
_refine.pdbx_stereochem_target_val_spec_case     ? 
_refine.pdbx_R_Free_selection_details            random 
_refine.pdbx_overall_ESU_R                       0.086 
_refine.pdbx_overall_ESU_R_Free                  0.081 
_refine.overall_SU_ML                            0.062 
_refine.overall_SU_B                             4.442 
_refine.ls_redundancy_reflns_obs                 ? 
_refine.B_iso_min                                ? 
_refine.B_iso_max                                ? 
_refine.overall_SU_R_Cruickshank_DPI             ? 
_refine.overall_SU_R_free                        ? 
_refine.ls_wR_factor_R_free                      ? 
_refine.ls_wR_factor_R_work                      ? 
_refine.overall_FOM_free_R_set                   ? 
_refine.overall_FOM_work_R_set                   ? 
_refine.pdbx_refine_id                           'X-RAY DIFFRACTION' 
_refine.pdbx_TLS_residual_ADP_flag               'LIKELY RESIDUAL' 
_refine.pdbx_diffrn_id                           1 
_refine.pdbx_overall_phase_error                 ? 
_refine.pdbx_overall_SU_R_free_Cruickshank_DPI   ? 
_refine.pdbx_overall_SU_R_Blow_DPI               ? 
_refine.pdbx_overall_SU_R_free_Blow_DPI          ? 
# 
_refine_hist.pdbx_refine_id                   'X-RAY DIFFRACTION' 
_refine_hist.cycle_id                         LAST 
_refine_hist.pdbx_number_atoms_protein        1139 
_refine_hist.pdbx_number_atoms_nucleic_acid   0 
_refine_hist.pdbx_number_atoms_ligand         8 
_refine_hist.number_atoms_solvent             212 
_refine_hist.number_atoms_total               1359 
_refine_hist.d_res_high                       1.90 
_refine_hist.d_res_low                        28.26 
# 
loop_
_refine_ls_restr.type 
_refine_ls_restr.dev_ideal 
_refine_ls_restr.dev_ideal_target 
_refine_ls_restr.weight 
_refine_ls_restr.number 
_refine_ls_restr.pdbx_refine_id 
_refine_ls_restr.pdbx_restraint_function 
r_bond_refined_d         0.016  0.021  ? 1199 'X-RAY DIFFRACTION' ? 
r_bond_other_d           0.006  0.020  ? 1122 'X-RAY DIFFRACTION' ? 
r_angle_refined_deg      1.518  1.963  ? 1622 'X-RAY DIFFRACTION' ? 
r_angle_other_deg        0.934  3.000  ? 2603 'X-RAY DIFFRACTION' ? 
r_dihedral_angle_1_deg   5.529  5.000  ? 144  'X-RAY DIFFRACTION' ? 
r_dihedral_angle_2_deg   35.571 23.448 ? 58   'X-RAY DIFFRACTION' ? 
r_dihedral_angle_3_deg   11.572 15.000 ? 215  'X-RAY DIFFRACTION' ? 
r_dihedral_angle_4_deg   15.732 15.000 ? 10   'X-RAY DIFFRACTION' ? 
r_chiral_restr           0.100  0.200  ? 183  'X-RAY DIFFRACTION' ? 
r_gen_planes_refined     0.008  0.020  ? 1314 'X-RAY DIFFRACTION' ? 
r_gen_planes_other       0.001  0.020  ? 247  'X-RAY DIFFRACTION' ? 
r_nbd_refined            0.217  0.200  ? 220  'X-RAY DIFFRACTION' ? 
r_nbd_other              0.239  0.200  ? 1269 'X-RAY DIFFRACTION' ? 
r_nbtor_refined          ?      ?      ? ?    'X-RAY DIFFRACTION' ? 
r_nbtor_other            0.084  0.200  ? 702  'X-RAY DIFFRACTION' ? 
r_xyhbond_nbd_refined    0.240  0.200  ? 140  'X-RAY DIFFRACTION' ? 
r_xyhbond_nbd_other      ?      ?      ? ?    'X-RAY DIFFRACTION' ? 
r_metal_ion_refined      ?      ?      ? ?    'X-RAY DIFFRACTION' ? 
r_metal_ion_other        ?      ?      ? ?    'X-RAY DIFFRACTION' ? 
r_symmetry_vdw_refined   0.178  0.200  ? 11   'X-RAY DIFFRACTION' ? 
r_symmetry_vdw_other     0.308  0.200  ? 90   'X-RAY DIFFRACTION' ? 
r_symmetry_hbond_refined 0.259  0.200  ? 19   'X-RAY DIFFRACTION' ? 
r_symmetry_hbond_other   ?      ?      ? ?    'X-RAY DIFFRACTION' ? 
r_mcbond_it              0.772  1.500  ? 724  'X-RAY DIFFRACTION' ? 
r_mcangle_it             1.467  2.000  ? 1167 'X-RAY DIFFRACTION' ? 
r_scbond_it              2.562  3.000  ? 475  'X-RAY DIFFRACTION' ? 
r_scangle_it             4.246  4.500  ? 455  'X-RAY DIFFRACTION' ? 
r_rigid_bond_restr       ?      ?      ? ?    'X-RAY DIFFRACTION' ? 
r_sphericity_free        ?      ?      ? ?    'X-RAY DIFFRACTION' ? 
r_sphericity_bonded      ?      ?      ? ?    'X-RAY DIFFRACTION' ? 
# 
_refine_ls_shell.pdbx_total_number_of_bins_used   20 
_refine_ls_shell.d_res_high                       1.90 
_refine_ls_shell.d_res_low                        1.95 
_refine_ls_shell.number_reflns_R_work             1030 
_refine_ls_shell.R_factor_R_work                  0.213 
_refine_ls_shell.percent_reflns_obs               ? 
_refine_ls_shell.R_factor_R_free                  0.19 
_refine_ls_shell.R_factor_R_free_error            ? 
_refine_ls_shell.percent_reflns_R_free            ? 
_refine_ls_shell.number_reflns_R_free             60 
_refine_ls_shell.redundancy_reflns_obs            ? 
_refine_ls_shell.number_reflns_all                ? 
_refine_ls_shell.number_reflns_obs                ? 
_refine_ls_shell.pdbx_refine_id                   'X-RAY DIFFRACTION' 
_refine_ls_shell.R_factor_all                     ? 
# 
_struct.entry_id                  1O1X 
_struct.title                     
'Crystal structure of a ribose 5-phosphate isomerase rpib (tm1080) from thermotoga maritima at 1.90 A resolution' 
_struct.pdbx_model_details        ? 
_struct.pdbx_CASP_flag            ? 
_struct.pdbx_model_type_details   ? 
# 
_struct_keywords.text            
'Structural genomics, Joint Center for Structural Genomics, JCSG, Protein Structure Initiative, PSI, isomerase' 
_struct_keywords.entry_id        1O1X 
_struct_keywords.pdbx_keywords   ISOMERASE 
# 
loop_
_struct_asym.id 
_struct_asym.pdbx_blank_PDB_chainid_flag 
_struct_asym.pdbx_modified 
_struct_asym.entity_id 
_struct_asym.details 
A N N 1 ? 
B N N 2 ? 
C N N 3 ? 
# 
_struct_biol.id                    1 
_struct_biol.pdbx_parent_biol_id   ? 
_struct_biol.details               ? 
# 
loop_
_struct_conf.conf_type_id 
_struct_conf.id 
_struct_conf.pdbx_PDB_helix_id 
_struct_conf.beg_label_comp_id 
_struct_conf.beg_label_asym_id 
_struct_conf.beg_label_seq_id 
_struct_conf.pdbx_beg_PDB_ins_code 
_struct_conf.end_label_comp_id 
_struct_conf.end_label_asym_id 
_struct_conf.end_label_seq_id 
_struct_conf.pdbx_end_PDB_ins_code 
_struct_conf.beg_auth_comp_id 
_struct_conf.beg_auth_asym_id 
_struct_conf.beg_auth_seq_id 
_struct_conf.end_auth_comp_id 
_struct_conf.end_auth_asym_id 
_struct_conf.end_auth_seq_id 
_struct_conf.pdbx_PDB_helix_class 
_struct_conf.details 
_struct_conf.pdbx_PDB_helix_length 
HELX_P HELX_P1 1 ALA A 23  ? LYS A 37  ? ALA A 11  LYS A 25  1 ? 15 
HELX_P HELX_P2 2 ASP A 53  ? SER A 67  ? ASP A 41  SER A 55  1 ? 15 
HELX_P HELX_P3 3 GLY A 80  ? ASN A 88  ? GLY A 68  ASN A 76  1 ? 9  
HELX_P HELX_P4 4 PHE A 100 ? HIS A 110 ? PHE A 88  HIS A 98  1 ? 11 
HELX_P HELX_P5 5 GLY A 124 ? THR A 138 ? GLY A 112 THR A 126 1 ? 15 
HELX_P HELX_P6 6 ARG A 144 ? ASP A 153 ? ARG A 132 ASP A 141 1 ? 10 
# 
_struct_conf_type.id          HELX_P 
_struct_conf_type.criteria    ? 
_struct_conf_type.reference   ? 
# 
loop_
_struct_conn.id 
_struct_conn.conn_type_id 
_struct_conn.pdbx_leaving_atom_flag 
_struct_conn.pdbx_PDB_id 
_struct_conn.ptnr1_label_asym_id 
_struct_conn.ptnr1_label_comp_id 
_struct_conn.ptnr1_label_seq_id 
_struct_conn.ptnr1_label_atom_id 
_struct_conn.pdbx_ptnr1_label_alt_id 
_struct_conn.pdbx_ptnr1_PDB_ins_code 
_struct_conn.pdbx_ptnr1_standard_comp_id 
_struct_conn.ptnr1_symmetry 
_struct_conn.ptnr2_label_asym_id 
_struct_conn.ptnr2_label_comp_id 
_struct_conn.ptnr2_label_seq_id 
_struct_conn.ptnr2_label_atom_id 
_struct_conn.pdbx_ptnr2_label_alt_id 
_struct_conn.pdbx_ptnr2_PDB_ins_code 
_struct_conn.ptnr1_auth_asym_id 
_struct_conn.ptnr1_auth_comp_id 
_struct_conn.ptnr1_auth_seq_id 
_struct_conn.ptnr2_auth_asym_id 
_struct_conn.ptnr2_auth_comp_id 
_struct_conn.ptnr2_auth_seq_id 
_struct_conn.ptnr2_symmetry 
_struct_conn.pdbx_ptnr3_label_atom_id 
_struct_conn.pdbx_ptnr3_label_seq_id 
_struct_conn.pdbx_ptnr3_label_comp_id 
_struct_conn.pdbx_ptnr3_label_asym_id 
_struct_conn.pdbx_ptnr3_label_alt_id 
_struct_conn.pdbx_ptnr3_PDB_ins_code 
_struct_conn.details 
_struct_conn.pdbx_dist_value 
_struct_conn.pdbx_value_order 
_struct_conn.pdbx_role 
covale1 covale both ? A LEU 76  C ? ? ? 1_555 A OCS 77  N ? ? A LEU 64 A OCS 65 1_555 ? ? ? ? ? ? ? 1.326 ? ? 
covale2 covale both ? A OCS 77  C ? ? ? 1_555 A GLY 78  N ? ? A OCS 65 A GLY 66 1_555 ? ? ? ? ? ? ? 1.317 ? ? 
covale3 covale both ? A GLY 82  C ? ? ? 1_555 A MSE 83  N ? ? A GLY 70 A MSE 71 1_555 ? ? ? ? ? ? ? 1.325 ? ? 
covale4 covale both ? A MSE 83  C ? ? ? 1_555 A SER 84  N ? ? A MSE 71 A SER 72 1_555 ? ? ? ? ? ? ? 1.324 ? ? 
covale5 covale both ? A ASP 102 C ? ? ? 1_555 A MSE 103 N ? ? A ASP 90 A MSE 91 1_555 ? ? ? ? ? ? ? 1.331 ? ? 
covale6 covale both ? A MSE 103 C ? ? ? 1_555 A ALA 104 N ? ? A MSE 91 A ALA 92 1_555 ? ? ? ? ? ? ? 1.335 ? ? 
# 
_struct_conn_type.id          covale 
_struct_conn_type.criteria    ? 
_struct_conn_type.reference   ? 
# 
_struct_mon_prot_cis.pdbx_id                1 
_struct_mon_prot_cis.label_comp_id          GLY 
_struct_mon_prot_cis.label_seq_id           45 
_struct_mon_prot_cis.label_asym_id          A 
_struct_mon_prot_cis.label_alt_id           . 
_struct_mon_prot_cis.pdbx_PDB_ins_code      ? 
_struct_mon_prot_cis.auth_comp_id           GLY 
_struct_mon_prot_cis.auth_seq_id            33 
_struct_mon_prot_cis.auth_asym_id           A 
_struct_mon_prot_cis.pdbx_label_comp_id_2   THR 
_struct_mon_prot_cis.pdbx_label_seq_id_2    46 
_struct_mon_prot_cis.pdbx_label_asym_id_2   A 
_struct_mon_prot_cis.pdbx_PDB_ins_code_2    ? 
_struct_mon_prot_cis.pdbx_auth_comp_id_2    THR 
_struct_mon_prot_cis.pdbx_auth_seq_id_2     34 
_struct_mon_prot_cis.pdbx_auth_asym_id_2    A 
_struct_mon_prot_cis.pdbx_PDB_model_num     1 
_struct_mon_prot_cis.pdbx_omega_angle       -0.37 
# 
_struct_sheet.id               A 
_struct_sheet.type             ? 
_struct_sheet.number_strands   5 
_struct_sheet.details          ? 
# 
loop_
_struct_sheet_order.sheet_id 
_struct_sheet_order.range_id_1 
_struct_sheet_order.range_id_2 
_struct_sheet_order.offset 
_struct_sheet_order.sense 
A 1 2 ? parallel 
A 2 3 ? parallel 
A 3 4 ? parallel 
A 4 5 ? parallel 
# 
loop_
_struct_sheet_range.sheet_id 
_struct_sheet_range.id 
_struct_sheet_range.beg_label_comp_id 
_struct_sheet_range.beg_label_asym_id 
_struct_sheet_range.beg_label_seq_id 
_struct_sheet_range.pdbx_beg_PDB_ins_code 
_struct_sheet_range.end_label_comp_id 
_struct_sheet_range.end_label_asym_id 
_struct_sheet_range.end_label_seq_id 
_struct_sheet_range.pdbx_end_PDB_ins_code 
_struct_sheet_range.beg_auth_comp_id 
_struct_sheet_range.beg_auth_asym_id 
_struct_sheet_range.beg_auth_seq_id 
_struct_sheet_range.end_auth_comp_id 
_struct_sheet_range.end_auth_asym_id 
_struct_sheet_range.end_auth_seq_id 
A 1 GLU A 40  ? ASP A 43  ? GLU A 28  ASP A 31  
A 2 LYS A 14  ? SER A 19  ? LYS A 2   SER A 7   
A 3 PHE A 72  ? OCS A 77  ? PHE A 60  OCS A 65  
A 4 ILE A 115 ? PRO A 119 ? ILE A 103 PRO A 107 
A 5 ALA A 95  ? LEU A 97  ? ALA A 83  LEU A 85  
# 
loop_
_pdbx_struct_sheet_hbond.sheet_id 
_pdbx_struct_sheet_hbond.range_id_1 
_pdbx_struct_sheet_hbond.range_id_2 
_pdbx_struct_sheet_hbond.range_1_label_atom_id 
_pdbx_struct_sheet_hbond.range_1_label_comp_id 
_pdbx_struct_sheet_hbond.range_1_label_asym_id 
_pdbx_struct_sheet_hbond.range_1_label_seq_id 
_pdbx_struct_sheet_hbond.range_1_PDB_ins_code 
_pdbx_struct_sheet_hbond.range_1_auth_atom_id 
_pdbx_struct_sheet_hbond.range_1_auth_comp_id 
_pdbx_struct_sheet_hbond.range_1_auth_asym_id 
_pdbx_struct_sheet_hbond.range_1_auth_seq_id 
_pdbx_struct_sheet_hbond.range_2_label_atom_id 
_pdbx_struct_sheet_hbond.range_2_label_comp_id 
_pdbx_struct_sheet_hbond.range_2_label_asym_id 
_pdbx_struct_sheet_hbond.range_2_label_seq_id 
_pdbx_struct_sheet_hbond.range_2_PDB_ins_code 
_pdbx_struct_sheet_hbond.range_2_auth_atom_id 
_pdbx_struct_sheet_hbond.range_2_auth_comp_id 
_pdbx_struct_sheet_hbond.range_2_auth_asym_id 
_pdbx_struct_sheet_hbond.range_2_auth_seq_id 
A 1 2 O GLU A 42  ? O GLU A 30  N ILE A 15  ? N ILE A 3   
A 2 3 N ALA A 16  ? N ALA A 4   O ILE A 74  ? O ILE A 62  
A 3 4 N GLY A 73  ? N GLY A 61  O LEU A 116 ? O LEU A 104 
A 4 5 O ILE A 115 ? O ILE A 103 N ALA A 96  ? N ALA A 84  
# 
_struct_site.id                   AC1 
_struct_site.pdbx_evidence_code   Software 
_struct_site.pdbx_auth_asym_id    A 
_struct_site.pdbx_auth_comp_id    MPD 
_struct_site.pdbx_auth_seq_id     301 
_struct_site.pdbx_auth_ins_code   ? 
_struct_site.pdbx_num_residues    4 
_struct_site.details              'BINDING SITE FOR RESIDUE MPD A 301' 
# 
loop_
_struct_site_gen.id 
_struct_site_gen.site_id 
_struct_site_gen.pdbx_num_res 
_struct_site_gen.label_comp_id 
_struct_site_gen.label_asym_id 
_struct_site_gen.label_seq_id 
_struct_site_gen.pdbx_auth_ins_code 
_struct_site_gen.auth_comp_id 
_struct_site_gen.auth_asym_id 
_struct_site_gen.auth_seq_id 
_struct_site_gen.label_atom_id 
_struct_site_gen.label_alt_id 
_struct_site_gen.symmetry 
_struct_site_gen.details 
1 AC1 4 LEU A 99  ? LEU A 87  . ? 1_555 ? 
2 AC1 4 PHE A 100 ? PHE A 88  . ? 3_656 ? 
3 AC1 4 PHE A 100 ? PHE A 88  . ? 1_555 ? 
4 AC1 4 ILE A 123 ? ILE A 111 . ? 4_556 ? 
# 
_atom_sites.entry_id                    1O1X 
_atom_sites.fract_transf_matrix[1][1]   0.01608008 
_atom_sites.fract_transf_matrix[1][2]   0.00143077 
_atom_sites.fract_transf_matrix[1][3]   0.00196704 
_atom_sites.fract_transf_matrix[2][1]   -0.00124725 
_atom_sites.fract_transf_matrix[2][2]   0.01347053 
_atom_sites.fract_transf_matrix[2][3]   0.00039782 
_atom_sites.fract_transf_matrix[3][1]   -0.00134255 
_atom_sites.fract_transf_matrix[3][2]   -0.00045827 
_atom_sites.fract_transf_matrix[3][3]   0.01130837 
_atom_sites.fract_transf_vector[1]      0.365312 
_atom_sites.fract_transf_vector[2]      0.096478 
_atom_sites.fract_transf_vector[3]      0.329844 
# 
loop_
_atom_type.symbol 
C  
N  
O  
S  
SE 
# 
loop_
_atom_site.group_PDB 
_atom_site.id 
_atom_site.type_symbol 
_atom_site.label_atom_id 
_atom_site.label_alt_id 
_atom_site.label_comp_id 
_atom_site.label_asym_id 
_atom_site.label_entity_id 
_atom_site.label_seq_id 
_atom_site.pdbx_PDB_ins_code 
_atom_site.Cartn_x 
_atom_site.Cartn_y 
_atom_site.Cartn_z 
_atom_site.occupancy 
_atom_site.B_iso_or_equiv 
_atom_site.pdbx_formal_charge 
_atom_site.auth_seq_id 
_atom_site.auth_comp_id 
_atom_site.auth_asym_id 
_atom_site.auth_atom_id 
_atom_site.pdbx_PDB_model_num 
ATOM   1    N  N   . HIS A 1 11  ? -7.464  15.683  3.763   1.00 24.39 ? -1  HIS A N   1 
ATOM   2    C  CA  . HIS A 1 11  ? -8.217  14.517  3.180   1.00 23.92 ? -1  HIS A CA  1 
ATOM   3    C  C   . HIS A 1 11  ? -8.192  14.463  1.633   1.00 22.83 ? -1  HIS A C   1 
ATOM   4    O  O   . HIS A 1 11  ? -8.761  13.493  1.047   1.00 21.66 ? -1  HIS A O   1 
ATOM   5    C  CB  . HIS A 1 11  ? -9.681  14.439  3.694   1.00 24.28 ? -1  HIS A CB  1 
ATOM   6    C  CG  . HIS A 1 11  ? -10.540 15.589  3.264   1.00 27.53 ? -1  HIS A CG  1 
ATOM   7    N  ND1 . HIS A 1 11  ? -10.512 16.819  3.894   1.00 31.75 ? -1  HIS A ND1 1 
ATOM   8    C  CD2 . HIS A 1 11  ? -11.422 15.712  2.242   1.00 28.52 ? -1  HIS A CD2 1 
ATOM   9    C  CE1 . HIS A 1 11  ? -11.356 17.643  3.291   1.00 31.54 ? -1  HIS A CE1 1 
ATOM   10   N  NE2 . HIS A 1 11  ? -11.927 16.993  2.290   1.00 30.20 ? -1  HIS A NE2 1 
ATOM   11   N  N   . HIS A 1 12  ? -7.544  15.446  0.974   1.00 19.91 ? 0   HIS A N   1 
ATOM   12   C  CA  . HIS A 1 12  ? -7.431  15.391  -0.486  1.00 19.00 ? 0   HIS A CA  1 
ATOM   13   C  C   . HIS A 1 12  ? -6.245  14.537  -0.910  1.00 18.60 ? 0   HIS A C   1 
ATOM   14   O  O   . HIS A 1 12  ? -5.193  15.011  -1.323  1.00 19.17 ? 0   HIS A O   1 
ATOM   15   C  CB  . HIS A 1 12  ? -7.426  16.754  -1.104  1.00 19.08 ? 0   HIS A CB  1 
ATOM   16   C  CG  . HIS A 1 12  ? -8.712  17.483  -0.862  1.00 19.34 ? 0   HIS A CG  1 
ATOM   17   N  ND1 . HIS A 1 12  ? -8.765  18.723  -0.261  1.00 20.99 ? 0   HIS A ND1 1 
ATOM   18   C  CD2 . HIS A 1 12  ? -9.995  17.116  -1.092  1.00 18.44 ? 0   HIS A CD2 1 
ATOM   19   C  CE1 . HIS A 1 12  ? -10.027 19.098  -0.161  1.00 18.58 ? 0   HIS A CE1 1 
ATOM   20   N  NE2 . HIS A 1 12  ? -10.794 18.139  -0.646  1.00 17.97 ? 0   HIS A NE2 1 
ATOM   21   N  N   . VAL A 1 13  ? -6.427  13.249  -0.700  1.00 16.73 ? 1   VAL A N   1 
ATOM   22   C  CA  . VAL A 1 13  ? -5.516  12.236  -1.154  1.00 15.75 ? 1   VAL A CA  1 
ATOM   23   C  C   . VAL A 1 13  ? -6.397  11.082  -1.645  1.00 14.26 ? 1   VAL A C   1 
ATOM   24   O  O   . VAL A 1 13  ? -7.477  10.852  -1.093  1.00 14.09 ? 1   VAL A O   1 
ATOM   25   C  CB  . VAL A 1 13  ? -4.520  11.869  -0.028  1.00 16.91 ? 1   VAL A CB  1 
ATOM   26   C  CG1 . VAL A 1 13  ? -5.247  11.251  1.112   1.00 18.16 ? 1   VAL A CG1 1 
ATOM   27   C  CG2 . VAL A 1 13  ? -3.438  10.964  -0.557  1.00 14.56 ? 1   VAL A CG2 1 
ATOM   28   N  N   . LYS A 1 14  ? -6.025  10.490  -2.774  1.00 13.01 ? 2   LYS A N   1 
ATOM   29   C  CA  . LYS A 1 14  ? -6.805  9.387   -3.358  1.00 12.41 ? 2   LYS A CA  1 
ATOM   30   C  C   . LYS A 1 14  ? -6.033  8.069   -3.202  1.00 12.43 ? 2   LYS A C   1 
ATOM   31   O  O   . LYS A 1 14  ? -4.872  7.964   -3.635  1.00 11.34 ? 2   LYS A O   1 
ATOM   32   C  CB  . LYS A 1 14  ? -7.141  9.630   -4.823  1.00 11.81 ? 2   LYS A CB  1 
ATOM   33   C  CG  . LYS A 1 14  ? -8.057  8.505   -5.429  1.00 13.55 ? 2   LYS A CG  1 
ATOM   34   C  CD  . LYS A 1 14  ? -8.529  8.832   -6.827  1.00 14.21 ? 2   LYS A CD  1 
ATOM   35   C  CE  . LYS A 1 14  ? -9.339  7.728   -7.523  1.00 13.80 ? 2   LYS A CE  1 
ATOM   36   N  NZ  . LYS A 1 14  ? -10.228 8.403   -8.572  1.00 17.78 ? 2   LYS A NZ  1 
ATOM   37   N  N   . ILE A 1 15  ? -6.699  7.069   -2.616  1.00 11.62 ? 3   ILE A N   1 
ATOM   38   C  CA  . ILE A 1 15  ? -6.096  5.772   -2.344  1.00 12.19 ? 3   ILE A CA  1 
ATOM   39   C  C   . ILE A 1 15  ? -6.741  4.691   -3.219  1.00 11.54 ? 3   ILE A C   1 
ATOM   40   O  O   . ILE A 1 15  ? -7.955  4.633   -3.314  1.00 11.47 ? 3   ILE A O   1 
ATOM   41   C  CB  . ILE A 1 15  ? -6.329  5.390   -0.866  1.00 13.38 ? 3   ILE A CB  1 
ATOM   42   C  CG1 . ILE A 1 15  ? -5.767  6.464   0.096   1.00 16.98 ? 3   ILE A CG1 1 
ATOM   43   C  CG2 . ILE A 1 15  ? -5.802  3.985   -0.564  1.00 14.68 ? 3   ILE A CG2 1 
ATOM   44   C  CD1 . ILE A 1 15  ? -4.381  6.907   -0.040  1.00 18.11 ? 3   ILE A CD1 1 
ATOM   45   N  N   . ALA A 1 16  ? -5.911  3.860   -3.845  1.00 10.87 ? 4   ALA A N   1 
ATOM   46   C  CA  . ALA A 1 16  ? -6.336  2.641   -4.521  1.00 10.68 ? 4   ALA A CA  1 
ATOM   47   C  C   . ALA A 1 16  ? -5.985  1.467   -3.588  1.00 10.68 ? 4   ALA A C   1 
ATOM   48   O  O   . ALA A 1 16  ? -4.842  1.320   -3.186  1.00 10.39 ? 4   ALA A O   1 
ATOM   49   C  CB  . ALA A 1 16  ? -5.611  2.494   -5.800  1.00 11.24 ? 4   ALA A CB  1 
ATOM   50   N  N   . ILE A 1 17  ? -6.963  0.647   -3.237  1.00 9.81  ? 5   ILE A N   1 
ATOM   51   C  CA  . ILE A 1 17  ? -6.753  -0.428  -2.294  1.00 9.71  ? 5   ILE A CA  1 
ATOM   52   C  C   . ILE A 1 17  ? -7.174  -1.751  -2.925  1.00 10.08 ? 5   ILE A C   1 
ATOM   53   O  O   . ILE A 1 17  ? -8.089  -1.804  -3.748  1.00 10.86 ? 5   ILE A O   1 
ATOM   54   C  CB  . ILE A 1 17  ? -7.492  -0.140  -0.968  1.00 9.91  ? 5   ILE A CB  1 
ATOM   55   C  CG1 . ILE A 1 17  ? -7.116  -1.137  0.139   1.00 11.48 ? 5   ILE A CG1 1 
ATOM   56   C  CG2 . ILE A 1 17  ? -9.042  -0.131  -1.155  1.00 10.69 ? 5   ILE A CG2 1 
ATOM   57   C  CD1 . ILE A 1 17  ? -7.498  -0.642  1.546   1.00 11.59 ? 5   ILE A CD1 1 
ATOM   58   N  N   . ALA A 1 18  ? -6.488  -2.811  -2.524  1.00 10.10 ? 6   ALA A N   1 
ATOM   59   C  CA  . ALA A 1 18  ? -6.827  -4.158  -2.932  1.00 10.46 ? 6   ALA A CA  1 
ATOM   60   C  C   . ALA A 1 18  ? -6.233  -5.182  -1.971  1.00 10.74 ? 6   ALA A C   1 
ATOM   61   O  O   . ALA A 1 18  ? -5.238  -4.935  -1.298  1.00 12.60 ? 6   ALA A O   1 
ATOM   62   C  CB  . ALA A 1 18  ? -6.368  -4.435  -4.352  1.00 10.23 ? 6   ALA A CB  1 
ATOM   63   N  N   . SER A 1 19  ? -6.861  -6.342  -1.947  1.00 11.41 ? 7   SER A N   1 
ATOM   64   C  CA  . SER A 1 19  ? -6.411  -7.483  -1.159  1.00 11.41 ? 7   SER A CA  1 
ATOM   65   C  C   . SER A 1 19  ? -6.796  -8.811  -1.811  1.00 11.39 ? 7   SER A C   1 
ATOM   66   O  O   . SER A 1 19  ? -7.687  -8.872  -2.661  1.00 10.03 ? 7   SER A O   1 
ATOM   67   C  CB  . SER A 1 19  ? -7.028  -7.430  0.222   1.00 11.59 ? 7   SER A CB  1 
ATOM   68   O  OG  . SER A 1 19  ? -8.385  -7.837  0.216   1.00 12.03 ? 7   SER A OG  1 
ATOM   69   N  N   . ASP A 1 20  ? -6.161  -9.887  -1.352  1.00 11.39 ? 8   ASP A N   1 
ATOM   70   C  CA  . ASP A 1 20  ? -6.696  -11.202 -1.638  1.00 11.20 ? 8   ASP A CA  1 
ATOM   71   C  C   . ASP A 1 20  ? -7.731  -11.559 -0.578  1.00 11.12 ? 8   ASP A C   1 
ATOM   72   O  O   . ASP A 1 20  ? -8.134  -10.713 0.235   1.00 10.82 ? 8   ASP A O   1 
ATOM   73   C  CB  . ASP A 1 20  ? -5.564  -12.230 -1.824  1.00 12.13 ? 8   ASP A CB  1 
ATOM   74   C  CG  . ASP A 1 20  ? -4.846  -12.594 -0.535  1.00 13.59 ? 8   ASP A CG  1 
ATOM   75   O  OD1 . ASP A 1 20  ? -5.140  -11.958 0.525   1.00 13.93 ? 8   ASP A OD1 1 
ATOM   76   O  OD2 . ASP A 1 20  ? -4.002  -13.552 -0.518  1.00 14.49 ? 8   ASP A OD2 1 
ATOM   77   N  N   . HIS A 1 21  ? -8.240  -12.778 -0.629  1.00 11.54 ? 9   HIS A N   1 
ATOM   78   C  CA  . HIS A 1 21  ? -9.233  -13.239 0.320   1.00 12.05 ? 9   HIS A CA  1 
ATOM   79   C  C   . HIS A 1 21  ? -8.740  -13.309 1.775   1.00 13.23 ? 9   HIS A C   1 
ATOM   80   O  O   . HIS A 1 21  ? -9.539  -13.113 2.691   1.00 13.13 ? 9   HIS A O   1 
ATOM   81   C  CB  . HIS A 1 21  ? -9.745  -14.620 -0.115  1.00 12.67 ? 9   HIS A CB  1 
ATOM   82   C  CG  . HIS A 1 21  ? -8.659  -15.645 -0.260  1.00 13.96 ? 9   HIS A CG  1 
ATOM   83   N  ND1 . HIS A 1 21  ? -7.665  -15.558 -1.216  1.00 13.43 ? 9   HIS A ND1 1 
ATOM   84   C  CD2 . HIS A 1 21  ? -8.397  -16.767 0.454   1.00 16.43 ? 9   HIS A CD2 1 
ATOM   85   C  CE1 . HIS A 1 21  ? -6.833  -16.572 -1.075  1.00 15.93 ? 9   HIS A CE1 1 
ATOM   86   N  NE2 . HIS A 1 21  ? -7.271  -17.336 -0.087  1.00 17.18 ? 9   HIS A NE2 1 
ATOM   87   N  N   . ALA A 1 22  ? -7.472  -13.666 1.978   1.00 12.88 ? 10  ALA A N   1 
ATOM   88   C  CA  . ALA A 1 22  ? -6.898  -13.808 3.330   1.00 14.65 ? 10  ALA A CA  1 
ATOM   89   C  C   . ALA A 1 22  ? -6.869  -12.458 4.104   1.00 14.90 ? 10  ALA A C   1 
ATOM   90   O  O   . ALA A 1 22  ? -7.022  -12.445 5.315   1.00 16.58 ? 10  ALA A O   1 
ATOM   91   C  CB  . ALA A 1 22  ? -5.503  -14.345 3.269   1.00 14.28 ? 10  ALA A CB  1 
ATOM   92   N  N   . ALA A 1 23  ? -6.714  -11.350 3.400   1.00 12.64 ? 11  ALA A N   1 
ATOM   93   C  CA  . ALA A 1 23  ? -6.669  -10.058 4.056   1.00 12.79 ? 11  ALA A CA  1 
ATOM   94   C  C   . ALA A 1 23  ? -7.912  -9.223  3.767   1.00 12.01 ? 11  ALA A C   1 
ATOM   95   O  O   . ALA A 1 23  ? -7.888  -8.036  4.040   1.00 11.26 ? 11  ALA A O   1 
ATOM   96   C  CB  . ALA A 1 23  ? -5.421  -9.293  3.646   1.00 12.12 ? 11  ALA A CB  1 
ATOM   97   N  N   . PHE A 1 24  ? -8.989  -9.856  3.279   1.00 12.61 ? 12  PHE A N   1 
ATOM   98   C  CA  . PHE A 1 24  ? -10.230 -9.153  2.969   1.00 12.37 ? 12  PHE A CA  1 
ATOM   99   C  C   . PHE A 1 24  ? -10.774 -8.386  4.178   1.00 12.51 ? 12  PHE A C   1 
ATOM   100  O  O   . PHE A 1 24  ? -11.231 -7.260  4.058   1.00 10.70 ? 12  PHE A O   1 
ATOM   101  C  CB  . PHE A 1 24  ? -11.325 -10.134 2.456   1.00 13.29 ? 12  PHE A CB  1 
ATOM   102  C  CG  . PHE A 1 24  ? -12.686 -9.482  2.209   1.00 13.15 ? 12  PHE A CG  1 
ATOM   103  C  CD1 . PHE A 1 24  ? -12.894 -8.660  1.114   1.00 14.65 ? 12  PHE A CD1 1 
ATOM   104  C  CD2 . PHE A 1 24  ? -13.739 -9.687  3.071   1.00 15.18 ? 12  PHE A CD2 1 
ATOM   105  C  CE1 . PHE A 1 24  ? -14.121 -8.049  0.909   1.00 15.25 ? 12  PHE A CE1 1 
ATOM   106  C  CE2 . PHE A 1 24  ? -14.954 -9.086  2.851   1.00 16.72 ? 12  PHE A CE2 1 
ATOM   107  C  CZ  . PHE A 1 24  ? -15.136 -8.260  1.774   1.00 15.03 ? 12  PHE A CZ  1 
ATOM   108  N  N   . GLU A 1 25  ? -10.779 -9.009  5.343   1.00 12.87 ? 13  GLU A N   1 
ATOM   109  C  CA  . GLU A 1 25  ? -11.362 -8.383  6.521   1.00 13.95 ? 13  GLU A CA  1 
ATOM   110  C  C   . GLU A 1 25  ? -10.642 -7.114  6.908   1.00 12.39 ? 13  GLU A C   1 
ATOM   111  O  O   . GLU A 1 25  ? -11.277 -6.078  7.153   1.00 12.27 ? 13  GLU A O   1 
ATOM   112  C  CB  . GLU A 1 25  ? -11.370 -9.359  7.676   1.00 15.65 ? 13  GLU A CB  1 
ATOM   113  C  CG  . GLU A 1 25  ? -12.029 -8.847  8.946   1.00 21.55 ? 13  GLU A CG  1 
ATOM   114  C  CD  . GLU A 1 25  ? -11.775 -9.810  10.113  1.00 29.95 ? 13  GLU A CD  1 
ATOM   115  O  OE1 . GLU A 1 25  ? -12.214 -10.968 10.020  1.00 29.90 ? 13  GLU A OE1 1 
ATOM   116  O  OE2 . GLU A 1 25  ? -11.052 -9.416  11.071  1.00 38.34 ? 13  GLU A OE2 1 
ATOM   117  N  N   . LEU A 1 26  ? -9.319  -7.156  6.914   1.00 12.02 ? 14  LEU A N   1 
ATOM   118  C  CA  . LEU A 1 26  ? -8.553  -5.980  7.285   1.00 12.15 ? 14  LEU A CA  1 
ATOM   119  C  C   . LEU A 1 26  ? -8.693  -4.925  6.186   1.00 11.91 ? 14  LEU A C   1 
ATOM   120  O  O   . LEU A 1 26  ? -8.745  -3.742  6.483   1.00 11.63 ? 14  LEU A O   1 
ATOM   121  C  CB  . LEU A 1 26  ? -7.100  -6.302  7.573   1.00 11.74 ? 14  LEU A CB  1 
ATOM   122  C  CG  . LEU A 1 26  ? -6.237  -5.121  8.039   1.00 13.55 ? 14  LEU A CG  1 
ATOM   123  C  CD1 . LEU A 1 26  ? -6.733  -4.504  9.299   1.00 14.04 ? 14  LEU A CD1 1 
ATOM   124  C  CD2 . LEU A 1 26  ? -4.794  -5.499  8.201   1.00 15.23 ? 14  LEU A CD2 1 
ATOM   125  N  N   . LYS A 1 27  ? -8.725  -5.356  4.920   1.00 11.62 ? 15  LYS A N   1 
ATOM   126  C  CA  . LYS A 1 27  ? -8.862  -4.435  3.785   1.00 11.67 ? 15  LYS A CA  1 
ATOM   127  C  C   . LYS A 1 27  ? -10.149 -3.610  3.952   1.00 11.67 ? 15  LYS A C   1 
ATOM   128  O  O   . LYS A 1 27  ? -10.151 -2.426  3.777   1.00 11.53 ? 15  LYS A O   1 
ATOM   129  C  CB  . LYS A 1 27  ? -8.877  -5.205  2.459   1.00 12.49 ? 15  LYS A CB  1 
ATOM   130  C  CG  . LYS A 1 27  ? -8.957  -4.318  1.200   1.00 11.57 ? 15  LYS A CG  1 
ATOM   131  C  CD  . LYS A 1 27  ? -10.333 -4.103  0.652   1.00 13.17 ? 15  LYS A CD  1 
ATOM   132  C  CE  . LYS A 1 27  ? -10.786 -5.305  -0.185  1.00 13.95 ? 15  LYS A CE  1 
ATOM   133  N  NZ  . LYS A 1 27  ? -12.221 -5.153  -0.601  1.00 13.05 ? 15  LYS A NZ  1 
ATOM   134  N  N   . GLU A 1 28  ? -11.245 -4.280  4.276   1.00 11.49 ? 16  GLU A N   1 
ATOM   135  C  CA  . GLU A 1 28  ? -12.513 -3.639  4.534   1.00 11.87 ? 16  GLU A CA  1 
ATOM   136  C  C   . GLU A 1 28  ? -12.455 -2.634  5.689   1.00 11.67 ? 16  GLU A C   1 
ATOM   137  O  O   . GLU A 1 28  ? -12.991 -1.525  5.584   1.00 11.16 ? 16  GLU A O   1 
ATOM   138  C  CB  . GLU A 1 28  ? -13.571 -4.711  4.807   1.00 12.69 ? 16  GLU A CB  1 
ATOM   139  C  CG  . GLU A 1 28  ? -13.912 -5.563  3.574   1.00 14.21 ? 16  GLU A CG  1 
ATOM   140  C  CD  . GLU A 1 28  ? -14.624 -4.747  2.500   1.00 18.85 ? 16  GLU A CD  1 
ATOM   141  O  OE1 . GLU A 1 28  ? -15.764 -4.315  2.760   1.00 23.81 ? 16  GLU A OE1 1 
ATOM   142  O  OE2 . GLU A 1 28  ? -14.028 -4.503  1.416   1.00 19.69 ? 16  GLU A OE2 1 
ATOM   143  N  N   . LYS A 1 29  ? -11.805 -3.012  6.793   1.00 11.56 ? 17  LYS A N   1 
ATOM   144  C  CA  . LYS A 1 29  ? -11.658 -2.114  7.926   1.00 11.58 ? 17  LYS A CA  1 
ATOM   145  C  C   . LYS A 1 29  ? -10.820 -0.882  7.581   1.00 11.03 ? 17  LYS A C   1 
ATOM   146  O  O   . LYS A 1 29  ? -11.170 0.217   7.936   1.00 11.61 ? 17  LYS A O   1 
ATOM   147  C  CB  . LYS A 1 29  ? -11.061 -2.870  9.102   1.00 11.96 ? 17  LYS A CB  1 
ATOM   148  C  CG  . LYS A 1 29  ? -12.040 -3.881  9.685   1.00 13.37 ? 17  LYS A CG  1 
ATOM   149  C  CD  . LYS A 1 29  ? -11.406 -4.700  10.763  1.00 16.75 ? 17  LYS A CD  1 
ATOM   150  C  CE  . LYS A 1 29  ? -12.475 -5.524  11.489  1.00 19.33 ? 17  LYS A CE  1 
ATOM   151  N  NZ  . LYS A 1 29  ? -11.820 -6.592  12.301  1.00 26.24 ? 17  LYS A NZ  1 
ATOM   152  N  N   . VAL A 1 30  ? -9.754  -1.068  6.843   1.00 10.63 ? 18  VAL A N   1 
ATOM   153  C  CA  . VAL A 1 30  ? -8.890  0.033   6.415   1.00 10.66 ? 18  VAL A CA  1 
ATOM   154  C  C   . VAL A 1 30  ? -9.621  0.962   5.450   1.00 11.25 ? 18  VAL A C   1 
ATOM   155  O  O   . VAL A 1 30  ? -9.565  2.187   5.562   1.00 10.88 ? 18  VAL A O   1 
ATOM   156  C  CB  . VAL A 1 30  ? -7.576  -0.490  5.820   1.00 10.79 ? 18  VAL A CB  1 
ATOM   157  C  CG1 . VAL A 1 30  ? -6.822  0.609   5.121   1.00 11.02 ? 18  VAL A CG1 1 
ATOM   158  C  CG2 . VAL A 1 30  ? -6.694  -1.096  6.947   1.00 11.83 ? 18  VAL A CG2 1 
ATOM   159  N  N   . LYS A 1 31  ? -10.319 0.378   4.496   1.00 11.73 ? 19  LYS A N   1 
ATOM   160  C  CA  . LYS A 1 31  ? -11.163 1.144   3.592   1.00 12.16 ? 19  LYS A CA  1 
ATOM   161  C  C   . LYS A 1 31  ? -12.168 1.992   4.331   1.00 11.90 ? 19  LYS A C   1 
ATOM   162  O  O   . LYS A 1 31  ? -12.255 3.181   4.076   1.00 11.19 ? 19  LYS A O   1 
ATOM   163  C  CB  . LYS A 1 31  ? -11.886 0.238   2.639   1.00 12.21 ? 19  LYS A CB  1 
ATOM   164  C  CG  . LYS A 1 31  ? -12.854 0.970   1.730   1.00 15.10 ? 19  LYS A CG  1 
ATOM   165  C  CD  . LYS A 1 31  ? -13.421 0.056   0.693   1.00 16.97 ? 19  LYS A CD  1 
ATOM   166  C  CE  . LYS A 1 31  ? -14.467 -0.841  1.228   1.00 18.27 ? 19  LYS A CE  1 
ATOM   167  N  NZ  . LYS A 1 31  ? -15.129 -1.358  0.006   1.00 22.16 ? 19  LYS A NZ  1 
ATOM   168  N  N   . ASN A 1 32  ? -12.895 1.392   5.265   1.00 12.10 ? 20  ASN A N   1 
ATOM   169  C  CA  . ASN A 1 32  ? -13.906 2.125   6.020   1.00 11.85 ? 20  ASN A CA  1 
ATOM   170  C  C   . ASN A 1 32  ? -13.321 3.197   6.916   1.00 11.11 ? 20  ASN A C   1 
ATOM   171  O  O   . ASN A 1 32  ? -13.908 4.232   7.103   1.00 10.44 ? 20  ASN A O   1 
ATOM   172  C  CB  . ASN A 1 32  ? -14.744 1.151   6.805   1.00 12.41 ? 20  ASN A CB  1 
ATOM   173  C  CG  . ASN A 1 32  ? -15.604 0.272   5.909   1.00 15.77 ? 20  ASN A CG  1 
ATOM   174  O  OD1 . ASN A 1 32  ? -15.857 0.602   4.751   1.00 18.72 ? 20  ASN A OD1 1 
ATOM   175  N  ND2 . ASN A 1 32  ? -16.026 -0.878  6.436   1.00 19.44 ? 20  ASN A ND2 1 
ATOM   176  N  N   . TYR A 1 33  ? -12.141 2.959   7.439   1.00 10.80 ? 21  TYR A N   1 
ATOM   177  C  CA  . TYR A 1 33  ? -11.419 3.945   8.233   1.00 10.88 ? 21  TYR A CA  1 
ATOM   178  C  C   . TYR A 1 33  ? -11.110 5.171   7.392   1.00 11.10 ? 21  TYR A C   1 
ATOM   179  O  O   . TYR A 1 33  ? -11.383 6.310   7.805   1.00 12.03 ? 21  TYR A O   1 
ATOM   180  C  CB  . TYR A 1 33  ? -10.147 3.335   8.825   1.00 10.07 ? 21  TYR A CB  1 
ATOM   181  C  CG  . TYR A 1 33  ? -9.258  4.309   9.573   1.00 11.25 ? 21  TYR A CG  1 
ATOM   182  C  CD1 . TYR A 1 33  ? -9.642  4.815   10.807  1.00 12.48 ? 21  TYR A CD1 1 
ATOM   183  C  CD2 . TYR A 1 33  ? -8.024  4.709   9.048   1.00 13.38 ? 21  TYR A CD2 1 
ATOM   184  C  CE1 . TYR A 1 33  ? -8.829  5.700   11.506  1.00 14.89 ? 21  TYR A CE1 1 
ATOM   185  C  CE2 . TYR A 1 33  ? -7.195  5.609   9.741   1.00 14.78 ? 21  TYR A CE2 1 
ATOM   186  C  CZ  . TYR A 1 33  ? -7.615  6.086   10.969  1.00 15.43 ? 21  TYR A CZ  1 
ATOM   187  O  OH  . TYR A 1 33  ? -6.853  6.952   11.689  1.00 18.16 ? 21  TYR A OH  1 
ATOM   188  N  N   . LEU A 1 34  ? -10.601 4.938   6.189   1.00 10.78 ? 22  LEU A N   1 
ATOM   189  C  CA  . LEU A 1 34  ? -10.299 6.010   5.258   1.00 11.37 ? 22  LEU A CA  1 
ATOM   190  C  C   . LEU A 1 34  ? -11.545 6.761   4.829   1.00 11.25 ? 22  LEU A C   1 
ATOM   191  O  O   . LEU A 1 34  ? -11.556 8.011   4.826   1.00 11.81 ? 22  LEU A O   1 
ATOM   192  C  CB  . LEU A 1 34  ? -9.535  5.465   4.036   1.00 11.28 ? 22  LEU A CB  1 
ATOM   193  C  CG  . LEU A 1 34  ? -8.153  4.933   4.410   1.00 11.86 ? 22  LEU A CG  1 
ATOM   194  C  CD1 . LEU A 1 34  ? -7.571  4.177   3.242   1.00 13.42 ? 22  LEU A CD1 1 
ATOM   195  C  CD2 . LEU A 1 34  ? -7.207  6.059   4.844   1.00 15.40 ? 22  LEU A CD2 1 
ATOM   196  N  N   . LEU A 1 35  ? -12.585 6.018   4.456   1.00 11.37 ? 23  LEU A N   1 
ATOM   197  C  CA  . LEU A 1 35  ? -13.848 6.623   4.050   1.00 11.73 ? 23  LEU A CA  1 
ATOM   198  C  C   . LEU A 1 35  ? -14.419 7.524   5.153   1.00 12.70 ? 23  LEU A C   1 
ATOM   199  O  O   . LEU A 1 35  ? -14.960 8.589   4.878   1.00 11.65 ? 23  LEU A O   1 
ATOM   200  C  CB  . LEU A 1 35  ? -14.871 5.562   3.620   1.00 11.55 ? 23  LEU A CB  1 
ATOM   201  C  CG  . LEU A 1 35  ? -14.578 4.794   2.338   1.00 11.11 ? 23  LEU A CG  1 
ATOM   202  C  CD1 . LEU A 1 35  ? -15.621 3.699   2.103   1.00 10.68 ? 23  LEU A CD1 1 
ATOM   203  C  CD2 . LEU A 1 35  ? -14.546 5.712   1.108   1.00 11.43 ? 23  LEU A CD2 1 
ATOM   204  N  N   . GLY A 1 36  ? -14.290 7.099   6.400   1.00 13.50 ? 24  GLY A N   1 
ATOM   205  C  CA  . GLY A 1 36  ? -14.741 7.866   7.555   1.00 14.46 ? 24  GLY A CA  1 
ATOM   206  C  C   . GLY A 1 36  ? -13.989 9.176   7.766   1.00 14.15 ? 24  GLY A C   1 
ATOM   207  O  O   . GLY A 1 36  ? -14.461 10.060  8.411   1.00 15.11 ? 24  GLY A O   1 
ATOM   208  N  N   . LYS A 1 37  ? -12.817 9.320   7.201   1.00 14.87 ? 25  LYS A N   1 
ATOM   209  C  CA  . LYS A 1 37  ? -12.091 10.581  7.236   1.00 15.52 ? 25  LYS A CA  1 
ATOM   210  C  C   . LYS A 1 37  ? -12.349 11.447  5.974   1.00 15.54 ? 25  LYS A C   1 
ATOM   211  O  O   . LYS A 1 37  ? -11.727 12.498  5.807   1.00 16.86 ? 25  LYS A O   1 
ATOM   212  C  CB  . LYS A 1 37  ? -10.593 10.270  7.369   1.00 17.72 ? 25  LYS A CB  1 
ATOM   213  C  CG  . LYS A 1 37  ? -10.174 9.777   8.751   1.00 20.85 ? 25  LYS A CG  1 
ATOM   214  C  CD  . LYS A 1 37  ? -8.795  9.187   8.708   1.00 28.40 ? 25  LYS A CD  1 
ATOM   215  C  CE  . LYS A 1 37  ? -8.008  9.525   10.011  1.00 33.67 ? 25  LYS A CE  1 
ATOM   216  N  NZ  . LYS A 1 37  ? -8.840  9.442   11.312  1.00 36.68 ? 25  LYS A NZ  1 
ATOM   217  N  N   . GLY A 1 38  ? -13.207 10.984  5.071   1.00 13.74 ? 26  GLY A N   1 
ATOM   218  C  CA  . GLY A 1 38  ? -13.493 11.670  3.827   1.00 13.52 ? 26  GLY A CA  1 
ATOM   219  C  C   . GLY A 1 38  ? -12.419 11.510  2.764   1.00 13.40 ? 26  GLY A C   1 
ATOM   220  O  O   . GLY A 1 38  ? -12.354 12.309  1.827   1.00 13.12 ? 26  GLY A O   1 
ATOM   221  N  N   . ILE A 1 39  ? -11.554 10.502  2.922   1.00 12.97 ? 27  ILE A N   1 
ATOM   222  C  CA  . ILE A 1 39  ? -10.514 10.191  1.932   1.00 12.89 ? 27  ILE A CA  1 
ATOM   223  C  C   . ILE A 1 39  ? -11.167 9.369   0.799   1.00 13.37 ? 27  ILE A C   1 
ATOM   224  O  O   . ILE A 1 39  ? -11.970 8.470   1.061   1.00 12.40 ? 27  ILE A O   1 
ATOM   225  C  CB  . ILE A 1 39  ? -9.353  9.497   2.599   1.00 13.61 ? 27  ILE A CB  1 
ATOM   226  C  CG1 . ILE A 1 39  ? -8.609  10.526  3.476   1.00 15.33 ? 27  ILE A CG1 1 
ATOM   227  C  CG2 . ILE A 1 39  ? -8.423  8.822   1.573   1.00 13.61 ? 27  ILE A CG2 1 
ATOM   228  C  CD1 . ILE A 1 39  ? -7.605  9.925   4.395   1.00 18.80 ? 27  ILE A CD1 1 
ATOM   229  N  N   . GLU A 1 40  ? -10.877 9.760   -0.443  1.00 12.09 ? 28  GLU A N   1 
ATOM   230  C  CA  . GLU A 1 40  ? -11.373 9.076   -1.618  1.00 12.01 ? 28  GLU A CA  1 
ATOM   231  C  C   . GLU A 1 40  ? -10.660 7.723   -1.752  1.00 12.51 ? 28  GLU A C   1 
ATOM   232  O  O   . GLU A 1 40  ? -9.444  7.659   -1.804  1.00 12.00 ? 28  GLU A O   1 
ATOM   233  C  CB  . GLU A 1 40  ? -11.153 9.941   -2.860  1.00 12.38 ? 28  GLU A CB  1 
ATOM   234  C  CG  . GLU A 1 40  ? -11.753 9.354   -4.134  1.00 13.20 ? 28  GLU A CG  1 
ATOM   235  C  CD  . GLU A 1 40  ? -11.444 10.122  -5.400  1.00 13.94 ? 28  GLU A CD  1 
ATOM   236  O  OE1 . GLU A 1 40  ? -10.747 11.201  -5.327  1.00 11.61 ? 28  GLU A OE1 1 
ATOM   237  O  OE2 . GLU A 1 40  ? -11.873 9.594   -6.483  1.00 15.22 ? 28  GLU A OE2 1 
ATOM   238  N  N   . VAL A 1 41  ? -11.429 6.631   -1.773  1.00 12.70 ? 29  VAL A N   1 
ATOM   239  C  CA  . VAL A 1 41  ? -10.868 5.292   -1.882  1.00 12.67 ? 29  VAL A CA  1 
ATOM   240  C  C   . VAL A 1 41  ? -11.489 4.552   -3.054  1.00 13.14 ? 29  VAL A C   1 
ATOM   241  O  O   . VAL A 1 41  ? -12.712 4.532   -3.191  1.00 12.88 ? 29  VAL A O   1 
ATOM   242  C  CB  . VAL A 1 41  ? -11.097 4.450   -0.598  1.00 13.14 ? 29  VAL A CB  1 
ATOM   243  C  CG1 . VAL A 1 41  ? -10.447 3.088   -0.745  1.00 15.93 ? 29  VAL A CG1 1 
ATOM   244  C  CG2 . VAL A 1 41  ? -10.548 5.133   0.636   1.00 12.48 ? 29  VAL A CG2 1 
ATOM   245  N  N   . GLU A 1 42  ? -10.650 4.009   -3.941  1.00 12.92 ? 30  GLU A N   1 
ATOM   246  C  CA  . GLU A 1 42  ? -11.085 3.088   -4.977  1.00 14.24 ? 30  GLU A CA  1 
ATOM   247  C  C   . GLU A 1 42  ? -10.731 1.668   -4.563  1.00 12.82 ? 30  GLU A C   1 
ATOM   248  O  O   . GLU A 1 42  ? -9.557  1.322   -4.390  1.00 11.50 ? 30  GLU A O   1 
ATOM   249  C  CB  . GLU A 1 42  ? -10.476 3.427   -6.347  1.00 15.83 ? 30  GLU A CB  1 
ATOM   250  C  CG  . GLU A 1 42  ? -11.356 4.432   -7.081  1.00 24.24 ? 30  GLU A CG  1 
ATOM   251  C  CD  . GLU A 1 42  ? -10.779 4.943   -8.423  1.00 30.41 ? 30  GLU A CD  1 
ATOM   252  O  OE1 . GLU A 1 42  ? -9.773  4.337   -8.908  1.00 28.88 ? 30  GLU A OE1 1 
ATOM   253  O  OE2 . GLU A 1 42  ? -11.361 5.971   -8.945  1.00 28.78 ? 30  GLU A OE2 1 
ATOM   254  N  N   . ASP A 1 43  ? -11.753 0.847   -4.381  1.00 11.93 ? 31  ASP A N   1 
ATOM   255  C  CA  . ASP A 1 43  ? -11.542 -0.541  -3.937  1.00 11.80 ? 31  ASP A CA  1 
ATOM   256  C  C   . ASP A 1 43  ? -11.563 -1.431  -5.162  1.00 10.99 ? 31  ASP A C   1 
ATOM   257  O  O   . ASP A 1 43  ? -12.614 -1.652  -5.755  1.00 10.11 ? 31  ASP A O   1 
ATOM   258  C  CB  . ASP A 1 43  ? -12.648 -0.904  -2.955  1.00 11.99 ? 31  ASP A CB  1 
ATOM   259  C  CG  . ASP A 1 43  ? -12.537 -2.327  -2.392  1.00 13.51 ? 31  ASP A CG  1 
ATOM   260  O  OD1 . ASP A 1 43  ? -11.579 -3.091  -2.689  1.00 11.72 ? 31  ASP A OD1 1 
ATOM   261  O  OD2 . ASP A 1 43  ? -13.434 -2.722  -1.628  1.00 15.34 ? 31  ASP A OD2 1 
ATOM   262  N  N   . HIS A 1 44  ? -10.387 -1.954  -5.503  1.00 11.22 ? 32  HIS A N   1 
ATOM   263  C  CA  . HIS A 1 44  ? -10.188 -2.874  -6.619  1.00 11.79 ? 32  HIS A CA  1 
ATOM   264  C  C   . HIS A 1 44  ? -10.483 -4.347  -6.276  1.00 11.30 ? 32  HIS A C   1 
ATOM   265  O  O   . HIS A 1 44  ? -10.337 -5.207  -7.133  1.00 11.93 ? 32  HIS A O   1 
ATOM   266  C  CB  . HIS A 1 44  ? -8.773  -2.743  -7.151  1.00 12.09 ? 32  HIS A CB  1 
ATOM   267  C  CG  . HIS A 1 44  ? -8.479  -1.409  -7.736  1.00 13.11 ? 32  HIS A CG  1 
ATOM   268  N  ND1 . HIS A 1 44  ? -8.672  -1.123  -9.072  1.00 16.03 ? 32  HIS A ND1 1 
ATOM   269  C  CD2 . HIS A 1 44  ? -8.016  -0.274  -7.165  1.00 15.10 ? 32  HIS A CD2 1 
ATOM   270  C  CE1 . HIS A 1 44  ? -8.331  0.133   -9.297  1.00 17.06 ? 32  HIS A CE1 1 
ATOM   271  N  NE2 . HIS A 1 44  ? -7.937  0.673   -8.155  1.00 15.17 ? 32  HIS A NE2 1 
ATOM   272  N  N   . GLY A 1 45  ? -10.969 -4.617  -5.066  1.00 10.74 ? 33  GLY A N   1 
ATOM   273  C  CA  . GLY A 1 45  ? -11.307 -5.963  -4.650  1.00 10.86 ? 33  GLY A CA  1 
ATOM   274  C  C   . GLY A 1 45  ? -10.134 -6.630  -3.952  1.00 11.57 ? 33  GLY A C   1 
ATOM   275  O  O   . GLY A 1 45  ? -9.138  -5.996  -3.711  1.00 12.03 ? 33  GLY A O   1 
ATOM   276  N  N   . THR A 1 46  ? -10.226 -7.920  -3.623  1.00 12.23 ? 34  THR A N   1 
ATOM   277  C  CA  . THR A 1 46  ? -11.389 -8.748  -3.881  1.00 12.44 ? 34  THR A CA  1 
ATOM   278  C  C   . THR A 1 46  ? -12.605 -8.362  -3.016  1.00 12.68 ? 34  THR A C   1 
ATOM   279  O  O   . THR A 1 46  ? -12.482 -7.565  -2.070  1.00 11.77 ? 34  THR A O   1 
ATOM   280  C  CB  . THR A 1 46  ? -10.982 -10.228 -3.748  1.00 13.06 ? 34  THR A CB  1 
ATOM   281  O  OG1 . THR A 1 46  ? -12.052 -11.043 -4.203  1.00 13.20 ? 34  THR A OG1 1 
ATOM   282  C  CG2 . THR A 1 46  ? -10.727 -10.640 -2.293  1.00 12.78 ? 34  THR A CG2 1 
ATOM   283  N  N   . TYR A 1 47  ? -13.781 -8.896  -3.365  1.00 13.08 ? 35  TYR A N   1 
ATOM   284  C  CA  . TYR A 1 47  ? -15.041 -8.424  -2.791  1.00 13.84 ? 35  TYR A CA  1 
ATOM   285  C  C   . TYR A 1 47  ? -15.718 -9.490  -1.910  1.00 13.90 ? 35  TYR A C   1 
ATOM   286  O  O   . TYR A 1 47  ? -16.839 -9.300  -1.442  1.00 15.16 ? 35  TYR A O   1 
ATOM   287  C  CB  . TYR A 1 47  ? -15.976 -7.934  -3.906  1.00 13.72 ? 35  TYR A CB  1 
ATOM   288  C  CG  . TYR A 1 47  ? -15.339 -6.830  -4.732  1.00 14.08 ? 35  TYR A CG  1 
ATOM   289  C  CD1 . TYR A 1 47  ? -15.079 -5.574  -4.180  1.00 16.09 ? 35  TYR A CD1 1 
ATOM   290  C  CD2 . TYR A 1 47  ? -14.975 -7.029  -6.055  1.00 14.53 ? 35  TYR A CD2 1 
ATOM   291  C  CE1 . TYR A 1 47  ? -14.495 -4.541  -4.958  1.00 14.88 ? 35  TYR A CE1 1 
ATOM   292  C  CE2 . TYR A 1 47  ? -14.430 -5.997  -6.815  1.00 14.72 ? 35  TYR A CE2 1 
ATOM   293  C  CZ  . TYR A 1 47  ? -14.174 -4.770  -6.254  1.00 14.91 ? 35  TYR A CZ  1 
ATOM   294  O  OH  . TYR A 1 47  ? -13.585 -3.772  -7.016  1.00 14.17 ? 35  TYR A OH  1 
ATOM   295  N  N   . SER A 1 48  ? -15.012 -10.588 -1.691  1.00 13.60 ? 36  SER A N   1 
ATOM   296  C  CA  . SER A 1 48  ? -15.401 -11.642 -0.762  1.00 14.37 ? 36  SER A CA  1 
ATOM   297  C  C   . SER A 1 48  ? -14.183 -12.415 -0.226  1.00 15.10 ? 36  SER A C   1 
ATOM   298  O  O   . SER A 1 48  ? -13.031 -12.151 -0.579  1.00 15.00 ? 36  SER A O   1 
ATOM   299  C  CB  . SER A 1 48  ? -16.300 -12.649 -1.475  1.00 14.66 ? 36  SER A CB  1 
ATOM   300  O  OG  . SER A 1 48  ? -15.518 -13.446 -2.354  1.00 14.89 ? 36  SER A OG  1 
ATOM   301  N  N   . GLU A 1 49  ? -14.468 -13.419 0.590   1.00 15.61 ? 37  GLU A N   1 
ATOM   302  C  CA  . GLU A 1 49  ? -13.459 -14.327 1.084   1.00 16.59 ? 37  GLU A CA  1 
ATOM   303  C  C   . GLU A 1 49  ? -13.249 -15.597 0.216   1.00 15.90 ? 37  GLU A C   1 
ATOM   304  O  O   . GLU A 1 49  ? -12.434 -16.455 0.588   1.00 15.09 ? 37  GLU A O   1 
ATOM   305  C  CB  . GLU A 1 49  ? -13.753 -14.677 2.544   1.00 17.46 ? 37  GLU A CB  1 
ATOM   306  C  CG  . GLU A 1 49  ? -13.523 -13.457 3.435   1.00 21.24 ? 37  GLU A CG  1 
ATOM   307  C  CD  . GLU A 1 49  ? -13.607 -13.766 4.913   1.00 27.09 ? 37  GLU A CD  1 
ATOM   308  O  OE1 . GLU A 1 49  ? -14.388 -14.672 5.296   1.00 31.29 ? 37  GLU A OE1 1 
ATOM   309  O  OE2 . GLU A 1 49  ? -12.904 -13.074 5.684   1.00 30.84 ? 37  GLU A OE2 1 
ATOM   310  N  N   . GLU A 1 50  ? -13.891 -15.671 -0.950  1.00 15.30 ? 38  GLU A N   1 
ATOM   311  C  CA  . GLU A 1 50  ? -13.610 -16.762 -1.879  1.00 16.18 ? 38  GLU A CA  1 
ATOM   312  C  C   . GLU A 1 50  ? -12.159 -16.637 -2.356  1.00 16.05 ? 38  GLU A C   1 
ATOM   313  O  O   . GLU A 1 50  ? -11.636 -15.531 -2.572  1.00 15.37 ? 38  GLU A O   1 
ATOM   314  C  CB  A GLU A 1 50  ? -14.567 -16.763 -3.085  0.34 16.58 ? 38  GLU A CB  1 
ATOM   315  C  CB  B GLU A 1 50  ? -14.606 -16.768 -3.050  0.33 16.35 ? 38  GLU A CB  1 
ATOM   316  C  CB  C GLU A 1 50  ? -14.586 -16.768 -3.063  0.33 16.52 ? 38  GLU A CB  1 
ATOM   317  C  CG  A GLU A 1 50  ? -14.131 -17.680 -4.233  0.34 17.87 ? 38  GLU A CG  1 
ATOM   318  C  CG  B GLU A 1 50  ? -16.056 -17.021 -2.623  0.33 16.99 ? 38  GLU A CG  1 
ATOM   319  C  CG  C GLU A 1 50  ? -15.994 -17.257 -2.720  0.33 17.78 ? 38  GLU A CG  1 
ATOM   320  C  CD  A GLU A 1 50  ? -15.200 -17.910 -5.295  0.34 20.30 ? 38  GLU A CD  1 
ATOM   321  C  CD  B GLU A 1 50  ? -17.015 -17.199 -3.793  0.33 17.46 ? 38  GLU A CD  1 
ATOM   322  C  CD  C GLU A 1 50  ? -16.113 -18.772 -2.614  0.33 19.25 ? 38  GLU A CD  1 
ATOM   323  O  OE1 A GLU A 1 50  ? -16.407 -17.866 -4.963  0.34 21.76 ? 38  GLU A OE1 1 
ATOM   324  O  OE1 B GLU A 1 50  ? -16.765 -16.634 -4.882  0.33 18.37 ? 38  GLU A OE1 1 
ATOM   325  O  OE1 C GLU A 1 50  ? -15.360 -19.501 -3.293  0.33 20.63 ? 38  GLU A OE1 1 
ATOM   326  O  OE2 A GLU A 1 50  ? -14.828 -18.162 -6.471  0.34 20.98 ? 38  GLU A OE2 1 
ATOM   327  O  OE2 B GLU A 1 50  ? -18.040 -17.894 -3.620  0.33 18.26 ? 38  GLU A OE2 1 
ATOM   328  O  OE2 C GLU A 1 50  ? -16.987 -19.239 -1.854  0.33 21.55 ? 38  GLU A OE2 1 
ATOM   329  N  N   . SER A 1 51  ? -11.512 -17.779 -2.514  1.00 15.14 ? 39  SER A N   1 
ATOM   330  C  CA  . SER A 1 51  ? -10.088 -17.825 -2.790  1.00 15.72 ? 39  SER A CA  1 
ATOM   331  C  C   . SER A 1 51  ? -9.724  -17.138 -4.109  1.00 14.13 ? 39  SER A C   1 
ATOM   332  O  O   . SER A 1 51  ? -10.329 -17.405 -5.117  1.00 13.21 ? 39  SER A O   1 
ATOM   333  C  CB  . SER A 1 51  ? -9.622  -19.289 -2.780  1.00 16.41 ? 39  SER A CB  1 
ATOM   334  O  OG  . SER A 1 51  ? -8.261  -19.333 -3.162  1.00 21.24 ? 39  SER A OG  1 
ATOM   335  N  N   . VAL A 1 52  ? -8.750  -16.223 -4.081  1.00 13.85 ? 40  VAL A N   1 
ATOM   336  C  CA  . VAL A 1 52  ? -8.228  -15.562 -5.285  1.00 13.25 ? 40  VAL A CA  1 
ATOM   337  C  C   . VAL A 1 52  ? -6.700  -15.498 -5.190  1.00 13.06 ? 40  VAL A C   1 
ATOM   338  O  O   . VAL A 1 52  ? -6.104  -15.876 -4.161  1.00 11.47 ? 40  VAL A O   1 
ATOM   339  C  CB  . VAL A 1 52  ? -8.806  -14.115 -5.496  1.00 13.47 ? 40  VAL A CB  1 
ATOM   340  C  CG1 . VAL A 1 52  ? -10.340 -14.143 -5.692  1.00 15.27 ? 40  VAL A CG1 1 
ATOM   341  C  CG2 . VAL A 1 52  ? -8.403  -13.183 -4.337  1.00 14.85 ? 40  VAL A CG2 1 
ATOM   342  N  N   . ASP A 1 53  ? -6.077  -15.017 -6.262  1.00 12.27 ? 41  ASP A N   1 
ATOM   343  C  CA  . ASP A 1 53  ? -4.616  -14.945 -6.338  1.00 11.84 ? 41  ASP A CA  1 
ATOM   344  C  C   . ASP A 1 53  ? -4.098  -13.488 -6.200  1.00 12.46 ? 41  ASP A C   1 
ATOM   345  O  O   . ASP A 1 53  ? -4.375  -12.624 -7.042  1.00 12.89 ? 41  ASP A O   1 
ATOM   346  C  CB  . ASP A 1 53  ? -4.118  -15.564 -7.643  1.00 11.09 ? 41  ASP A CB  1 
ATOM   347  C  CG  . ASP A 1 53  ? -4.561  -17.006 -7.822  1.00 11.83 ? 41  ASP A CG  1 
ATOM   348  O  OD1 . ASP A 1 53  ? -4.673  -17.746 -6.810  1.00 12.65 ? 41  ASP A OD1 1 
ATOM   349  O  OD2 . ASP A 1 53  ? -4.802  -17.482 -8.962  1.00 10.53 ? 41  ASP A OD2 1 
ATOM   350  N  N   . TYR A 1 54  ? -3.287  -13.253 -5.179  1.00 12.26 ? 42  TYR A N   1 
ATOM   351  C  CA  . TYR A 1 54  ? -2.807  -11.900 -4.864  1.00 12.78 ? 42  TYR A CA  1 
ATOM   352  C  C   . TYR A 1 54  ? -2.195  -11.103 -6.057  1.00 12.51 ? 42  TYR A C   1 
ATOM   353  O  O   . TYR A 1 54  ? -2.415  -9.886  -6.113  1.00 11.99 ? 42  TYR A O   1 
ATOM   354  C  CB  . TYR A 1 54  ? -1.851  -11.884 -3.617  1.00 12.98 ? 42  TYR A CB  1 
ATOM   355  C  CG  . TYR A 1 54  ? -0.606  -12.740 -3.713  1.00 11.59 ? 42  TYR A CG  1 
ATOM   356  C  CD1 . TYR A 1 54  ? 0.565   -12.274 -4.326  1.00 11.81 ? 42  TYR A CD1 1 
ATOM   357  C  CD2 . TYR A 1 54  ? -0.583  -14.014 -3.174  1.00 13.01 ? 42  TYR A CD2 1 
ATOM   358  C  CE1 . TYR A 1 54  ? 1.703   -13.104 -4.443  1.00 10.81 ? 42  TYR A CE1 1 
ATOM   359  C  CE2 . TYR A 1 54  ? 0.552   -14.849 -3.273  1.00 12.52 ? 42  TYR A CE2 1 
ATOM   360  C  CZ  . TYR A 1 54  ? 1.700   -14.382 -3.900  1.00 11.48 ? 42  TYR A CZ  1 
ATOM   361  O  OH  . TYR A 1 54  ? 2.807   -15.219 -3.976  1.00 13.05 ? 42  TYR A OH  1 
ATOM   362  N  N   . PRO A 1 55  ? -1.394  -11.700 -6.952  1.00 12.49 ? 43  PRO A N   1 
ATOM   363  C  CA  . PRO A 1 55  ? -0.801  -10.875 -8.029  1.00 12.82 ? 43  PRO A CA  1 
ATOM   364  C  C   . PRO A 1 55  ? -1.843  -10.184 -8.936  1.00 13.25 ? 43  PRO A C   1 
ATOM   365  O  O   . PRO A 1 55  ? -1.560  -9.106  -9.448  1.00 13.57 ? 43  PRO A O   1 
ATOM   366  C  CB  . PRO A 1 55  ? 0.077   -11.878 -8.826  1.00 12.00 ? 43  PRO A CB  1 
ATOM   367  C  CG  . PRO A 1 55  ? 0.348   -12.994 -7.826  1.00 12.88 ? 43  PRO A CG  1 
ATOM   368  C  CD  . PRO A 1 55  ? -0.960  -13.117 -7.058  1.00 12.53 ? 43  PRO A CD  1 
ATOM   369  N  N   . ASP A 1 56  ? -3.025  -10.791 -9.117  1.00 14.01 ? 44  ASP A N   1 
ATOM   370  C  CA  . ASP A 1 56  ? -4.087  -10.201 -9.916  1.00 13.76 ? 44  ASP A CA  1 
ATOM   371  C  C   . ASP A 1 56  ? -4.493  -8.839  -9.322  1.00 13.95 ? 44  ASP A C   1 
ATOM   372  O  O   . ASP A 1 56  ? -4.775  -7.888  -10.061 1.00 14.05 ? 44  ASP A O   1 
ATOM   373  C  CB  . ASP A 1 56  ? -5.276  -11.133 -9.986  1.00 13.75 ? 44  ASP A CB  1 
ATOM   374  C  CG  . ASP A 1 56  ? -4.998  -12.392 -10.816 1.00 16.05 ? 44  ASP A CG  1 
ATOM   375  O  OD1 . ASP A 1 56  ? -4.209  -12.249 -11.805 1.00 14.58 ? 44  ASP A OD1 1 
ATOM   376  O  OD2 . ASP A 1 56  ? -5.575  -13.515 -10.587 1.00 14.60 ? 44  ASP A OD2 1 
ATOM   377  N  N   . TYR A 1 57  ? -4.462  -8.747  -7.995  1.00 12.68 ? 45  TYR A N   1 
ATOM   378  C  CA  . TYR A 1 57  ? -4.874  -7.536  -7.270  1.00 13.47 ? 45  TYR A CA  1 
ATOM   379  C  C   . TYR A 1 57  ? -3.767  -6.473  -7.141  1.00 13.67 ? 45  TYR A C   1 
ATOM   380  O  O   . TYR A 1 57  ? -4.049  -5.262  -7.230  1.00 14.65 ? 45  TYR A O   1 
ATOM   381  C  CB  . TYR A 1 57  ? -5.550  -7.931  -5.938  1.00 13.24 ? 45  TYR A CB  1 
ATOM   382  C  CG  . TYR A 1 57  ? -6.841  -8.633  -6.242  1.00 13.74 ? 45  TYR A CG  1 
ATOM   383  C  CD1 . TYR A 1 57  ? -7.973  -7.908  -6.531  1.00 13.97 ? 45  TYR A CD1 1 
ATOM   384  C  CD2 . TYR A 1 57  ? -6.887  -10.022 -6.388  1.00 14.46 ? 45  TYR A CD2 1 
ATOM   385  C  CE1 . TYR A 1 57  ? -9.173  -8.555  -6.892  1.00 15.58 ? 45  TYR A CE1 1 
ATOM   386  C  CE2 . TYR A 1 57  ? -8.054  -10.671 -6.765  1.00 14.89 ? 45  TYR A CE2 1 
ATOM   387  C  CZ  . TYR A 1 57  ? -9.201  -9.931  -6.984  1.00 17.74 ? 45  TYR A CZ  1 
ATOM   388  O  OH  . TYR A 1 57  ? -10.365 -10.557 -7.369  1.00 18.83 ? 45  TYR A OH  1 
ATOM   389  N  N   . ALA A 1 58  ? -2.523  -6.919  -6.983  1.00 14.20 ? 46  ALA A N   1 
ATOM   390  C  CA  . ALA A 1 58  ? -1.341  -6.068  -7.068  1.00 13.68 ? 46  ALA A CA  1 
ATOM   391  C  C   . ALA A 1 58  ? -1.356  -5.272  -8.378  1.00 14.01 ? 46  ALA A C   1 
ATOM   392  O  O   . ALA A 1 58  ? -1.135  -4.056  -8.363  1.00 12.11 ? 46  ALA A O   1 
ATOM   393  C  CB  . ALA A 1 58  ? -0.053  -6.905  -6.964  1.00 14.36 ? 46  ALA A CB  1 
ATOM   394  N  N   . LYS A 1 59  ? -1.688  -5.943  -9.492  1.00 13.69 ? 47  LYS A N   1 
ATOM   395  C  CA  . LYS A 1 59  ? -1.623  -5.328  -10.817 1.00 14.24 ? 47  LYS A CA  1 
ATOM   396  C  C   . LYS A 1 59  ? -2.646  -4.211  -10.957 1.00 13.27 ? 47  LYS A C   1 
ATOM   397  O  O   . LYS A 1 59  ? -2.371  -3.194  -11.606 1.00 13.74 ? 47  LYS A O   1 
ATOM   398  C  CB  . LYS A 1 59  ? -1.898  -6.342  -11.937 1.00 14.85 ? 47  LYS A CB  1 
ATOM   399  C  CG  . LYS A 1 59  ? -0.805  -7.348  -12.160 1.00 17.93 ? 47  LYS A CG  1 
ATOM   400  C  CD  . LYS A 1 59  ? -1.255  -8.395  -13.176 1.00 21.10 ? 47  LYS A CD  1 
ATOM   401  C  CE  . LYS A 1 59  ? -0.047  -9.215  -13.631 1.00 25.01 ? 47  LYS A CE  1 
ATOM   402  N  NZ  . LYS A 1 59  ? 0.427   -10.284 -12.680 1.00 22.99 ? 47  LYS A NZ  1 
ATOM   403  N  N   . LYS A 1 60  ? -3.815  -4.393  -10.376 1.00 12.46 ? 48  LYS A N   1 
ATOM   404  C  CA  . LYS A 1 60  ? -4.869  -3.369  -10.467 1.00 12.89 ? 48  LYS A CA  1 
ATOM   405  C  C   . LYS A 1 60  ? -4.461  -2.057  -9.742  1.00 12.32 ? 48  LYS A C   1 
ATOM   406  O  O   . LYS A 1 60  ? -4.702  -0.964  -10.232 1.00 12.61 ? 48  LYS A O   1 
ATOM   407  C  CB  . LYS A 1 60  ? -6.190  -3.885  -9.890  1.00 13.28 ? 48  LYS A CB  1 
ATOM   408  C  CG  . LYS A 1 60  ? -6.740  -5.149  -10.554 1.00 15.51 ? 48  LYS A CG  1 
ATOM   409  C  CD  . LYS A 1 60  ? -7.977  -5.669  -9.865  1.00 21.23 ? 48  LYS A CD  1 
ATOM   410  C  CE  . LYS A 1 60  ? -8.571  -6.945  -10.550 1.00 25.31 ? 48  LYS A CE  1 
ATOM   411  N  NZ  . LYS A 1 60  ? -8.715  -6.730  -12.019 1.00 28.32 ? 48  LYS A NZ  1 
ATOM   412  N  N   . VAL A 1 61  ? -3.893  -2.180  -8.561  1.00 12.69 ? 49  VAL A N   1 
ATOM   413  C  CA  . VAL A 1 61  ? -3.413  -1.014  -7.802  1.00 13.10 ? 49  VAL A CA  1 
ATOM   414  C  C   . VAL A 1 61  ? -2.188  -0.379  -8.492  1.00 13.38 ? 49  VAL A C   1 
ATOM   415  O  O   . VAL A 1 61  ? -2.100  0.845   -8.640  1.00 14.11 ? 49  VAL A O   1 
ATOM   416  C  CB  . VAL A 1 61  ? -3.120  -1.351  -6.323  1.00 12.92 ? 49  VAL A CB  1 
ATOM   417  C  CG1 . VAL A 1 61  ? -2.384  -0.208  -5.609  1.00 12.33 ? 49  VAL A CG1 1 
ATOM   418  C  CG2 . VAL A 1 61  ? -4.405  -1.659  -5.574  1.00 10.58 ? 49  VAL A CG2 1 
ATOM   419  N  N   . VAL A 1 62  ? -1.278  -1.219  -8.946  1.00 12.73 ? 50  VAL A N   1 
ATOM   420  C  CA  . VAL A 1 62  ? -0.130  -0.775  -9.715  1.00 12.63 ? 50  VAL A CA  1 
ATOM   421  C  C   . VAL A 1 62  ? -0.546  0.044   -10.909 1.00 13.31 ? 50  VAL A C   1 
ATOM   422  O  O   . VAL A 1 62  ? 0.022   1.120   -11.156 1.00 12.97 ? 50  VAL A O   1 
ATOM   423  C  CB  . VAL A 1 62  ? 0.741   -1.939  -10.135 1.00 12.00 ? 50  VAL A CB  1 
ATOM   424  C  CG1 . VAL A 1 62  ? 1.703   -1.542  -11.234 1.00 14.18 ? 50  VAL A CG1 1 
ATOM   425  C  CG2 . VAL A 1 62  ? 1.498   -2.513  -8.881  1.00 13.27 ? 50  VAL A CG2 1 
ATOM   426  N  N   . GLN A 1 63  ? -1.497  -0.449  -11.671 1.00 12.66 ? 51  GLN A N   1 
ATOM   427  C  CA  . GLN A 1 63  ? -1.908  0.256   -12.872 1.00 14.59 ? 51  GLN A CA  1 
ATOM   428  C  C   . GLN A 1 63  ? -2.458  1.649   -12.497 1.00 14.33 ? 51  GLN A C   1 
ATOM   429  O  O   . GLN A 1 63  ? -2.229  2.636   -13.166 1.00 12.44 ? 51  GLN A O   1 
ATOM   430  C  CB  . GLN A 1 63  ? -2.951  -0.588  -13.608 1.00 15.08 ? 51  GLN A CB  1 
ATOM   431  C  CG  A GLN A 1 63  ? -3.813  0.143   -14.624 0.65 18.69 ? 51  GLN A CG  1 
ATOM   432  C  CG  B GLN A 1 63  ? -3.737  0.145   -14.709 0.35 16.44 ? 51  GLN A CG  1 
ATOM   433  C  CD  A GLN A 1 63  ? -3.023  0.618   -15.791 0.65 23.64 ? 51  GLN A CD  1 
ATOM   434  C  CD  B GLN A 1 63  ? -4.455  -0.815  -15.650 0.35 17.94 ? 51  GLN A CD  1 
ATOM   435  O  OE1 A GLN A 1 63  ? -1.983  0.025   -16.131 0.65 24.80 ? 51  GLN A OE1 1 
ATOM   436  O  OE1 B GLN A 1 63  ? -4.094  -0.931  -16.819 0.35 20.30 ? 51  GLN A OE1 1 
ATOM   437  N  NE2 A GLN A 1 63  ? -3.496  1.700   -16.422 0.65 25.97 ? 51  GLN A NE2 1 
ATOM   438  N  NE2 B GLN A 1 63  ? -5.447  -1.525  -15.132 0.35 18.84 ? 51  GLN A NE2 1 
ATOM   439  N  N   . SER A 1 64  ? -3.194  1.694   -11.410 1.00 15.07 ? 52  SER A N   1 
ATOM   440  C  CA  . SER A 1 64  ? -3.784  2.931   -10.952 1.00 15.85 ? 52  SER A CA  1 
ATOM   441  C  C   . SER A 1 64  ? -2.707  3.962   -10.517 1.00 15.45 ? 52  SER A C   1 
ATOM   442  O  O   . SER A 1 64  ? -2.805  5.155   -10.838 1.00 15.59 ? 52  SER A O   1 
ATOM   443  C  CB  . SER A 1 64  ? -4.804  2.609   -9.862  1.00 15.77 ? 52  SER A CB  1 
ATOM   444  O  OG  . SER A 1 64  ? -5.443  3.790   -9.487  1.00 22.05 ? 52  SER A OG  1 
ATOM   445  N  N   . ILE A 1 65  ? -1.644  3.495   -9.859  1.00 15.28 ? 53  ILE A N   1 
ATOM   446  C  CA  . ILE A 1 65  ? -0.538  4.362   -9.470  1.00 14.25 ? 53  ILE A CA  1 
ATOM   447  C  C   . ILE A 1 65  ? 0.260   4.821   -10.697 1.00 14.81 ? 53  ILE A C   1 
ATOM   448  O  O   . ILE A 1 65  ? 0.545   6.018   -10.856 1.00 13.58 ? 53  ILE A O   1 
ATOM   449  C  CB  . ILE A 1 65  ? 0.385   3.653   -8.472  1.00 15.02 ? 53  ILE A CB  1 
ATOM   450  C  CG1 . ILE A 1 65  ? -0.303  3.391   -7.128  1.00 16.14 ? 53  ILE A CG1 1 
ATOM   451  C  CG2 . ILE A 1 65  ? 1.676   4.416   -8.274  1.00 15.29 ? 53  ILE A CG2 1 
ATOM   452  C  CD1 . ILE A 1 65  ? -0.927  4.625   -6.463  1.00 19.21 ? 53  ILE A CD1 1 
ATOM   453  N  N   . LEU A 1 66  ? 0.614   3.892   -11.579 1.00 14.35 ? 54  LEU A N   1 
ATOM   454  C  CA  . LEU A 1 66  ? 1.394   4.231   -12.772 1.00 15.62 ? 54  LEU A CA  1 
ATOM   455  C  C   . LEU A 1 66  ? 0.649   5.145   -13.738 1.00 14.86 ? 54  LEU A C   1 
ATOM   456  O  O   . LEU A 1 66  ? 1.277   5.937   -14.438 1.00 14.77 ? 54  LEU A O   1 
ATOM   457  C  CB  . LEU A 1 66  ? 1.861   2.968   -13.517 1.00 15.53 ? 54  LEU A CB  1 
ATOM   458  C  CG  . LEU A 1 66  ? 2.823   2.089   -12.728 1.00 15.98 ? 54  LEU A CG  1 
ATOM   459  C  CD1 . LEU A 1 66  ? 3.217   0.915   -13.586 1.00 18.54 ? 54  LEU A CD1 1 
ATOM   460  C  CD2 . LEU A 1 66  ? 4.072   2.839   -12.281 1.00 19.20 ? 54  LEU A CD2 1 
ATOM   461  N  N   . SER A 1 67  ? -0.664  5.051   -13.773 1.00 15.39 ? 55  SER A N   1 
ATOM   462  C  CA  . SER A 1 67  ? -1.497  5.928   -14.624 1.00 15.55 ? 55  SER A CA  1 
ATOM   463  C  C   . SER A 1 67  ? -1.825  7.295   -13.960 1.00 16.37 ? 55  SER A C   1 
ATOM   464  O  O   . SER A 1 67  ? -2.582  8.076   -14.498 1.00 16.94 ? 55  SER A O   1 
ATOM   465  C  CB  A SER A 1 67  ? -2.794  5.224   -15.009 0.65 15.64 ? 55  SER A CB  1 
ATOM   466  C  CB  B SER A 1 67  ? -2.827  5.233   -14.967 0.35 15.64 ? 55  SER A CB  1 
ATOM   467  O  OG  A SER A 1 67  ? -3.612  5.076   -13.885 0.65 15.17 ? 55  SER A OG  1 
ATOM   468  O  OG  B SER A 1 67  ? -2.643  4.154   -15.866 0.35 15.31 ? 55  SER A OG  1 
ATOM   469  N  N   . ASN A 1 68  ? -1.282  7.546   -12.775 1.00 17.55 ? 56  ASN A N   1 
ATOM   470  C  CA  . ASN A 1 68  ? -1.589  8.715   -11.965 1.00 18.44 ? 56  ASN A CA  1 
ATOM   471  C  C   . ASN A 1 68  ? -3.090  8.857   -11.678 1.00 18.01 ? 56  ASN A C   1 
ATOM   472  O  O   . ASN A 1 68  ? -3.599  9.963   -11.653 1.00 18.32 ? 56  ASN A O   1 
ATOM   473  C  CB  . ASN A 1 68  ? -1.044  9.997   -12.621 1.00 19.75 ? 56  ASN A CB  1 
ATOM   474  C  CG  . ASN A 1 68  ? -1.130  11.210  -11.693 1.00 24.28 ? 56  ASN A CG  1 
ATOM   475  O  OD1 . ASN A 1 68  ? -0.924  11.113  -10.463 1.00 27.20 ? 56  ASN A OD1 1 
ATOM   476  N  ND2 . ASN A 1 68  ? -1.450  12.359  -12.276 1.00 31.07 ? 56  ASN A ND2 1 
ATOM   477  N  N   . GLU A 1 69  ? -3.788  7.742   -11.500 1.00 16.74 ? 57  GLU A N   1 
ATOM   478  C  CA  . GLU A 1 69  ? -5.183  7.759   -11.118 1.00 17.46 ? 57  GLU A CA  1 
ATOM   479  C  C   . GLU A 1 69  ? -5.377  7.702   -9.602  1.00 16.63 ? 57  GLU A C   1 
ATOM   480  O  O   . GLU A 1 69  ? -6.456  7.910   -9.114  1.00 17.95 ? 57  GLU A O   1 
ATOM   481  C  CB  . GLU A 1 69  ? -5.936  6.621   -11.813 1.00 17.81 ? 57  GLU A CB  1 
ATOM   482  C  CG  . GLU A 1 69  ? -6.180  6.893   -13.308 1.00 22.57 ? 57  GLU A CG  1 
ATOM   483  C  CD  . GLU A 1 69  ? -7.049  8.147   -13.533 1.00 27.86 ? 57  GLU A CD  1 
ATOM   484  O  OE1 . GLU A 1 69  ? -8.080  8.274   -12.862 1.00 31.48 ? 57  GLU A OE1 1 
ATOM   485  O  OE2 . GLU A 1 69  ? -6.685  9.041   -14.313 1.00 33.44 ? 57  GLU A OE2 1 
ATOM   486  N  N   . ALA A 1 70  ? -4.339  7.373   -8.857  1.00 14.76 ? 58  ALA A N   1 
ATOM   487  C  CA  . ALA A 1 70  ? -4.379  7.442   -7.396  1.00 13.85 ? 58  ALA A CA  1 
ATOM   488  C  C   . ALA A 1 70  ? -3.025  7.948   -6.947  1.00 13.23 ? 58  ALA A C   1 
ATOM   489  O  O   . ALA A 1 70  ? -2.024  7.833   -7.657  1.00 13.63 ? 58  ALA A O   1 
ATOM   490  C  CB  . ALA A 1 70  ? -4.691  6.070   -6.788  1.00 14.01 ? 58  ALA A CB  1 
ATOM   491  N  N   . ASP A 1 71  ? -3.002  8.518   -5.771  1.00 12.66 ? 59  ASP A N   1 
ATOM   492  C  CA  . ASP A 1 71  ? -1.779  9.052   -5.183  1.00 13.13 ? 59  ASP A CA  1 
ATOM   493  C  C   . ASP A 1 71  ? -0.964  7.983   -4.439  1.00 13.15 ? 59  ASP A C   1 
ATOM   494  O  O   . ASP A 1 71  ? 0.261   7.967   -4.523  1.00 12.95 ? 59  ASP A O   1 
ATOM   495  C  CB  . ASP A 1 71  ? -2.176  10.154  -4.218  1.00 12.09 ? 59  ASP A CB  1 
ATOM   496  C  CG  . ASP A 1 71  ? -2.920  11.266  -4.914  1.00 13.77 ? 59  ASP A CG  1 
ATOM   497  O  OD1 . ASP A 1 71  ? -2.402  11.860  -5.892  1.00 11.14 ? 59  ASP A OD1 1 
ATOM   498  O  OD2 . ASP A 1 71  ? -4.034  11.597  -4.555  1.00 12.25 ? 59  ASP A OD2 1 
ATOM   499  N  N   . PHE A 1 72  ? -1.660  7.128   -3.675  1.00 12.05 ? 60  PHE A N   1 
ATOM   500  C  CA  . PHE A 1 72  ? -1.040  6.023   -2.943  1.00 12.89 ? 60  PHE A CA  1 
ATOM   501  C  C   . PHE A 1 72  ? -1.855  4.752   -3.123  1.00 12.84 ? 60  PHE A C   1 
ATOM   502  O  O   . PHE A 1 72  ? -3.092  4.798   -3.247  1.00 12.71 ? 60  PHE A O   1 
ATOM   503  C  CB  . PHE A 1 72  ? -0.941  6.293   -1.431  1.00 13.42 ? 60  PHE A CB  1 
ATOM   504  C  CG  . PHE A 1 72  ? -0.033  7.412   -1.077  1.00 15.39 ? 60  PHE A CG  1 
ATOM   505  C  CD1 . PHE A 1 72  ? 1.337   7.261   -1.152  1.00 16.98 ? 60  PHE A CD1 1 
ATOM   506  C  CD2 . PHE A 1 72  ? -0.556  8.643   -0.662  1.00 17.80 ? 60  PHE A CD2 1 
ATOM   507  C  CE1 . PHE A 1 72  ? 2.170   8.300   -0.801  1.00 18.97 ? 60  PHE A CE1 1 
ATOM   508  C  CE2 . PHE A 1 72  ? 0.275   9.692   -0.321  1.00 19.54 ? 60  PHE A CE2 1 
ATOM   509  C  CZ  . PHE A 1 72  ? 1.634   9.522   -0.400  1.00 21.10 ? 60  PHE A CZ  1 
ATOM   510  N  N   . GLY A 1 73  ? -1.162  3.620   -3.097  1.00 12.75 ? 61  GLY A N   1 
ATOM   511  C  CA  . GLY A 1 73  ? -1.801  2.324   -3.033  1.00 12.36 ? 61  GLY A CA  1 
ATOM   512  C  C   . GLY A 1 73  ? -1.674  1.704   -1.650  1.00 11.32 ? 61  GLY A C   1 
ATOM   513  O  O   . GLY A 1 73  ? -0.777  2.006   -0.903  1.00 11.62 ? 61  GLY A O   1 
ATOM   514  N  N   . ILE A 1 74  ? -2.628  0.836   -1.325  1.00 11.60 ? 62  ILE A N   1 
ATOM   515  C  CA  . ILE A 1 74  ? -2.575  -0.032  -0.178  1.00 11.32 ? 62  ILE A CA  1 
ATOM   516  C  C   . ILE A 1 74  ? -2.916  -1.447  -0.666  1.00 11.30 ? 62  ILE A C   1 
ATOM   517  O  O   . ILE A 1 74  ? -3.949  -1.686  -1.255  1.00 10.65 ? 62  ILE A O   1 
ATOM   518  C  CB  . ILE A 1 74  ? -3.498  0.409   0.947   1.00 10.85 ? 62  ILE A CB  1 
ATOM   519  C  CG1 . ILE A 1 74  ? -3.188  1.838   1.396   1.00 11.26 ? 62  ILE A CG1 1 
ATOM   520  C  CG2 . ILE A 1 74  ? -3.382  -0.569  2.154   1.00 12.06 ? 62  ILE A CG2 1 
ATOM   521  C  CD1 . ILE A 1 74  ? -4.190  2.396   2.437   1.00 13.89 ? 62  ILE A CD1 1 
ATOM   522  N  N   . LEU A 1 75  ? -1.986  -2.368  -0.439  1.00 11.26 ? 63  LEU A N   1 
ATOM   523  C  CA  . LEU A 1 75  ? -2.148  -3.759  -0.824  1.00 10.77 ? 63  LEU A CA  1 
ATOM   524  C  C   . LEU A 1 75  ? -2.022  -4.618  0.417   1.00 10.91 ? 63  LEU A C   1 
ATOM   525  O  O   . LEU A 1 75  ? -1.157  -4.389  1.283   1.00 11.56 ? 63  LEU A O   1 
ATOM   526  C  CB  . LEU A 1 75  ? -1.089  -4.171  -1.850  1.00 11.54 ? 63  LEU A CB  1 
ATOM   527  C  CG  . LEU A 1 75  ? -1.255  -3.606  -3.273  1.00 11.02 ? 63  LEU A CG  1 
ATOM   528  C  CD1 . LEU A 1 75  ? -0.047  -3.959  -4.153  1.00 12.59 ? 63  LEU A CD1 1 
ATOM   529  C  CD2 . LEU A 1 75  ? -2.582  -4.130  -3.867  1.00 12.95 ? 63  LEU A CD2 1 
ATOM   530  N  N   . LEU A 1 76  ? -2.874  -5.631  0.488   1.00 11.32 ? 64  LEU A N   1 
ATOM   531  C  CA  . LEU A 1 76  ? -2.916  -6.531  1.624   1.00 12.20 ? 64  LEU A CA  1 
ATOM   532  C  C   . LEU A 1 76  ? -3.047  -7.986  1.194   1.00 12.57 ? 64  LEU A C   1 
ATOM   533  O  O   . LEU A 1 76  ? -3.807  -8.338  0.294   1.00 11.82 ? 64  LEU A O   1 
ATOM   534  C  CB  . LEU A 1 76  ? -4.068  -6.210  2.565   1.00 12.12 ? 64  LEU A CB  1 
ATOM   535  C  CG  . LEU A 1 76  ? -4.278  -4.786  3.071   1.00 13.62 ? 64  LEU A CG  1 
ATOM   536  C  CD1 . LEU A 1 76  ? -5.127  -4.050  2.094   1.00 11.04 ? 64  LEU A CD1 1 
ATOM   537  C  CD2 . LEU A 1 76  ? -4.946  -4.809  4.443   1.00 13.45 ? 64  LEU A CD2 1 
HETATM 538  N  N   . OCS A 1 77  ? -2.221  -8.820  1.812   1.00 13.57 ? 65  OCS A N   1 
HETATM 539  C  CA  . OCS A 1 77  ? -2.461  -10.263 1.808   1.00 13.64 ? 65  OCS A CA  1 
HETATM 540  C  CB  . OCS A 1 77  ? -1.745  -10.943 0.641   1.00 14.56 ? 65  OCS A CB  1 
HETATM 541  S  SG  . OCS A 1 77  ? 0.065   -11.064 0.669   1.00 17.17 ? 65  OCS A SG  1 
HETATM 542  C  C   . OCS A 1 77  ? -2.157  -10.820 3.186   1.00 13.58 ? 65  OCS A C   1 
HETATM 543  O  O   . OCS A 1 77  ? -1.967  -10.057 4.122   1.00 13.50 ? 65  OCS A O   1 
HETATM 544  O  OD1 . OCS A 1 77  ? 0.394   -11.898 1.792   1.00 18.64 ? 65  OCS A OD1 1 
HETATM 545  O  OD2 . OCS A 1 77  ? 0.405   -11.763 -0.450  1.00 26.54 ? 65  OCS A OD2 1 
HETATM 546  O  OD3 . OCS A 1 77  ? 0.699   -9.858  0.637   1.00 20.42 ? 65  OCS A OD3 1 
ATOM   547  N  N   . GLY A 1 78  ? -2.189  -12.126 3.351   1.00 13.90 ? 66  GLY A N   1 
ATOM   548  C  CA  . GLY A 1 78  ? -1.986  -12.719 4.672   1.00 13.57 ? 66  GLY A CA  1 
ATOM   549  C  C   . GLY A 1 78  ? -0.812  -12.190 5.452   1.00 13.08 ? 66  GLY A C   1 
ATOM   550  O  O   . GLY A 1 78  ? -0.938  -11.776 6.613   1.00 12.85 ? 66  GLY A O   1 
ATOM   551  N  N   . THR A 1 79  ? 0.360   -12.197 4.830   1.00 12.99 ? 67  THR A N   1 
ATOM   552  C  CA  . THR A 1 79  ? 1.579   -11.772 5.476   1.00 11.96 ? 67  THR A CA  1 
ATOM   553  C  C   . THR A 1 79  ? 2.133   -10.504 4.905   1.00 11.95 ? 67  THR A C   1 
ATOM   554  O  O   . THR A 1 79  ? 3.122   -9.949  5.430   1.00 12.38 ? 67  THR A O   1 
ATOM   555  C  CB  . THR A 1 79  ? 2.663   -12.855 5.319   1.00 12.81 ? 67  THR A CB  1 
ATOM   556  O  OG1 . THR A 1 79  ? 2.937   -13.033 3.909   1.00 10.02 ? 67  THR A OG1 1 
ATOM   557  C  CG2 . THR A 1 79  ? 2.206   -14.194 5.881   1.00 12.37 ? 67  THR A CG2 1 
ATOM   558  N  N   . GLY A 1 80  ? 1.602   -10.082 3.762   1.00 11.13 ? 68  GLY A N   1 
ATOM   559  C  CA  . GLY A 1 80  ? 2.203   -8.969  3.041   1.00 11.08 ? 68  GLY A CA  1 
ATOM   560  C  C   . GLY A 1 80  ? 3.289   -9.358  2.070   1.00 10.01 ? 68  GLY A C   1 
ATOM   561  O  O   . GLY A 1 80  ? 3.615   -8.579  1.165   1.00 10.78 ? 68  GLY A O   1 
ATOM   562  N  N   . LEU A 1 81  ? 3.829   -10.564 2.187   1.00 9.89  ? 69  LEU A N   1 
ATOM   563  C  CA  . LEU A 1 81  ? 4.995   -10.931 1.389   1.00 10.56 ? 69  LEU A CA  1 
ATOM   564  C  C   . LEU A 1 81  ? 4.677   -11.007 -0.105  1.00 10.24 ? 69  LEU A C   1 
ATOM   565  O  O   . LEU A 1 81  ? 5.395   -10.435 -0.911  1.00 11.51 ? 69  LEU A O   1 
ATOM   566  C  CB  . LEU A 1 81  ? 5.586   -12.228 1.896   1.00 11.22 ? 69  LEU A CB  1 
ATOM   567  C  CG  . LEU A 1 81  ? 6.184   -12.129 3.328   1.00 12.80 ? 69  LEU A CG  1 
ATOM   568  C  CD1 . LEU A 1 81  ? 6.566   -13.492 3.803   1.00 15.08 ? 69  LEU A CD1 1 
ATOM   569  C  CD2 . LEU A 1 81  ? 7.344   -11.198 3.387   1.00 10.68 ? 69  LEU A CD2 1 
ATOM   570  N  N   . GLY A 1 82  ? 3.606   -11.706 -0.467  1.00 11.53 ? 70  GLY A N   1 
ATOM   571  C  CA  . GLY A 1 82  ? 3.179   -11.844 -1.853  1.00 11.82 ? 70  GLY A CA  1 
ATOM   572  C  C   . GLY A 1 82  ? 2.973   -10.518 -2.554  1.00 11.25 ? 70  GLY A C   1 
ATOM   573  O  O   . GLY A 1 82  ? 3.481   -10.322 -3.649  1.00 11.08 ? 70  GLY A O   1 
HETATM 574  N  N   . MSE A 1 83  ? 2.306   -9.590  -1.884  1.00 11.41 ? 71  MSE A N   1 
HETATM 575  C  CA  . MSE A 1 83  ? 2.077   -8.259  -2.406  1.00 12.23 ? 71  MSE A CA  1 
HETATM 576  C  C   . MSE A 1 83  ? 3.362   -7.446  -2.548  1.00 12.11 ? 71  MSE A C   1 
HETATM 577  O  O   . MSE A 1 83  ? 3.563   -6.739  -3.574  1.00 12.23 ? 71  MSE A O   1 
HETATM 578  C  CB  . MSE A 1 83  ? 1.094   -7.481  -1.539  1.00 13.01 ? 71  MSE A CB  1 
HETATM 579  C  CG  . MSE A 1 83  ? -0.342  -7.941  -1.591  1.00 14.84 ? 71  MSE A CG  1 
HETATM 580  SE SE  . MSE A 1 83  ? -1.076  -8.044  -3.452  1.00 17.68 ? 71  MSE A SE  1 
HETATM 581  C  CE  . MSE A 1 83  ? -3.005  -8.304  -2.991  1.00 15.39 ? 71  MSE A CE  1 
ATOM   582  N  N   . SER A 1 84  ? 4.239   -7.539  -1.560  1.00 12.25 ? 72  SER A N   1 
ATOM   583  C  CA  . SER A 1 84  ? 5.521   -6.826  -1.603  1.00 12.08 ? 72  SER A CA  1 
ATOM   584  C  C   . SER A 1 84  ? 6.379   -7.324  -2.808  1.00 12.19 ? 72  SER A C   1 
ATOM   585  O  O   . SER A 1 84  ? 7.045   -6.523  -3.477  1.00 14.41 ? 72  SER A O   1 
ATOM   586  C  CB  A SER A 1 84  ? 6.302   -6.904  -0.295  0.65 12.26 ? 72  SER A CB  1 
ATOM   587  C  CB  B SER A 1 84  ? 6.269   -7.054  -0.293  0.35 11.73 ? 72  SER A CB  1 
ATOM   588  O  OG  A SER A 1 84  ? 6.826   -8.179  -0.045  0.65 14.21 ? 72  SER A OG  1 
ATOM   589  O  OG  B SER A 1 84  ? 7.587   -6.560  -0.343  0.35 9.49  ? 72  SER A OG  1 
ATOM   590  N  N   . ILE A 1 85  ? 6.292   -8.610  -3.116  1.00 11.40 ? 73  ILE A N   1 
ATOM   591  C  CA  . ILE A 1 85  ? 6.998   -9.176  -4.262  1.00 11.03 ? 73  ILE A CA  1 
ATOM   592  C  C   . ILE A 1 85  ? 6.318   -8.777  -5.576  1.00 10.73 ? 73  ILE A C   1 
ATOM   593  O  O   . ILE A 1 85  ? 6.948   -8.220  -6.463  1.00 9.53  ? 73  ILE A O   1 
ATOM   594  C  CB  . ILE A 1 85  ? 7.126   -10.692 -4.134  1.00 10.46 ? 73  ILE A CB  1 
ATOM   595  C  CG1 . ILE A 1 85  ? 7.985   -11.089 -2.910  1.00 11.22 ? 73  ILE A CG1 1 
ATOM   596  C  CG2 . ILE A 1 85  ? 7.784   -11.299 -5.358  1.00 10.42 ? 73  ILE A CG2 1 
ATOM   597  C  CD1 . ILE A 1 85  ? 7.741   -12.489 -2.430  1.00 10.71 ? 73  ILE A CD1 1 
ATOM   598  N  N   . ALA A 1 86  ? 5.020   -9.018  -5.691  1.00 9.73  ? 74  ALA A N   1 
ATOM   599  C  CA  . ALA A 1 86  ? 4.318   -8.797  -6.951  1.00 10.29 ? 74  ALA A CA  1 
ATOM   600  C  C   . ALA A 1 86  ? 4.320   -7.350  -7.415  1.00 10.70 ? 74  ALA A C   1 
ATOM   601  O  O   . ALA A 1 86  ? 4.551   -7.069  -8.594  1.00 10.88 ? 74  ALA A O   1 
ATOM   602  C  CB  . ALA A 1 86  ? 2.891   -9.319  -6.858  1.00 10.40 ? 74  ALA A CB  1 
ATOM   603  N  N   . ALA A 1 87  ? 4.095   -6.418  -6.485  1.00 10.70 ? 75  ALA A N   1 
ATOM   604  C  CA  . ALA A 1 87  ? 3.968   -5.011  -6.840  1.00 10.56 ? 75  ALA A CA  1 
ATOM   605  C  C   . ALA A 1 87  ? 5.307   -4.416  -7.241  1.00 10.11 ? 75  ALA A C   1 
ATOM   606  O  O   . ALA A 1 87  ? 5.358   -3.563  -8.118  1.00 10.54 ? 75  ALA A O   1 
ATOM   607  C  CB  . ALA A 1 87  ? 3.290   -4.203  -5.713  1.00 9.44  ? 75  ALA A CB  1 
ATOM   608  N  N   . ASN A 1 88  ? 6.384   -4.885  -6.628  1.00 9.40  ? 76  ASN A N   1 
ATOM   609  C  CA  . ASN A 1 88  ? 7.701   -4.324  -6.896  1.00 9.45  ? 76  ASN A CA  1 
ATOM   610  C  C   . ASN A 1 88  ? 8.357   -4.846  -8.188  1.00 9.82  ? 76  ASN A C   1 
ATOM   611  O  O   . ASN A 1 88  ? 9.478   -4.489  -8.534  1.00 9.96  ? 76  ASN A O   1 
ATOM   612  C  CB  . ASN A 1 88  ? 8.567   -4.525  -5.671  1.00 10.01 ? 76  ASN A CB  1 
ATOM   613  C  CG  . ASN A 1 88  ? 8.230   -3.525  -4.562  1.00 9.40  ? 76  ASN A CG  1 
ATOM   614  O  OD1 . ASN A 1 88  ? 8.073   -2.309  -4.837  1.00 9.35  ? 76  ASN A OD1 1 
ATOM   615  N  ND2 . ASN A 1 88  ? 8.142   -4.013  -3.331  1.00 8.90  ? 76  ASN A ND2 1 
ATOM   616  N  N   . ARG A 1 89  ? 7.631   -5.673  -8.935  1.00 10.39 ? 77  ARG A N   1 
ATOM   617  C  CA  . ARG A 1 89  ? 8.017   -6.069  -10.292 1.00 10.67 ? 77  ARG A CA  1 
ATOM   618  C  C   . ARG A 1 89  ? 8.011   -4.897  -11.267 1.00 11.52 ? 77  ARG A C   1 
ATOM   619  O  O   . ARG A 1 89  ? 8.641   -4.965  -12.313 1.00 11.38 ? 77  ARG A O   1 
ATOM   620  C  CB  . ARG A 1 89  ? 7.085   -7.159  -10.807 1.00 10.54 ? 77  ARG A CB  1 
ATOM   621  C  CG  . ARG A 1 89  ? 7.400   -8.534  -10.270 1.00 10.37 ? 77  ARG A CG  1 
ATOM   622  C  CD  . ARG A 1 89  ? 8.690   -9.107  -10.847 1.00 10.13 ? 77  ARG A CD  1 
ATOM   623  N  NE  . ARG A 1 89  ? 8.811   -10.519 -10.525 1.00 9.59  ? 77  ARG A NE  1 
ATOM   624  C  CZ  . ARG A 1 89  ? 9.298   -11.013 -9.377  1.00 10.56 ? 77  ARG A CZ  1 
ATOM   625  N  NH1 . ARG A 1 89  ? 9.730   -10.225 -8.404  1.00 8.48  ? 77  ARG A NH1 1 
ATOM   626  N  NH2 . ARG A 1 89  ? 9.338   -12.326 -9.211  1.00 11.14 ? 77  ARG A NH2 1 
ATOM   627  N  N   . TYR A 1 90  ? 7.293   -3.831  -10.915 1.00 11.88 ? 78  TYR A N   1 
ATOM   628  C  CA  . TYR A 1 90  ? 7.037   -2.733  -11.842 1.00 11.99 ? 78  TYR A CA  1 
ATOM   629  C  C   . TYR A 1 90  ? 7.915   -1.529  -11.567 1.00 12.03 ? 78  TYR A C   1 
ATOM   630  O  O   . TYR A 1 90  ? 7.931   -0.994  -10.445 1.00 10.59 ? 78  TYR A O   1 
ATOM   631  C  CB  . TYR A 1 90  ? 5.564   -2.352  -11.770 1.00 12.41 ? 78  TYR A CB  1 
ATOM   632  C  CG  . TYR A 1 90  ? 4.697   -3.500  -12.201 1.00 13.60 ? 78  TYR A CG  1 
ATOM   633  C  CD1 . TYR A 1 90  ? 4.428   -3.713  -13.546 1.00 17.06 ? 78  TYR A CD1 1 
ATOM   634  C  CD2 . TYR A 1 90  ? 4.184   -4.390  -11.270 1.00 14.58 ? 78  TYR A CD2 1 
ATOM   635  C  CE1 . TYR A 1 90  ? 3.692   -4.793  -13.941 1.00 19.69 ? 78  TYR A CE1 1 
ATOM   636  C  CE2 . TYR A 1 90  ? 3.432   -5.457  -11.647 1.00 16.98 ? 78  TYR A CE2 1 
ATOM   637  C  CZ  . TYR A 1 90  ? 3.199   -5.661  -12.982 1.00 19.46 ? 78  TYR A CZ  1 
ATOM   638  O  OH  . TYR A 1 90  ? 2.423   -6.692  -13.370 1.00 23.06 ? 78  TYR A OH  1 
ATOM   639  N  N   . ARG A 1 91  ? 8.630   -1.078  -12.585 1.00 11.87 ? 79  ARG A N   1 
ATOM   640  C  CA  . ARG A 1 91  ? 9.395   0.155   -12.453 1.00 13.35 ? 79  ARG A CA  1 
ATOM   641  C  C   . ARG A 1 91  ? 8.456   1.326   -12.097 1.00 12.47 ? 79  ARG A C   1 
ATOM   642  O  O   . ARG A 1 91  ? 7.316   1.431   -12.576 1.00 12.23 ? 79  ARG A O   1 
ATOM   643  C  CB  . ARG A 1 91  ? 10.209  0.441   -13.735 1.00 15.46 ? 79  ARG A CB  1 
ATOM   644  C  CG  . ARG A 1 91  ? 11.422  -0.541  -13.927 1.00 20.15 ? 79  ARG A CG  1 
ATOM   645  C  CD  . ARG A 1 91  ? 12.166  -0.356  -15.267 1.00 23.52 ? 79  ARG A CD  1 
ATOM   646  N  NE  . ARG A 1 91  ? 12.905  0.906   -15.348 1.00 28.84 ? 79  ARG A NE  1 
ATOM   647  C  CZ  . ARG A 1 91  ? 12.449  2.033   -15.921 1.00 33.05 ? 79  ARG A CZ  1 
ATOM   648  N  NH1 . ARG A 1 91  ? 11.236  2.093   -16.478 1.00 35.54 ? 79  ARG A NH1 1 
ATOM   649  N  NH2 . ARG A 1 91  ? 13.207  3.118   -15.924 1.00 30.67 ? 79  ARG A NH2 1 
ATOM   650  N  N   . GLY A 1 92  ? 8.910   2.161   -11.184 1.00 12.13 ? 80  GLY A N   1 
ATOM   651  C  CA  . GLY A 1 92  ? 8.112   3.258   -10.689 1.00 12.46 ? 80  GLY A CA  1 
ATOM   652  C  C   . GLY A 1 92  ? 7.319   2.945   -9.451  1.00 12.41 ? 80  GLY A C   1 
ATOM   653  O  O   . GLY A 1 92  ? 6.731   3.858   -8.883  1.00 12.65 ? 80  GLY A O   1 
ATOM   654  N  N   . ILE A 1 93  ? 7.230   1.670   -9.067  1.00 11.34 ? 81  ILE A N   1 
ATOM   655  C  CA  . ILE A 1 93  ? 6.485   1.268   -7.888  1.00 11.14 ? 81  ILE A CA  1 
ATOM   656  C  C   . ILE A 1 93  ? 7.441   1.002   -6.763  1.00 11.32 ? 81  ILE A C   1 
ATOM   657  O  O   . ILE A 1 93  ? 8.437   0.297   -6.933  1.00 10.84 ? 81  ILE A O   1 
ATOM   658  C  CB  . ILE A 1 93  ? 5.631   -0.017  -8.174  1.00 11.37 ? 81  ILE A CB  1 
ATOM   659  C  CG1 . ILE A 1 93  ? 4.616   0.256   -9.287  1.00 12.55 ? 81  ILE A CG1 1 
ATOM   660  C  CG2 . ILE A 1 93  ? 4.991   -0.564  -6.873  1.00 11.23 ? 81  ILE A CG2 1 
ATOM   661  C  CD1 . ILE A 1 93  ? 3.537   1.323   -8.961  1.00 14.40 ? 81  ILE A CD1 1 
ATOM   662  N  N   . ARG A 1 94  ? 7.156   1.588   -5.604  1.00 11.46 ? 82  ARG A N   1 
ATOM   663  C  CA  . ARG A 1 94  ? 7.933   1.340   -4.386  1.00 10.42 ? 82  ARG A CA  1 
ATOM   664  C  C   . ARG A 1 94  ? 6.926   0.943   -3.301  1.00 10.84 ? 82  ARG A C   1 
ATOM   665  O  O   . ARG A 1 94  ? 6.311   1.772   -2.652  1.00 9.70  ? 82  ARG A O   1 
ATOM   666  C  CB  . ARG A 1 94  ? 8.766   2.566   -4.065  1.00 11.64 ? 82  ARG A CB  1 
ATOM   667  C  CG  . ARG A 1 94  ? 9.886   2.831   -5.095  1.00 11.80 ? 82  ARG A CG  1 
ATOM   668  C  CD  . ARG A 1 94  ? 10.734  4.071   -4.818  1.00 12.31 ? 82  ARG A CD  1 
ATOM   669  N  NE  . ARG A 1 94  ? 9.871   5.229   -4.817  1.00 11.75 ? 82  ARG A NE  1 
ATOM   670  C  CZ  . ARG A 1 94  ? 9.403   5.851   -5.889  1.00 12.70 ? 82  ARG A CZ  1 
ATOM   671  N  NH1 . ARG A 1 94  ? 9.766   5.512   -7.102  1.00 11.63 ? 82  ARG A NH1 1 
ATOM   672  N  NH2 . ARG A 1 94  ? 8.516   6.817   -5.725  1.00 13.48 ? 82  ARG A NH2 1 
ATOM   673  N  N   . ALA A 1 95  ? 6.711   -0.374  -3.196  1.00 11.02 ? 83  ALA A N   1 
ATOM   674  C  CA  . ALA A 1 95  ? 5.755   -0.961  -2.296  1.00 10.56 ? 83  ALA A CA  1 
ATOM   675  C  C   . ALA A 1 95  ? 6.451   -1.443  -1.033  1.00 11.02 ? 83  ALA A C   1 
ATOM   676  O  O   . ALA A 1 95  ? 7.368   -2.304  -1.085  1.00 10.76 ? 83  ALA A O   1 
ATOM   677  C  CB  . ALA A 1 95  ? 5.029   -2.113  -2.990  1.00 10.35 ? 83  ALA A CB  1 
ATOM   678  N  N   . ALA A 1 96  ? 6.005   -0.919  0.113   1.00 11.25 ? 84  ALA A N   1 
ATOM   679  C  CA  . ALA A 1 96  ? 6.691   -1.119  1.389   1.00 11.83 ? 84  ALA A CA  1 
ATOM   680  C  C   . ALA A 1 96  ? 5.817   -1.893  2.379   1.00 11.94 ? 84  ALA A C   1 
ATOM   681  O  O   . ALA A 1 96  ? 4.784   -1.402  2.831   1.00 11.88 ? 84  ALA A O   1 
ATOM   682  C  CB  . ALA A 1 96  ? 7.079   0.229   2.007   1.00 12.57 ? 84  ALA A CB  1 
ATOM   683  N  N   . LEU A 1 97  ? 6.288   -3.069  2.753   1.00 11.70 ? 85  LEU A N   1 
ATOM   684  C  CA  . LEU A 1 97  ? 5.663   -3.941  3.755   1.00 11.64 ? 85  LEU A CA  1 
ATOM   685  C  C   . LEU A 1 97  ? 6.021   -3.375  5.144   1.00 12.61 ? 85  LEU A C   1 
ATOM   686  O  O   . LEU A 1 97  ? 7.192   -3.417  5.570   1.00 12.61 ? 85  LEU A O   1 
ATOM   687  C  CB  . LEU A 1 97  ? 6.193   -5.365  3.565   1.00 12.18 ? 85  LEU A CB  1 
ATOM   688  C  CG  . LEU A 1 97  ? 5.734   -6.449  4.537   1.00 16.27 ? 85  LEU A CG  1 
ATOM   689  C  CD1 . LEU A 1 97  ? 4.261   -6.420  4.730   1.00 20.40 ? 85  LEU A CD1 1 
ATOM   690  C  CD2 . LEU A 1 97  ? 6.215   -7.850  4.115   1.00 17.68 ? 85  LEU A CD2 1 
ATOM   691  N  N   . CYS A 1 98  ? 5.035   -2.819  5.833   1.00 12.37 ? 86  CYS A N   1 
ATOM   692  C  CA  . CYS A 1 98  ? 5.251   -2.154  7.109   1.00 13.25 ? 86  CYS A CA  1 
ATOM   693  C  C   . CYS A 1 98  ? 4.449   -2.820  8.199   1.00 13.71 ? 86  CYS A C   1 
ATOM   694  O  O   . CYS A 1 98  ? 3.214   -2.962  8.082   1.00 13.66 ? 86  CYS A O   1 
ATOM   695  C  CB  . CYS A 1 98  ? 4.847   -0.684  6.999   1.00 13.73 ? 86  CYS A CB  1 
ATOM   696  S  SG  . CYS A 1 98  ? 5.774   0.274   5.760   1.00 14.62 ? 86  CYS A SG  1 
ATOM   697  N  N   . LEU A 1 99  ? 5.135   -3.221  9.261   1.00 13.78 ? 87  LEU A N   1 
ATOM   698  C  CA  . LEU A 1 99  ? 4.482   -3.909  10.381  1.00 14.24 ? 87  LEU A CA  1 
ATOM   699  C  C   . LEU A 1 99  ? 4.234   -3.012  11.584  1.00 13.02 ? 87  LEU A C   1 
ATOM   700  O  O   . LEU A 1 99  ? 3.563   -3.400  12.547  1.00 12.30 ? 87  LEU A O   1 
ATOM   701  C  CB  A LEU A 1 99  ? 5.297   -5.123  10.807  0.65 14.81 ? 87  LEU A CB  1 
ATOM   702  C  CB  B LEU A 1 99  ? 5.327   -5.132  10.795  0.35 14.21 ? 87  LEU A CB  1 
ATOM   703  C  CG  A LEU A 1 99  ? 4.741   -6.430  10.238  0.65 18.53 ? 87  LEU A CG  1 
ATOM   704  C  CG  B LEU A 1 99  ? 5.674   -6.285  9.808   0.35 15.39 ? 87  LEU A CG  1 
ATOM   705  C  CD1 A LEU A 1 99  ? 4.824   -6.408  8.703   0.65 17.29 ? 87  LEU A CD1 1 
ATOM   706  C  CD1 B LEU A 1 99  ? 4.544   -7.347  9.697   0.35 16.08 ? 87  LEU A CD1 1 
ATOM   707  C  CD2 A LEU A 1 99  ? 5.502   -7.631  10.840  0.65 21.34 ? 87  LEU A CD2 1 
ATOM   708  C  CD2 B LEU A 1 99  ? 6.091   -5.830  8.425   0.35 15.31 ? 87  LEU A CD2 1 
ATOM   709  N  N   . PHE A 1 100 ? 4.848   -1.836  11.584  1.00 12.10 ? 88  PHE A N   1 
ATOM   710  C  CA  . PHE A 1 100 ? 4.608   -0.830  12.639  1.00 11.57 ? 88  PHE A CA  1 
ATOM   711  C  C   . PHE A 1 100 ? 4.875   0.597   12.062  1.00 11.79 ? 88  PHE A C   1 
ATOM   712  O  O   . PHE A 1 100 ? 5.517   0.724   10.996  1.00 10.68 ? 88  PHE A O   1 
ATOM   713  C  CB  . PHE A 1 100 ? 5.378   -1.130  13.961  1.00 11.35 ? 88  PHE A CB  1 
ATOM   714  C  CG  . PHE A 1 100 ? 6.883   -1.268  13.804  1.00 11.49 ? 88  PHE A CG  1 
ATOM   715  C  CD1 . PHE A 1 100 ? 7.449   -2.487  13.475  1.00 13.87 ? 88  PHE A CD1 1 
ATOM   716  C  CD2 . PHE A 1 100 ? 7.728   -0.176  14.018  1.00 10.22 ? 88  PHE A CD2 1 
ATOM   717  C  CE1 . PHE A 1 100 ? 8.834   -2.608  13.334  1.00 14.06 ? 88  PHE A CE1 1 
ATOM   718  C  CE2 . PHE A 1 100 ? 9.074   -0.295  13.896  1.00 11.76 ? 88  PHE A CE2 1 
ATOM   719  C  CZ  . PHE A 1 100 ? 9.631   -1.492  13.533  1.00 11.34 ? 88  PHE A CZ  1 
ATOM   720  N  N   . PRO A 1 101 ? 4.328   1.638   12.697  1.00 11.23 ? 89  PRO A N   1 
ATOM   721  C  CA  . PRO A 1 101 ? 4.365   2.991   12.124  1.00 12.10 ? 89  PRO A CA  1 
ATOM   722  C  C   . PRO A 1 101 ? 5.719   3.551   11.715  1.00 12.43 ? 89  PRO A C   1 
ATOM   723  O  O   . PRO A 1 101 ? 5.793   4.189   10.653  1.00 12.46 ? 89  PRO A O   1 
ATOM   724  C  CB  . PRO A 1 101 ? 3.670   3.819   13.187  1.00 12.25 ? 89  PRO A CB  1 
ATOM   725  C  CG  . PRO A 1 101 ? 2.682   2.834   13.797  1.00 12.63 ? 89  PRO A CG  1 
ATOM   726  C  CD  . PRO A 1 101 ? 3.504   1.611   13.930  1.00 11.98 ? 89  PRO A CD  1 
ATOM   727  N  N   . ASP A 1 102 ? 6.770   3.330   12.485  1.00 12.78 ? 90  ASP A N   1 
ATOM   728  C  CA  . ASP A 1 102 ? 8.100   3.789   12.073  1.00 13.70 ? 90  ASP A CA  1 
ATOM   729  C  C   . ASP A 1 102 ? 8.568   3.215   10.762  1.00 13.12 ? 90  ASP A C   1 
ATOM   730  O  O   . ASP A 1 102 ? 9.319   3.878   10.029  1.00 12.44 ? 90  ASP A O   1 
ATOM   731  C  CB  . ASP A 1 102 ? 9.156   3.526   13.122  1.00 14.60 ? 90  ASP A CB  1 
ATOM   732  C  CG  . ASP A 1 102 ? 8.963   4.392   14.346  1.00 21.23 ? 90  ASP A CG  1 
ATOM   733  O  OD1 . ASP A 1 102 ? 8.101   4.025   15.184  1.00 23.49 ? 90  ASP A OD1 1 
ATOM   734  O  OD2 . ASP A 1 102 ? 9.581   5.470   14.504  1.00 27.20 ? 90  ASP A OD2 1 
HETATM 735  N  N   . MSE A 1 103 ? 8.136   2.003   10.419  1.00 11.45 ? 91  MSE A N   1 
HETATM 736  C  CA  . MSE A 1 103 ? 8.477   1.489   9.118   1.00 11.42 ? 91  MSE A CA  1 
HETATM 737  C  C   . MSE A 1 103 ? 7.823   2.290   7.987   1.00 11.75 ? 91  MSE A C   1 
HETATM 738  O  O   . MSE A 1 103 ? 8.471   2.558   6.963   1.00 12.08 ? 91  MSE A O   1 
HETATM 739  C  CB  . MSE A 1 103 ? 8.154   -0.004  9.025   1.00 11.21 ? 91  MSE A CB  1 
HETATM 740  C  CG  . MSE A 1 103 ? 9.044   -0.842  9.897   1.00 12.13 ? 91  MSE A CG  1 
HETATM 741  SE SE  . MSE A 1 103 ? 8.733   -2.787  9.613   1.00 18.35 ? 91  MSE A SE  1 
HETATM 742  C  CE  . MSE A 1 103 ? 9.593   -3.006  7.882   1.00 14.62 ? 91  MSE A CE  1 
ATOM   743  N  N   . ALA A 1 104 ? 6.555   2.664   8.174   1.00 11.49 ? 92  ALA A N   1 
ATOM   744  C  CA  . ALA A 1 104 ? 5.845   3.483   7.215   1.00 11.42 ? 92  ALA A CA  1 
ATOM   745  C  C   . ALA A 1 104 ? 6.481   4.859   7.141   1.00 11.26 ? 92  ALA A C   1 
ATOM   746  O  O   . ALA A 1 104 ? 6.575   5.427   6.054   1.00 11.71 ? 92  ALA A O   1 
ATOM   747  C  CB  . ALA A 1 104 ? 4.358   3.621   7.576   1.00 11.83 ? 92  ALA A CB  1 
ATOM   748  N  N   . ARG A 1 105 ? 6.885   5.410   8.285   1.00 10.16 ? 93  ARG A N   1 
ATOM   749  C  CA  . ARG A 1 105 ? 7.568   6.693   8.296   1.00 10.75 ? 93  ARG A CA  1 
ATOM   750  C  C   . ARG A 1 105 ? 8.827   6.631   7.396   1.00 10.01 ? 93  ARG A C   1 
ATOM   751  O  O   . ARG A 1 105 ? 9.020   7.464   6.540   1.00 10.08 ? 93  ARG A O   1 
ATOM   752  C  CB  . ARG A 1 105 ? 7.918   7.126   9.728   1.00 10.51 ? 93  ARG A CB  1 
ATOM   753  C  CG  . ARG A 1 105 ? 8.820   8.364   9.828   1.00 13.88 ? 93  ARG A CG  1 
ATOM   754  C  CD  . ARG A 1 105 ? 9.133   8.744   11.249  1.00 16.52 ? 93  ARG A CD  1 
ATOM   755  N  NE  . ARG A 1 105 ? 9.910   7.717   11.971  1.00 20.97 ? 93  ARG A NE  1 
ATOM   756  C  CZ  . ARG A 1 105 ? 11.247  7.518   11.890  1.00 24.93 ? 93  ARG A CZ  1 
ATOM   757  N  NH1 . ARG A 1 105 ? 11.999  8.261   11.088  1.00 24.99 ? 93  ARG A NH1 1 
ATOM   758  N  NH2 . ARG A 1 105 ? 11.833  6.562   12.631  1.00 24.29 ? 93  ARG A NH2 1 
ATOM   759  N  N   . LEU A 1 106 ? 9.676   5.636   7.606   1.00 10.81 ? 94  LEU A N   1 
ATOM   760  C  CA  . LEU A 1 106 ? 10.888  5.507   6.836   1.00 11.20 ? 94  LEU A CA  1 
ATOM   761  C  C   . LEU A 1 106 ? 10.612  5.130   5.372   1.00 10.69 ? 94  LEU A C   1 
ATOM   762  O  O   . LEU A 1 106 ? 11.285  5.606   4.485   1.00 10.14 ? 94  LEU A O   1 
ATOM   763  C  CB  . LEU A 1 106 ? 11.868  4.530   7.520   1.00 13.36 ? 94  LEU A CB  1 
ATOM   764  C  CG  . LEU A 1 106 ? 12.523  5.055   8.816   1.00 14.58 ? 94  LEU A CG  1 
ATOM   765  C  CD1 . LEU A 1 106 ? 13.304  4.006   9.505   1.00 19.58 ? 94  LEU A CD1 1 
ATOM   766  C  CD2 . LEU A 1 106 ? 13.389  6.247   8.535   1.00 17.90 ? 94  LEU A CD2 1 
ATOM   767  N  N   . ALA A 1 107 ? 9.600   4.313   5.116   1.00 10.27 ? 95  ALA A N   1 
ATOM   768  C  CA  . ALA A 1 107 ? 9.215   3.977   3.758   1.00 10.44 ? 95  ALA A CA  1 
ATOM   769  C  C   . ALA A 1 107 ? 8.958   5.262   2.943   1.00 10.30 ? 95  ALA A C   1 
ATOM   770  O  O   . ALA A 1 107 ? 9.346   5.347   1.780   1.00 9.32  ? 95  ALA A O   1 
ATOM   771  C  CB  . ALA A 1 107 ? 7.978   3.075   3.741   1.00 10.56 ? 95  ALA A CB  1 
ATOM   772  N  N   . ARG A 1 108 ? 8.325   6.248   3.574   1.00 9.59  ? 96  ARG A N   1 
ATOM   773  C  CA  . ARG A 1 108 ? 8.039   7.522   2.950   1.00 10.01 ? 96  ARG A CA  1 
ATOM   774  C  C   . ARG A 1 108 ? 9.235   8.461   2.905   1.00 10.22 ? 96  ARG A C   1 
ATOM   775  O  O   . ARG A 1 108 ? 9.584   8.976   1.850   1.00 10.09 ? 96  ARG A O   1 
ATOM   776  C  CB  . ARG A 1 108 ? 6.881   8.178   3.695   1.00 10.32 ? 96  ARG A CB  1 
ATOM   777  C  CG  . ARG A 1 108 ? 5.533   7.422   3.510   1.00 11.16 ? 96  ARG A CG  1 
ATOM   778  C  CD  . ARG A 1 108 ? 4.886   7.514   2.106   1.00 11.64 ? 96  ARG A CD  1 
ATOM   779  N  NE  . ARG A 1 108 ? 4.862   8.907   1.725   1.00 10.92 ? 96  ARG A NE  1 
ATOM   780  C  CZ  . ARG A 1 108 ? 5.412   9.471   0.670   1.00 10.91 ? 96  ARG A CZ  1 
ATOM   781  N  NH1 . ARG A 1 108 ? 5.969   8.774   -0.297  1.00 12.44 ? 96  ARG A NH1 1 
ATOM   782  N  NH2 . ARG A 1 108 ? 5.406   10.786  0.609   1.00 10.64 ? 96  ARG A NH2 1 
ATOM   783  N  N   . SER A 1 109 ? 9.875   8.645   4.062   1.00 10.67 ? 97  SER A N   1 
ATOM   784  C  CA  . SER A 1 109 ? 11.007  9.570   4.256   1.00 11.36 ? 97  SER A CA  1 
ATOM   785  C  C   . SER A 1 109 ? 12.197  9.203   3.394   1.00 11.50 ? 97  SER A C   1 
ATOM   786  O  O   . SER A 1 109 ? 12.815  10.092  2.779   1.00 10.26 ? 97  SER A O   1 
ATOM   787  C  CB  . SER A 1 109 ? 11.489  9.554   5.717   1.00 11.19 ? 97  SER A CB  1 
ATOM   788  O  OG  . SER A 1 109 ? 10.519  10.182  6.500   1.00 16.58 ? 97  SER A OG  1 
ATOM   789  N  N   . HIS A 1 110 ? 12.521  7.898   3.386   1.00 10.95 ? 98  HIS A N   1 
ATOM   790  C  CA  . HIS A 1 110 ? 13.699  7.394   2.691   1.00 11.07 ? 98  HIS A CA  1 
ATOM   791  C  C   . HIS A 1 110 ? 13.437  6.740   1.348   1.00 11.39 ? 98  HIS A C   1 
ATOM   792  O  O   . HIS A 1 110 ? 14.243  6.877   0.431   1.00 12.80 ? 98  HIS A O   1 
ATOM   793  C  CB  . HIS A 1 110 ? 14.460  6.434   3.618   1.00 10.61 ? 98  HIS A CB  1 
ATOM   794  C  CG  . HIS A 1 110 ? 14.992  7.084   4.851   1.00 10.90 ? 98  HIS A CG  1 
ATOM   795  N  ND1 . HIS A 1 110 ? 15.837  6.435   5.726   1.00 13.41 ? 98  HIS A ND1 1 
ATOM   796  C  CD2 . HIS A 1 110 ? 14.856  8.348   5.327   1.00 12.54 ? 98  HIS A CD2 1 
ATOM   797  C  CE1 . HIS A 1 110 ? 16.177  7.264   6.698   1.00 13.97 ? 98  HIS A CE1 1 
ATOM   798  N  NE2 . HIS A 1 110 ? 15.589  8.429   6.481   1.00 11.33 ? 98  HIS A NE2 1 
ATOM   799  N  N   . ASN A 1 111 ? 12.335  6.009   1.211   1.00 11.99 ? 99  ASN A N   1 
ATOM   800  C  CA  . ASN A 1 111 ? 12.092  5.250   -0.014  1.00 12.22 ? 99  ASN A CA  1 
ATOM   801  C  C   . ASN A 1 111 ? 11.044  5.884   -0.938  1.00 11.77 ? 99  ASN A C   1 
ATOM   802  O  O   . ASN A 1 111 ? 10.750  5.320   -1.991  1.00 11.47 ? 99  ASN A O   1 
ATOM   803  C  CB  . ASN A 1 111 ? 11.710  3.795   0.299   1.00 11.23 ? 99  ASN A CB  1 
ATOM   804  C  CG  . ASN A 1 111 ? 12.682  3.110   1.251   1.00 14.83 ? 99  ASN A CG  1 
ATOM   805  O  OD1 . ASN A 1 111 ? 13.785  2.664   0.861   1.00 16.20 ? 99  ASN A OD1 1 
ATOM   806  N  ND2 . ASN A 1 111 ? 12.287  3.010   2.484   1.00 9.30  ? 99  ASN A ND2 1 
ATOM   807  N  N   . ASN A 1 112 ? 10.474  7.027   -0.518  1.00 12.06 ? 100 ASN A N   1 
ATOM   808  C  CA  . ASN A 1 112 ? 9.377   7.702   -1.239  1.00 10.96 ? 100 ASN A CA  1 
ATOM   809  C  C   . ASN A 1 112 ? 8.345   6.668   -1.687  1.00 11.01 ? 100 ASN A C   1 
ATOM   810  O  O   . ASN A 1 112 ? 7.886   6.659   -2.825  1.00 11.04 ? 100 ASN A O   1 
ATOM   811  C  CB  . ASN A 1 112 ? 9.910   8.481   -2.466  1.00 11.65 ? 100 ASN A CB  1 
ATOM   812  C  CG  . ASN A 1 112 ? 8.916   9.489   -2.995  1.00 13.49 ? 100 ASN A CG  1 
ATOM   813  O  OD1 . ASN A 1 112 ? 7.948   9.812   -2.292  1.00 13.76 ? 100 ASN A OD1 1 
ATOM   814  N  ND2 . ASN A 1 112 ? 9.144   10.013  -4.220  1.00 10.05 ? 100 ASN A ND2 1 
ATOM   815  N  N   . ALA A 1 113 ? 7.952   5.794   -0.771  1.00 11.04 ? 101 ALA A N   1 
ATOM   816  C  CA  . ALA A 1 113 ? 7.091   4.687   -1.110  1.00 11.09 ? 101 ALA A CA  1 
ATOM   817  C  C   . ALA A 1 113 ? 5.747   5.192   -1.600  1.00 10.97 ? 101 ALA A C   1 
ATOM   818  O  O   . ALA A 1 113 ? 5.178   6.155   -1.056  1.00 11.73 ? 101 ALA A O   1 
ATOM   819  C  CB  . ALA A 1 113 ? 6.941   3.791   0.060   1.00 10.97 ? 101 ALA A CB  1 
ATOM   820  N  N   . ASN A 1 114 ? 5.216   4.531   -2.626  1.00 11.96 ? 102 ASN A N   1 
ATOM   821  C  CA  . ASN A 1 114 ? 3.912   4.915   -3.160  1.00 11.39 ? 102 ASN A CA  1 
ATOM   822  C  C   . ASN A 1 114 ? 2.839   3.847   -2.963  1.00 11.90 ? 102 ASN A C   1 
ATOM   823  O  O   . ASN A 1 114 ? 1.679   4.092   -3.197  1.00 10.96 ? 102 ASN A O   1 
ATOM   824  C  CB  . ASN A 1 114 ? 4.026   5.422   -4.605  1.00 12.32 ? 102 ASN A CB  1 
ATOM   825  C  CG  . ASN A 1 114 ? 4.736   4.459   -5.546  1.00 12.04 ? 102 ASN A CG  1 
ATOM   826  O  OD1 . ASN A 1 114 ? 4.858   3.275   -5.267  1.00 9.55  ? 102 ASN A OD1 1 
ATOM   827  N  ND2 . ASN A 1 114 ? 5.133   4.970   -6.710  1.00 11.03 ? 102 ASN A ND2 1 
ATOM   828  N  N   . ILE A 1 115 ? 3.241   2.693   -2.453  1.00 11.62 ? 103 ILE A N   1 
ATOM   829  C  CA  . ILE A 1 115 ? 2.314   1.652   -2.027  1.00 11.25 ? 103 ILE A CA  1 
ATOM   830  C  C   . ILE A 1 115 ? 2.698   1.141   -0.660  1.00 11.26 ? 103 ILE A C   1 
ATOM   831  O  O   . ILE A 1 115 ? 3.851   0.803   -0.407  1.00 11.89 ? 103 ILE A O   1 
ATOM   832  C  CB  . ILE A 1 115 ? 2.219   0.450   -3.036  1.00 10.94 ? 103 ILE A CB  1 
ATOM   833  C  CG1 . ILE A 1 115 ? 1.701   0.910   -4.403  1.00 11.24 ? 103 ILE A CG1 1 
ATOM   834  C  CG2 . ILE A 1 115 ? 1.324   -0.635  -2.478  1.00 11.50 ? 103 ILE A CG2 1 
ATOM   835  C  CD1 . ILE A 1 115 ? 1.463   -0.211  -5.385  1.00 12.32 ? 103 ILE A CD1 1 
ATOM   836  N  N   . LEU A 1 116 ? 1.711   1.116   0.220   1.00 10.61 ? 104 LEU A N   1 
ATOM   837  C  CA  . LEU A 1 116 ? 1.822   0.546   1.550   1.00 10.67 ? 104 LEU A CA  1 
ATOM   838  C  C   . LEU A 1 116 ? 1.303   -0.896  1.494   1.00 10.59 ? 104 LEU A C   1 
ATOM   839  O  O   . LEU A 1 116 ? 0.210   -1.141  1.032   1.00 10.38 ? 104 LEU A O   1 
ATOM   840  C  CB  . LEU A 1 116 ? 1.008   1.353   2.561   1.00 10.53 ? 104 LEU A CB  1 
ATOM   841  C  CG  . LEU A 1 116 ? 0.755   0.722   3.939   1.00 10.03 ? 104 LEU A CG  1 
ATOM   842  C  CD1 . LEU A 1 116 ? 2.080   0.555   4.632   1.00 10.88 ? 104 LEU A CD1 1 
ATOM   843  C  CD2 . LEU A 1 116 ? -0.189  1.566   4.755   1.00 11.23 ? 104 LEU A CD2 1 
ATOM   844  N  N   . VAL A 1 117 ? 2.090   -1.829  1.988   1.00 10.23 ? 105 VAL A N   1 
ATOM   845  C  CA  . VAL A 1 117 ? 1.656   -3.199  2.055   1.00 10.80 ? 105 VAL A CA  1 
ATOM   846  C  C   . VAL A 1 117 ? 1.480   -3.584  3.524   1.00 11.03 ? 105 VAL A C   1 
ATOM   847  O  O   . VAL A 1 117 ? 2.389   -3.375  4.357   1.00 11.38 ? 105 VAL A O   1 
ATOM   848  C  CB  . VAL A 1 117 ? 2.682   -4.163  1.350   1.00 9.82  ? 105 VAL A CB  1 
ATOM   849  C  CG1 . VAL A 1 117 ? 2.246   -5.616  1.490   1.00 9.74  ? 105 VAL A CG1 1 
ATOM   850  C  CG2 . VAL A 1 117 ? 2.901   -3.772  -0.110  1.00 12.30 ? 105 VAL A CG2 1 
ATOM   851  N  N   . LEU A 1 118 ? 0.348   -4.200  3.814   1.00 11.64 ? 106 LEU A N   1 
ATOM   852  C  CA  . LEU A 1 118 ? -0.005  -4.617  5.146   1.00 13.09 ? 106 LEU A CA  1 
ATOM   853  C  C   . LEU A 1 118 ? -0.303  -6.108  5.210   1.00 13.65 ? 106 LEU A C   1 
ATOM   854  O  O   . LEU A 1 118 ? -0.909  -6.663  4.316   1.00 12.41 ? 106 LEU A O   1 
ATOM   855  C  CB  . LEU A 1 118 ? -1.259  -3.877  5.626   1.00 13.35 ? 106 LEU A CB  1 
ATOM   856  C  CG  . LEU A 1 118 ? -1.192  -2.369  5.697   1.00 14.36 ? 106 LEU A CG  1 
ATOM   857  C  CD1 . LEU A 1 118 ? -2.581  -1.777  5.899   1.00 13.19 ? 106 LEU A CD1 1 
ATOM   858  C  CD2 . LEU A 1 118 ? -0.263  -1.950  6.809   1.00 15.02 ? 106 LEU A CD2 1 
ATOM   859  N  N   . PRO A 1 119 ? 0.110   -6.741  6.297   1.00 15.14 ? 107 PRO A N   1 
ATOM   860  C  CA  . PRO A 1 119 ? -0.207  -8.141  6.545   1.00 16.06 ? 107 PRO A CA  1 
ATOM   861  C  C   . PRO A 1 119 ? -1.552  -8.372  7.261   1.00 16.52 ? 107 PRO A C   1 
ATOM   862  O  O   . PRO A 1 119 ? -1.658  -8.257  8.509   1.00 18.28 ? 107 PRO A O   1 
ATOM   863  C  CB  . PRO A 1 119 ? 0.916   -8.581  7.433   1.00 16.37 ? 107 PRO A CB  1 
ATOM   864  C  CG  . PRO A 1 119 ? 1.252   -7.399  8.205   1.00 16.67 ? 107 PRO A CG  1 
ATOM   865  C  CD  . PRO A 1 119 ? 0.961   -6.187  7.347   1.00 15.94 ? 107 PRO A CD  1 
ATOM   866  N  N   . GLY A 1 120 ? -2.530  -8.811  6.489   1.00 16.10 ? 108 GLY A N   1 
ATOM   867  C  CA  . GLY A 1 120 ? -3.911  -8.944  6.931   1.00 16.63 ? 108 GLY A CA  1 
ATOM   868  C  C   . GLY A 1 120 ? -4.196  -9.943  7.998   1.00 17.00 ? 108 GLY A C   1 
ATOM   869  O  O   . GLY A 1 120 ? -5.185  -9.827  8.668   1.00 19.04 ? 108 GLY A O   1 
ATOM   870  N  N   . ARG A 1 121 ? -3.349  -10.947 8.176   1.00 17.54 ? 109 ARG A N   1 
ATOM   871  C  CA  . ARG A 1 121 ? -3.508  -11.907 9.261   1.00 17.45 ? 109 ARG A CA  1 
ATOM   872  C  C   . ARG A 1 121 ? -2.583  -11.700 10.440  1.00 15.74 ? 109 ARG A C   1 
ATOM   873  O  O   . ARG A 1 121 ? -2.697  -12.424 11.421  1.00 16.29 ? 109 ARG A O   1 
ATOM   874  C  CB  . ARG A 1 121 ? -3.234  -13.315 8.747   1.00 18.91 ? 109 ARG A CB  1 
ATOM   875  C  CG  . ARG A 1 121 ? -4.097  -13.746 7.628   1.00 24.94 ? 109 ARG A CG  1 
ATOM   876  C  CD  . ARG A 1 121 ? -5.547  -13.742 7.914   1.00 33.86 ? 109 ARG A CD  1 
ATOM   877  N  NE  . ARG A 1 121 ? -6.153  -14.878 7.236   1.00 40.15 ? 109 ARG A NE  1 
ATOM   878  C  CZ  . ARG A 1 121 ? -7.434  -15.146 7.256   1.00 47.62 ? 109 ARG A CZ  1 
ATOM   879  N  NH1 . ARG A 1 121 ? -8.279  -14.354 7.936   1.00 50.16 ? 109 ARG A NH1 1 
ATOM   880  N  NH2 . ARG A 1 121 ? -7.874  -16.219 6.594   1.00 49.11 ? 109 ARG A NH2 1 
ATOM   881  N  N   . LEU A 1 122 ? -1.621  -10.795 10.320  1.00 14.19 ? 110 LEU A N   1 
ATOM   882  C  CA  . LEU A 1 122 ? -0.582  -10.644 11.303  1.00 14.21 ? 110 LEU A CA  1 
ATOM   883  C  C   . LEU A 1 122 ? -0.818  -9.451  12.242  1.00 14.45 ? 110 LEU A C   1 
ATOM   884  O  O   . LEU A 1 122 ? -0.467  -9.537  13.410  1.00 14.19 ? 110 LEU A O   1 
ATOM   885  C  CB  . LEU A 1 122 ? 0.778   -10.498 10.654  1.00 14.27 ? 110 LEU A CB  1 
ATOM   886  C  CG  . LEU A 1 122 ? 1.281   -11.642 9.769   1.00 14.86 ? 110 LEU A CG  1 
ATOM   887  C  CD1 . LEU A 1 122 ? 2.677   -11.281 9.322   1.00 15.87 ? 110 LEU A CD1 1 
ATOM   888  C  CD2 . LEU A 1 122 ? 1.242   -12.984 10.418  1.00 15.52 ? 110 LEU A CD2 1 
ATOM   889  N  N   . ILE A 1 123 ? -1.371  -8.344  11.733  1.00 13.34 ? 111 ILE A N   1 
ATOM   890  C  CA  . ILE A 1 123 ? -1.569  -7.166  12.550  1.00 13.68 ? 111 ILE A CA  1 
ATOM   891  C  C   . ILE A 1 123 ? -3.034  -6.886  12.843  1.00 12.16 ? 111 ILE A C   1 
ATOM   892  O  O   . ILE A 1 123 ? -3.942  -7.268  12.112  1.00 11.68 ? 111 ILE A O   1 
ATOM   893  C  CB  . ILE A 1 123 ? -0.912  -5.870  11.980  1.00 13.67 ? 111 ILE A CB  1 
ATOM   894  C  CG1 . ILE A 1 123 ? -1.515  -5.479  10.637  1.00 15.65 ? 111 ILE A CG1 1 
ATOM   895  C  CG2 . ILE A 1 123 ? 0.623   -6.006  11.942  1.00 18.95 ? 111 ILE A CG2 1 
ATOM   896  C  CD1 . ILE A 1 123 ? -1.008  -4.044  10.209  1.00 17.72 ? 111 ILE A CD1 1 
ATOM   897  N  N   . GLY A 1 124 ? -3.217  -6.158  13.925  1.00 11.12 ? 112 GLY A N   1 
ATOM   898  C  CA  . GLY A 1 124 ? -4.509  -5.675  14.350  1.00 10.96 ? 112 GLY A CA  1 
ATOM   899  C  C   . GLY A 1 124 ? -4.904  -4.448  13.574  1.00 11.08 ? 112 GLY A C   1 
ATOM   900  O  O   . GLY A 1 124 ? -4.079  -3.690  13.087  1.00 10.26 ? 112 GLY A O   1 
ATOM   901  N  N   . ALA A 1 125 ? -6.193  -4.251  13.477  1.00 10.84 ? 113 ALA A N   1 
ATOM   902  C  CA  . ALA A 1 125 ? -6.755  -3.142  12.773  1.00 11.54 ? 113 ALA A CA  1 
ATOM   903  C  C   . ALA A 1 125 ? -6.304  -1.796  13.308  1.00 11.38 ? 113 ALA A C   1 
ATOM   904  O  O   . ALA A 1 125 ? -5.945  -0.918  12.530  1.00 11.14 ? 113 ALA A O   1 
ATOM   905  C  CB  . ALA A 1 125 ? -8.228  -3.260  12.826  1.00 12.84 ? 113 ALA A CB  1 
ATOM   906  N  N   . GLU A 1 126 ? -6.295  -1.599  14.617  1.00 10.95 ? 114 GLU A N   1 
ATOM   907  C  CA  . GLU A 1 126 ? -5.922  -0.286  15.133  1.00 12.19 ? 114 GLU A CA  1 
ATOM   908  C  C   . GLU A 1 126 ? -4.426  0.012   14.837  1.00 10.85 ? 114 GLU A C   1 
ATOM   909  O  O   . GLU A 1 126 ? -4.068  1.136   14.465  1.00 10.35 ? 114 GLU A O   1 
ATOM   910  C  CB  A GLU A 1 126 ? -6.242  -0.155  16.619  0.65 13.01 ? 114 GLU A CB  1 
ATOM   911  C  CB  B GLU A 1 126 ? -6.130  -0.219  16.639  0.35 12.10 ? 114 GLU A CB  1 
ATOM   912  C  CG  A GLU A 1 126 ? -5.495  0.973   17.328  0.65 18.57 ? 114 GLU A CG  1 
ATOM   913  C  CG  B GLU A 1 126 ? -7.505  -0.637  17.126  0.35 14.43 ? 114 GLU A CG  1 
ATOM   914  C  CD  A GLU A 1 126 ? -6.340  2.167   17.764  0.65 26.34 ? 114 GLU A CD  1 
ATOM   915  C  CD  B GLU A 1 126 ? -8.619  0.222   16.608  0.35 16.69 ? 114 GLU A CD  1 
ATOM   916  O  OE1 A GLU A 1 126 ? -6.713  2.990   16.881  0.65 31.13 ? 114 GLU A OE1 1 
ATOM   917  O  OE1 B GLU A 1 126 ? -8.373  1.438   16.435  0.35 18.96 ? 114 GLU A OE1 1 
ATOM   918  O  OE2 A GLU A 1 126 ? -6.543  2.330   19.015  0.65 29.59 ? 114 GLU A OE2 1 
ATOM   919  O  OE2 B GLU A 1 126 ? -9.730  -0.328  16.396  0.35 16.94 ? 114 GLU A OE2 1 
ATOM   920  N  N   . LEU A 1 127 ? -3.572  -0.998  14.926  1.00 9.32  ? 115 LEU A N   1 
ATOM   921  C  CA  . LEU A 1 127 ? -2.183  -0.811  14.494  1.00 10.13 ? 115 LEU A CA  1 
ATOM   922  C  C   . LEU A 1 127 ? -2.083  -0.465  13.016  1.00 9.53  ? 115 LEU A C   1 
ATOM   923  O  O   . LEU A 1 127 ? -1.286  0.411   12.623  1.00 9.64  ? 115 LEU A O   1 
ATOM   924  C  CB  . LEU A 1 127 ? -1.338  -2.032  14.821  1.00 9.86  ? 115 LEU A CB  1 
ATOM   925  C  CG  . LEU A 1 127 ? 0.137   -2.013  14.405  1.00 11.32 ? 115 LEU A CG  1 
ATOM   926  C  CD1 . LEU A 1 127 ? 0.829   -0.859  15.083  1.00 13.09 ? 115 LEU A CD1 1 
ATOM   927  C  CD2 . LEU A 1 127 ? 0.837   -3.323  14.775  1.00 11.25 ? 115 LEU A CD2 1 
ATOM   928  N  N   . ALA A 1 128 ? -2.832  -1.182  12.182  1.00 9.99  ? 116 ALA A N   1 
ATOM   929  C  CA  . ALA A 1 128 ? -2.914  -0.886  10.737  1.00 10.00 ? 116 ALA A CA  1 
ATOM   930  C  C   . ALA A 1 128 ? -3.314  0.569   10.494  1.00 9.93  ? 116 ALA A C   1 
ATOM   931  O  O   . ALA A 1 128 ? -2.763  1.222   9.643   1.00 8.98  ? 116 ALA A O   1 
ATOM   932  C  CB  . ALA A 1 128 ? -3.937  -1.811  10.067  1.00 10.57 ? 116 ALA A CB  1 
ATOM   933  N  N   . PHE A 1 129 ? -4.300  1.064   11.224  1.00 10.96 ? 117 PHE A N   1 
ATOM   934  C  CA  . PHE A 1 129 ? -4.742  2.457   11.084  1.00 11.78 ? 117 PHE A CA  1 
ATOM   935  C  C   . PHE A 1 129 ? -3.614  3.461   11.401  1.00 12.32 ? 117 PHE A C   1 
ATOM   936  O  O   . PHE A 1 129 ? -3.450  4.454   10.671  1.00 11.97 ? 117 PHE A O   1 
ATOM   937  C  CB  . PHE A 1 129 ? -5.969  2.786   11.974  1.00 12.15 ? 117 PHE A CB  1 
ATOM   938  C  CG  . PHE A 1 129 ? -7.215  1.943   11.709  1.00 11.19 ? 117 PHE A CG  1 
ATOM   939  C  CD1 . PHE A 1 129 ? -7.399  1.200   10.528  1.00 13.22 ? 117 PHE A CD1 1 
ATOM   940  C  CD2 . PHE A 1 129 ? -8.219  1.909   12.676  1.00 13.03 ? 117 PHE A CD2 1 
ATOM   941  C  CE1 . PHE A 1 129 ? -8.533  0.430   10.355  1.00 13.70 ? 117 PHE A CE1 1 
ATOM   942  C  CE2 . PHE A 1 129 ? -9.376  1.145   12.491  1.00 13.29 ? 117 PHE A CE2 1 
ATOM   943  C  CZ  . PHE A 1 129 ? -9.532  0.418   11.354  1.00 13.33 ? 117 PHE A CZ  1 
ATOM   944  N  N   . TRP A 1 130 ? -2.840  3.206   12.464  1.00 11.49 ? 118 TRP A N   1 
ATOM   945  C  CA  . TRP A 1 130 ? -1.699  4.039   12.781  1.00 12.21 ? 118 TRP A CA  1 
ATOM   946  C  C   . TRP A 1 130 ? -0.642  4.003   11.689  1.00 11.07 ? 118 TRP A C   1 
ATOM   947  O  O   . TRP A 1 130 ? -0.020  5.041   11.393  1.00 11.31 ? 118 TRP A O   1 
ATOM   948  C  CB  . TRP A 1 130 ? -0.992  3.649   14.087  1.00 12.21 ? 118 TRP A CB  1 
ATOM   949  C  CG  . TRP A 1 130 ? -1.844  3.634   15.296  1.00 16.50 ? 118 TRP A CG  1 
ATOM   950  C  CD1 . TRP A 1 130 ? -3.028  4.269   15.494  1.00 20.11 ? 118 TRP A CD1 1 
ATOM   951  C  CD2 . TRP A 1 130 ? -1.562  2.906   16.503  1.00 17.96 ? 118 TRP A CD2 1 
ATOM   952  N  NE1 . TRP A 1 130 ? -3.524  3.930   16.736  1.00 23.85 ? 118 TRP A NE1 1 
ATOM   953  C  CE2 . TRP A 1 130 ? -2.647  3.087   17.364  1.00 22.08 ? 118 TRP A CE2 1 
ATOM   954  C  CE3 . TRP A 1 130 ? -0.528  2.066   16.900  1.00 18.79 ? 118 TRP A CE3 1 
ATOM   955  C  CZ2 . TRP A 1 130 ? -2.714  2.482   18.628  1.00 23.41 ? 118 TRP A CZ2 1 
ATOM   956  C  CZ3 . TRP A 1 130 ? -0.573  1.483   18.158  1.00 20.44 ? 118 TRP A CZ3 1 
ATOM   957  C  CH2 . TRP A 1 130 ? -1.666  1.683   18.999  1.00 21.52 ? 118 TRP A CH2 1 
ATOM   958  N  N   . ILE A 1 131 ? -0.419  2.827   11.108  1.00 10.50 ? 119 ILE A N   1 
ATOM   959  C  CA  . ILE A 1 131 ? 0.556   2.681   10.023  1.00 9.78  ? 119 ILE A CA  1 
ATOM   960  C  C   . ILE A 1 131 ? 0.092   3.482   8.811   1.00 10.91 ? 119 ILE A C   1 
ATOM   961  O  O   . ILE A 1 131 ? 0.885   4.228   8.202   1.00 10.84 ? 119 ILE A O   1 
ATOM   962  C  CB  . ILE A 1 131 ? 0.806   1.183   9.668   1.00 9.45  ? 119 ILE A CB  1 
ATOM   963  C  CG1 . ILE A 1 131 ? 1.458   0.441   10.852  1.00 8.54  ? 119 ILE A CG1 1 
ATOM   964  C  CG2 . ILE A 1 131 ? 1.670   1.015   8.429   1.00 11.47 ? 119 ILE A CG2 1 
ATOM   965  C  CD1 . ILE A 1 131 ? 1.415   -1.070  10.711  1.00 9.40  ? 119 ILE A CD1 1 
ATOM   966  N  N   . VAL A 1 132 ? -1.183  3.361   8.484   1.00 10.11 ? 120 VAL A N   1 
ATOM   967  C  CA  . VAL A 1 132 ? -1.788  4.090   7.362   1.00 11.44 ? 120 VAL A CA  1 
ATOM   968  C  C   . VAL A 1 132 ? -1.674  5.608   7.564   1.00 12.24 ? 120 VAL A C   1 
ATOM   969  O  O   . VAL A 1 132 ? -1.281  6.318   6.644   1.00 12.43 ? 120 VAL A O   1 
ATOM   970  C  CB  . VAL A 1 132 ? -3.267  3.674   7.153   1.00 11.63 ? 120 VAL A CB  1 
ATOM   971  C  CG1 . VAL A 1 132 ? -4.001  4.647   6.214   1.00 14.56 ? 120 VAL A CG1 1 
ATOM   972  C  CG2 . VAL A 1 132 ? -3.371  2.251   6.627   1.00 12.39 ? 120 VAL A CG2 1 
ATOM   973  N  N   . ASP A 1 133 ? -2.009  6.102   8.762   1.00 12.69 ? 121 ASP A N   1 
ATOM   974  C  CA  . ASP A 1 133 ? -1.950  7.529   9.073   1.00 13.27 ? 121 ASP A CA  1 
ATOM   975  C  C   . ASP A 1 133 ? -0.513  8.057   8.907   1.00 12.87 ? 121 ASP A C   1 
ATOM   976  O  O   . ASP A 1 133 ? -0.295  9.134   8.349   1.00 12.19 ? 121 ASP A O   1 
ATOM   977  C  CB  . ASP A 1 133 ? -2.340  7.809   10.516  1.00 13.79 ? 121 ASP A CB  1 
ATOM   978  C  CG  . ASP A 1 133 ? -3.838  7.681   10.789  1.00 18.24 ? 121 ASP A CG  1 
ATOM   979  O  OD1 . ASP A 1 133 ? -4.659  7.561   9.864   1.00 20.34 ? 121 ASP A OD1 1 
ATOM   980  O  OD2 . ASP A 1 133 ? -4.231  7.716   11.975  1.00 26.12 ? 121 ASP A OD2 1 
ATOM   981  N  N   . THR A 1 134 ? 0.457   7.291   9.379   1.00 12.15 ? 122 THR A N   1 
ATOM   982  C  CA  . THR A 1 134 ? 1.872   7.659   9.232   1.00 11.63 ? 122 THR A CA  1 
ATOM   983  C  C   . THR A 1 134 ? 2.314   7.699   7.756   1.00 11.92 ? 122 THR A C   1 
ATOM   984  O  O   . THR A 1 134 ? 2.970   8.647   7.297   1.00 10.31 ? 122 THR A O   1 
ATOM   985  C  CB  . THR A 1 134 ? 2.718   6.652   10.003  1.00 11.83 ? 122 THR A CB  1 
ATOM   986  O  OG1 . THR A 1 134 ? 2.339   6.707   11.379  1.00 10.53 ? 122 THR A OG1 1 
ATOM   987  C  CG2 . THR A 1 134 ? 4.191   7.016   9.962   1.00 12.34 ? 122 THR A CG2 1 
ATOM   988  N  N   . PHE A 1 135 ? 1.920   6.657   7.011   1.00 11.80 ? 123 PHE A N   1 
ATOM   989  C  CA  . PHE A 1 135 ? 2.228   6.553   5.601   1.00 12.21 ? 123 PHE A CA  1 
ATOM   990  C  C   . PHE A 1 135 ? 1.691   7.755   4.814   1.00 12.67 ? 123 PHE A C   1 
ATOM   991  O  O   . PHE A 1 135 ? 2.388   8.314   3.985   1.00 12.40 ? 123 PHE A O   1 
ATOM   992  C  CB  . PHE A 1 135 ? 1.653   5.249   5.022   1.00 11.64 ? 123 PHE A CB  1 
ATOM   993  C  CG  . PHE A 1 135 ? 2.239   4.864   3.695   1.00 12.41 ? 123 PHE A CG  1 
ATOM   994  C  CD1 . PHE A 1 135 ? 3.457   4.179   3.631   1.00 11.80 ? 123 PHE A CD1 1 
ATOM   995  C  CD2 . PHE A 1 135 ? 1.574   5.146   2.511   1.00 11.68 ? 123 PHE A CD2 1 
ATOM   996  C  CE1 . PHE A 1 135 ? 3.977   3.769   2.403   1.00 11.51 ? 123 PHE A CE1 1 
ATOM   997  C  CE2 . PHE A 1 135 ? 2.127   4.753   1.277   1.00 12.19 ? 123 PHE A CE2 1 
ATOM   998  C  CZ  . PHE A 1 135 ? 3.307   4.078   1.235   1.00 11.62 ? 123 PHE A CZ  1 
ATOM   999  N  N   . LEU A 1 136 ? 0.449   8.145   5.090   1.00 12.83 ? 124 LEU A N   1 
ATOM   1000 C  CA  . LEU A 1 136 ? -0.195  9.193   4.335   1.00 13.99 ? 124 LEU A CA  1 
ATOM   1001 C  C   . LEU A 1 136 ? 0.219   10.579  4.779   1.00 14.97 ? 124 LEU A C   1 
ATOM   1002 O  O   . LEU A 1 136 ? -0.051  11.562  4.090   1.00 16.89 ? 124 LEU A O   1 
ATOM   1003 C  CB  . LEU A 1 136 ? -1.719  9.050   4.438   1.00 13.87 ? 124 LEU A CB  1 
ATOM   1004 C  CG  . LEU A 1 136 ? -2.311  7.801   3.807   1.00 15.23 ? 124 LEU A CG  1 
ATOM   1005 C  CD1 . LEU A 1 136 ? -3.864  7.858   3.839   1.00 18.68 ? 124 LEU A CD1 1 
ATOM   1006 C  CD2 . LEU A 1 136 ? -1.831  7.624   2.433   1.00 19.54 ? 124 LEU A CD2 1 
ATOM   1007 N  N   . SER A 1 137 ? 0.866   10.710  5.920   1.00 14.80 ? 125 SER A N   1 
ATOM   1008 C  CA  . SER A 1 137 ? 1.163   12.031  6.399   1.00 15.18 ? 125 SER A CA  1 
ATOM   1009 C  C   . SER A 1 137 ? 2.647   12.339  6.432   1.00 15.31 ? 125 SER A C   1 
ATOM   1010 O  O   . SER A 1 137 ? 3.038   13.402  6.880   1.00 16.56 ? 125 SER A O   1 
ATOM   1011 C  CB  . SER A 1 137 ? 0.469   12.244  7.760   1.00 15.48 ? 125 SER A CB  1 
ATOM   1012 O  OG  . SER A 1 137 ? 1.061   11.390  8.685   1.00 19.82 ? 125 SER A OG  1 
ATOM   1013 N  N   . THR A 1 138 ? 3.503   11.449  5.933   1.00 14.45 ? 126 THR A N   1 
ATOM   1014 C  CA  . THR A 1 138 ? 4.951   11.660  5.964   1.00 12.58 ? 126 THR A CA  1 
ATOM   1015 C  C   . THR A 1 138 ? 5.478   12.055  4.580   1.00 12.55 ? 126 THR A C   1 
ATOM   1016 O  O   . THR A 1 138 ? 5.275   11.327  3.594   1.00 12.01 ? 126 THR A O   1 
ATOM   1017 C  CB  . THR A 1 138 ? 5.655   10.368  6.401   1.00 12.89 ? 126 THR A CB  1 
ATOM   1018 O  OG1 . THR A 1 138 ? 5.210   9.994   7.710   1.00 11.60 ? 126 THR A OG1 1 
ATOM   1019 C  CG2 . THR A 1 138 ? 7.196   10.548  6.522   1.00 12.21 ? 126 THR A CG2 1 
ATOM   1020 N  N   . PRO A 1 139 ? 6.191   13.170  4.508   1.00 12.33 ? 127 PRO A N   1 
ATOM   1021 C  CA  . PRO A 1 139 ? 6.817   13.576  3.252   1.00 12.62 ? 127 PRO A CA  1 
ATOM   1022 C  C   . PRO A 1 139 ? 8.118   12.808  2.953   1.00 12.16 ? 127 PRO A C   1 
ATOM   1023 O  O   . PRO A 1 139 ? 8.770   12.250  3.852   1.00 11.22 ? 127 PRO A O   1 
ATOM   1024 C  CB  . PRO A 1 139 ? 7.083   15.057  3.470   1.00 13.36 ? 127 PRO A CB  1 
ATOM   1025 C  CG  . PRO A 1 139 ? 7.289   15.218  4.965   1.00 14.36 ? 127 PRO A CG  1 
ATOM   1026 C  CD  . PRO A 1 139 ? 6.481   14.117  5.605   1.00 12.24 ? 127 PRO A CD  1 
ATOM   1027 N  N   . PHE A 1 140 ? 8.473   12.769  1.678   1.00 12.25 ? 128 PHE A N   1 
ATOM   1028 C  CA  . PHE A 1 140 ? 9.775   12.297  1.243   1.00 12.61 ? 128 PHE A CA  1 
ATOM   1029 C  C   . PHE A 1 140 ? 10.858  13.320  1.567   1.00 13.84 ? 128 PHE A C   1 
ATOM   1030 O  O   . PHE A 1 140 ? 10.667  14.533  1.363   1.00 14.16 ? 128 PHE A O   1 
ATOM   1031 C  CB  . PHE A 1 140 ? 9.705   11.953  -0.254  1.00 12.89 ? 128 PHE A CB  1 
ATOM   1032 C  CG  . PHE A 1 140 ? 11.014  11.477  -0.861  1.00 10.97 ? 128 PHE A CG  1 
ATOM   1033 C  CD1 . PHE A 1 140 ? 11.779  10.491  -0.246  1.00 12.18 ? 128 PHE A CD1 1 
ATOM   1034 C  CD2 . PHE A 1 140 ? 11.428  11.988  -2.095  1.00 13.12 ? 128 PHE A CD2 1 
ATOM   1035 C  CE1 . PHE A 1 140 ? 12.946  10.038  -0.840  1.00 12.66 ? 128 PHE A CE1 1 
ATOM   1036 C  CE2 . PHE A 1 140 ? 12.563  11.554  -2.692  1.00 11.22 ? 128 PHE A CE2 1 
ATOM   1037 C  CZ  . PHE A 1 140 ? 13.341  10.584  -2.067  1.00 13.22 ? 128 PHE A CZ  1 
ATOM   1038 N  N   . ASP A 1 141 ? 11.982  12.848  2.122   1.00 13.23 ? 129 ASP A N   1 
ATOM   1039 C  CA  . ASP A 1 141 ? 13.084  13.724  2.490   1.00 13.99 ? 129 ASP A CA  1 
ATOM   1040 C  C   . ASP A 1 141 ? 13.933  14.157  1.295   1.00 13.64 ? 129 ASP A C   1 
ATOM   1041 O  O   . ASP A 1 141 ? 14.631  15.141  1.385   1.00 14.13 ? 129 ASP A O   1 
ATOM   1042 C  CB  . ASP A 1 141 ? 14.034  13.064  3.484   1.00 13.68 ? 129 ASP A CB  1 
ATOM   1043 C  CG  . ASP A 1 141 ? 13.459  12.932  4.876   1.00 15.80 ? 129 ASP A CG  1 
ATOM   1044 O  OD1 . ASP A 1 141 ? 12.432  13.592  5.189   1.00 15.17 ? 129 ASP A OD1 1 
ATOM   1045 O  OD2 . ASP A 1 141 ? 14.041  12.205  5.726   1.00 16.99 ? 129 ASP A OD2 1 
ATOM   1046 N  N   . GLY A 1 142 ? 13.909  13.422  0.198   1.00 13.50 ? 130 GLY A N   1 
ATOM   1047 C  CA  . GLY A 1 142 ? 14.802  13.746  -0.910  1.00 14.01 ? 130 GLY A CA  1 
ATOM   1048 C  C   . GLY A 1 142 ? 16.249  13.468  -0.537  1.00 13.71 ? 130 GLY A C   1 
ATOM   1049 O  O   . GLY A 1 142 ? 16.600  12.378  -0.118  1.00 13.80 ? 130 GLY A O   1 
ATOM   1050 N  N   . GLY A 1 143 ? 17.113  14.464  -0.687  1.00 12.92 ? 131 GLY A N   1 
ATOM   1051 C  CA  . GLY A 1 143 ? 18.492  14.304  -0.307  1.00 12.01 ? 131 GLY A CA  1 
ATOM   1052 C  C   . GLY A 1 143 ? 19.186  13.163  -1.014  1.00 12.10 ? 131 GLY A C   1 
ATOM   1053 O  O   . GLY A 1 143 ? 18.986  12.924  -2.212  1.00 11.92 ? 131 GLY A O   1 
ATOM   1054 N  N   . ARG A 1 144 ? 20.010  12.438  -0.259  1.00 11.70 ? 132 ARG A N   1 
ATOM   1055 C  CA  . ARG A 1 144 ? 20.779  11.332  -0.764  1.00 11.38 ? 132 ARG A CA  1 
ATOM   1056 C  C   . ARG A 1 144 ? 19.965  10.097  -1.050  1.00 10.66 ? 132 ARG A C   1 
ATOM   1057 O  O   . ARG A 1 144 ? 20.469  9.152   -1.655  1.00 10.88 ? 132 ARG A O   1 
ATOM   1058 C  CB  . ARG A 1 144 ? 21.951  11.032  0.178   1.00 10.92 ? 132 ARG A CB  1 
ATOM   1059 C  CG  . ARG A 1 144 ? 22.913  12.211  0.278   1.00 13.38 ? 132 ARG A CG  1 
ATOM   1060 C  CD  . ARG A 1 144 ? 23.553  12.573  -1.099  1.00 12.73 ? 132 ARG A CD  1 
ATOM   1061 N  NE  . ARG A 1 144 ? 24.785  13.358  -0.987  1.00 12.99 ? 132 ARG A NE  1 
ATOM   1062 C  CZ  . ARG A 1 144 ? 25.618  13.556  -1.984  1.00 8.09  ? 132 ARG A CZ  1 
ATOM   1063 N  NH1 . ARG A 1 144 ? 25.348  13.051  -3.187  1.00 11.19 ? 132 ARG A NH1 1 
ATOM   1064 N  NH2 . ARG A 1 144 ? 26.688  14.253  -1.786  1.00 7.62  ? 132 ARG A NH2 1 
ATOM   1065 N  N   . HIS A 1 145 ? 18.698  10.107  -0.649  1.00 11.39 ? 133 HIS A N   1 
ATOM   1066 C  CA  . HIS A 1 145 ? 17.800  8.967   -0.911  1.00 11.46 ? 133 HIS A CA  1 
ATOM   1067 C  C   . HIS A 1 145 ? 17.409  8.947   -2.368  1.00 10.94 ? 133 HIS A C   1 
ATOM   1068 O  O   . HIS A 1 145 ? 17.121  7.884   -2.879  1.00 11.85 ? 133 HIS A O   1 
ATOM   1069 C  CB  . HIS A 1 145 ? 16.548  9.032   -0.039  1.00 11.25 ? 133 HIS A CB  1 
ATOM   1070 C  CG  . HIS A 1 145 ? 16.855  9.172   1.409   1.00 12.36 ? 133 HIS A CG  1 
ATOM   1071 N  ND1 . HIS A 1 145 ? 17.438  8.160   2.144   1.00 11.34 ? 133 HIS A ND1 1 
ATOM   1072 C  CD2 . HIS A 1 145 ? 16.731  10.232  2.245   1.00 12.94 ? 133 HIS A CD2 1 
ATOM   1073 C  CE1 . HIS A 1 145 ? 17.644  8.597   3.377   1.00 15.33 ? 133 HIS A CE1 1 
ATOM   1074 N  NE2 . HIS A 1 145 ? 17.212  9.844   3.471   1.00 11.84 ? 133 HIS A NE2 1 
ATOM   1075 N  N   . GLU A 1 146 ? 17.390  10.113  -3.035  1.00 10.84 ? 134 GLU A N   1 
ATOM   1076 C  CA  . GLU A 1 146 ? 16.865  10.207  -4.409  1.00 10.61 ? 134 GLU A CA  1 
ATOM   1077 C  C   . GLU A 1 146 ? 17.671  9.335   -5.385  1.00 10.59 ? 134 GLU A C   1 
ATOM   1078 O  O   . GLU A 1 146 ? 17.070  8.604   -6.194  1.00 10.49 ? 134 GLU A O   1 
ATOM   1079 C  CB  . GLU A 1 146 ? 16.816  11.663  -4.901  1.00 11.42 ? 134 GLU A CB  1 
ATOM   1080 C  CG  . GLU A 1 146 ? 16.350  11.877  -6.349  1.00 13.99 ? 134 GLU A CG  1 
ATOM   1081 C  CD  . GLU A 1 146 ? 14.924  11.393  -6.624  1.00 17.73 ? 134 GLU A CD  1 
ATOM   1082 O  OE1 . GLU A 1 146 ? 14.134  11.270  -5.670  1.00 20.87 ? 134 GLU A OE1 1 
ATOM   1083 O  OE2 . GLU A 1 146 ? 14.601  11.094  -7.796  1.00 16.58 ? 134 GLU A OE2 1 
ATOM   1084 N  N   . ARG A 1 147 ? 19.000  9.379   -5.276  1.00 8.94  ? 135 ARG A N   1 
ATOM   1085 C  CA  . ARG A 1 147 ? 19.869  8.534   -6.095  1.00 9.04  ? 135 ARG A CA  1 
ATOM   1086 C  C   . ARG A 1 147 ? 19.512  7.042   -5.966  1.00 9.63  ? 135 ARG A C   1 
ATOM   1087 O  O   . ARG A 1 147 ? 19.522  6.294   -6.947  1.00 7.91  ? 135 ARG A O   1 
ATOM   1088 C  CB  . ARG A 1 147 ? 21.325  8.741   -5.736  1.00 8.75  ? 135 ARG A CB  1 
ATOM   1089 C  CG  . ARG A 1 147 ? 22.284  7.913   -6.587  1.00 9.44  ? 135 ARG A CG  1 
ATOM   1090 C  CD  . ARG A 1 147 ? 23.728  8.174   -6.257  1.00 10.84 ? 135 ARG A CD  1 
ATOM   1091 N  NE  . ARG A 1 147 ? 24.057  9.535   -6.642  1.00 11.88 ? 135 ARG A NE  1 
ATOM   1092 C  CZ  . ARG A 1 147 ? 25.157  10.175  -6.267  1.00 12.89 ? 135 ARG A CZ  1 
ATOM   1093 N  NH1 . ARG A 1 147 ? 26.080  9.572   -5.533  1.00 12.32 ? 135 ARG A NH1 1 
ATOM   1094 N  NH2 . ARG A 1 147 ? 25.331  11.433  -6.621  1.00 11.89 ? 135 ARG A NH2 1 
ATOM   1095 N  N   . ARG A 1 148 ? 19.227  6.628   -4.744  1.00 10.18 ? 136 ARG A N   1 
ATOM   1096 C  CA  . ARG A 1 148 ? 18.939  5.217   -4.459  1.00 11.52 ? 136 ARG A CA  1 
ATOM   1097 C  C   . ARG A 1 148 ? 17.637  4.795   -5.080  1.00 11.42 ? 136 ARG A C   1 
ATOM   1098 O  O   . ARG A 1 148 ? 17.583  3.745   -5.698  1.00 11.83 ? 136 ARG A O   1 
ATOM   1099 C  CB  . ARG A 1 148 ? 18.912  4.953   -2.960  1.00 11.79 ? 136 ARG A CB  1 
ATOM   1100 C  CG  . ARG A 1 148 ? 20.279  5.146   -2.384  1.00 12.67 ? 136 ARG A CG  1 
ATOM   1101 C  CD  . ARG A 1 148 ? 20.285  5.354   -0.921  1.00 15.11 ? 136 ARG A CD  1 
ATOM   1102 N  NE  . ARG A 1 148 ? 21.631  5.684   -0.446  1.00 17.15 ? 136 ARG A NE  1 
ATOM   1103 C  CZ  . ARG A 1 148 ? 21.862  6.292   0.684   1.00 18.10 ? 136 ARG A CZ  1 
ATOM   1104 N  NH1 . ARG A 1 148 ? 20.848  6.637   1.466   1.00 19.16 ? 136 ARG A NH1 1 
ATOM   1105 N  NH2 . ARG A 1 148 ? 23.103  6.575   1.034   1.00 20.72 ? 136 ARG A NH2 1 
ATOM   1106 N  N   . ILE A 1 149 ? 16.617  5.634   -4.964  1.00 11.67 ? 137 ILE A N   1 
ATOM   1107 C  CA  . ILE A 1 149 ? 15.325  5.331   -5.572  1.00 11.77 ? 137 ILE A CA  1 
ATOM   1108 C  C   . ILE A 1 149 ? 15.384  5.279   -7.104  1.00 12.16 ? 137 ILE A C   1 
ATOM   1109 O  O   . ILE A 1 149 ? 14.711  4.427   -7.755  1.00 12.80 ? 137 ILE A O   1 
ATOM   1110 C  CB  A ILE A 1 149 ? 14.113  6.103   -4.980  0.65 13.08 ? 137 ILE A CB  1 
ATOM   1111 C  CB  B ILE A 1 149 ? 14.332  6.493   -5.165  0.35 11.32 ? 137 ILE A CB  1 
ATOM   1112 C  CG1 A ILE A 1 149 ? 14.103  7.563   -5.301  0.65 13.60 ? 137 ILE A CG1 1 
ATOM   1113 C  CG1 B ILE A 1 149 ? 13.829  6.332   -3.734  0.35 10.55 ? 137 ILE A CG1 1 
ATOM   1114 C  CG2 A ILE A 1 149 ? 13.968  5.858   -3.456  0.65 13.19 ? 137 ILE A CG2 1 
ATOM   1115 C  CG2 B ILE A 1 149 ? 13.134  6.644   -6.141  0.35 10.29 ? 137 ILE A CG2 1 
ATOM   1116 C  CD1 A ILE A 1 149 ? 12.799  8.179   -4.873  0.65 16.88 ? 137 ILE A CD1 1 
ATOM   1117 C  CD1 B ILE A 1 149 ? 13.522  7.614   -3.109  0.35 9.20  ? 137 ILE A CD1 1 
ATOM   1118 N  N   . ARG A 1 150 ? 16.173  6.164   -7.700  1.00 10.59 ? 138 ARG A N   1 
ATOM   1119 C  CA  . ARG A 1 150 ? 16.421  6.093   -9.149  1.00 11.01 ? 138 ARG A CA  1 
ATOM   1120 C  C   . ARG A 1 150 ? 17.176  4.809   -9.572  1.00 11.15 ? 138 ARG A C   1 
ATOM   1121 O  O   . ARG A 1 150 ? 16.805  4.140   -10.556 1.00 11.02 ? 138 ARG A O   1 
ATOM   1122 C  CB  . ARG A 1 150 ? 17.206  7.330   -9.588  1.00 11.62 ? 138 ARG A CB  1 
ATOM   1123 C  CG  . ARG A 1 150 ? 16.407  8.608   -9.478  1.00 11.39 ? 138 ARG A CG  1 
ATOM   1124 C  CD  . ARG A 1 150 ? 17.213  9.757   -10.008 1.00 13.94 ? 138 ARG A CD  1 
ATOM   1125 N  NE  . ARG A 1 150 ? 16.550  11.040  -9.846  1.00 12.86 ? 138 ARG A NE  1 
ATOM   1126 C  CZ  . ARG A 1 150 ? 16.848  12.130  -10.539 1.00 11.76 ? 138 ARG A CZ  1 
ATOM   1127 N  NH1 . ARG A 1 150 ? 17.805  12.128  -11.457 1.00 9.66  ? 138 ARG A NH1 1 
ATOM   1128 N  NH2 . ARG A 1 150 ? 16.157  13.225  -10.311 1.00 14.32 ? 138 ARG A NH2 1 
ATOM   1129 N  N   . LYS A 1 151 ? 18.179  4.429   -8.780  1.00 10.66 ? 139 LYS A N   1 
ATOM   1130 C  CA  . LYS A 1 151 ? 18.935  3.193   -9.013  1.00 11.28 ? 139 LYS A CA  1 
ATOM   1131 C  C   . LYS A 1 151 ? 18.049  1.934   -8.981  1.00 11.46 ? 139 LYS A C   1 
ATOM   1132 O  O   . LYS A 1 151 ? 18.317  0.977   -9.719  1.00 11.17 ? 139 LYS A O   1 
ATOM   1133 C  CB  . LYS A 1 151 ? 20.119  3.061   -8.039  1.00 10.03 ? 139 LYS A CB  1 
ATOM   1134 C  CG  . LYS A 1 151 ? 21.328  3.887   -8.406  1.00 10.06 ? 139 LYS A CG  1 
ATOM   1135 C  CD  . LYS A 1 151 ? 22.504  3.676   -7.448  1.00 10.29 ? 139 LYS A CD  1 
ATOM   1136 C  CE  . LYS A 1 151 ? 23.749  4.385   -7.907  1.00 11.36 ? 139 LYS A CE  1 
ATOM   1137 N  NZ  . LYS A 1 151 ? 24.885  4.107   -6.978  1.00 8.40  ? 139 LYS A NZ  1 
ATOM   1138 N  N   . ILE A 1 152 ? 16.999  1.938   -8.173  1.00 11.69 ? 140 ILE A N   1 
ATOM   1139 C  CA  . ILE A 1 152 ? 16.067  0.784   -8.143  1.00 13.62 ? 140 ILE A CA  1 
ATOM   1140 C  C   . ILE A 1 152 ? 15.547  0.491   -9.568  1.00 14.70 ? 140 ILE A C   1 
ATOM   1141 O  O   . ILE A 1 152 ? 15.394  -0.669  -9.968  1.00 14.40 ? 140 ILE A O   1 
ATOM   1142 C  CB  . ILE A 1 152 ? 14.876  1.065   -7.204  1.00 13.69 ? 140 ILE A CB  1 
ATOM   1143 C  CG1 . ILE A 1 152 ? 15.346  1.107   -5.751  1.00 13.70 ? 140 ILE A CG1 1 
ATOM   1144 C  CG2 . ILE A 1 152 ? 13.779  0.026   -7.390  1.00 14.07 ? 140 ILE A CG2 1 
ATOM   1145 C  CD1 . ILE A 1 152 ? 14.316  1.651   -4.837  1.00 17.01 ? 140 ILE A CD1 1 
ATOM   1146 N  N   . ASP A 1 153 ? 15.287  1.564   -10.324 1.00 15.61 ? 141 ASP A N   1 
ATOM   1147 C  CA  . ASP A 1 153 ? 14.671  1.478   -11.650 1.00 16.69 ? 141 ASP A CA  1 
ATOM   1148 C  C   . ASP A 1 153 ? 15.659  1.434   -12.777 1.00 18.67 ? 141 ASP A C   1 
ATOM   1149 O  O   . ASP A 1 153 ? 15.243  1.415   -13.944 1.00 19.34 ? 141 ASP A O   1 
ATOM   1150 C  CB  . ASP A 1 153 ? 13.686  2.636   -11.863 1.00 16.36 ? 141 ASP A CB  1 
ATOM   1151 C  CG  . ASP A 1 153 ? 12.417  2.457   -11.056 1.00 18.06 ? 141 ASP A CG  1 
ATOM   1152 O  OD1 . ASP A 1 153 ? 12.048  1.300   -10.858 1.00 19.38 ? 141 ASP A OD1 1 
ATOM   1153 O  OD2 . ASP A 1 153 ? 11.721  3.397   -10.630 1.00 20.77 ? 141 ASP A OD2 1 
ATOM   1154 N  N   . GLU A 1 154 ? 16.954  1.452   -12.455 1.00 19.85 ? 142 GLU A N   1 
ATOM   1155 C  CA  . GLU A 1 154 ? 18.013  1.191   -13.433 1.00 22.24 ? 142 GLU A CA  1 
ATOM   1156 C  C   . GLU A 1 154 ? 18.262  -0.318  -13.416 1.00 25.13 ? 142 GLU A C   1 
ATOM   1157 O  O   . GLU A 1 154 ? 19.180  -0.788  -12.803 1.00 25.00 ? 142 GLU A O   1 
ATOM   1158 C  CB  . GLU A 1 154 ? 19.272  1.987   -13.074 1.00 21.17 ? 142 GLU A CB  1 
ATOM   1159 C  CG  . GLU A 1 154 ? 19.040  3.489   -13.131 1.00 22.63 ? 142 GLU A CG  1 
ATOM   1160 C  CD  . GLU A 1 154 ? 20.243  4.329   -12.680 1.00 26.52 ? 142 GLU A CD  1 
ATOM   1161 O  OE1 . GLU A 1 154 ? 21.331  3.757   -12.346 1.00 22.90 ? 142 GLU A OE1 1 
ATOM   1162 O  OE2 . GLU A 1 154 ? 20.078  5.580   -12.637 1.00 29.11 ? 142 GLU A OE2 1 
ATOM   1163 N  N   . VAL A 1 155 ? 17.375  -1.092  -14.032 1.00 29.92 ? 143 VAL A N   1 
ATOM   1164 C  CA  . VAL A 1 155 ? 17.336  -2.560  -13.781 1.00 33.05 ? 143 VAL A CA  1 
ATOM   1165 C  C   . VAL A 1 155 ? 18.346  -3.330  -14.713 1.00 35.44 ? 143 VAL A C   1 
ATOM   1166 O  O   . VAL A 1 155 ? 18.455  -2.896  -15.899 1.00 36.86 ? 143 VAL A O   1 
ATOM   1167 C  CB  . VAL A 1 155 ? 15.854  -3.117  -13.814 1.00 33.43 ? 143 VAL A CB  1 
ATOM   1168 C  CG1 . VAL A 1 155 ? 15.037  -2.521  -12.695 1.00 32.61 ? 143 VAL A CG1 1 
ATOM   1169 C  CG2 . VAL A 1 155 ? 15.174  -2.816  -15.140 1.00 34.98 ? 143 VAL A CG2 1 
ATOM   1170 O  OXT . VAL A 1 155 ? 19.069  -4.315  -14.278 1.00 36.64 ? 143 VAL A OXT 1 
HETATM 1171 C  C1  . MPD B 2 .   ? 3.813   -5.262  15.829  0.50 44.98 ? 301 MPD A C1  1 
HETATM 1172 C  C2  . MPD B 2 .   ? 4.826   -5.968  14.945  0.50 44.02 ? 301 MPD A C2  1 
HETATM 1173 O  O2  . MPD B 2 .   ? 4.364   -5.771  13.596  0.50 45.21 ? 301 MPD A O2  1 
HETATM 1174 C  CM  . MPD B 2 .   ? 6.197   -5.319  15.059  0.50 44.28 ? 301 MPD A CM  1 
HETATM 1175 C  C3  . MPD B 2 .   ? 4.949   -7.457  15.264  0.50 43.45 ? 301 MPD A C3  1 
HETATM 1176 C  C4  . MPD B 2 .   ? 3.656   -8.274  15.150  0.50 43.12 ? 301 MPD A C4  1 
HETATM 1177 O  O4  . MPD B 2 .   ? 2.718   -7.860  16.118  0.50 43.62 ? 301 MPD A O4  1 
HETATM 1178 C  C5  . MPD B 2 .   ? 2.997   -8.225  13.768  0.50 42.97 ? 301 MPD A C5  1 
HETATM 1179 O  O   . HOH C 3 .   ? -14.470 9.201   0.540   1.00 16.21 ? 302 HOH A O   1 
HETATM 1180 O  O   . HOH C 3 .   ? 12.105  3.951   -8.045  1.00 16.69 ? 303 HOH A O   1 
HETATM 1181 O  O   . HOH C 3 .   ? 17.930  5.543   1.484   1.00 17.21 ? 304 HOH A O   1 
HETATM 1182 O  O   . HOH C 3 .   ? 9.351   -8.582  0.666   1.00 11.85 ? 305 HOH A O   1 
HETATM 1183 O  O   . HOH C 3 .   ? -3.848  -15.071 -2.915  1.00 14.89 ? 306 HOH A O   1 
HETATM 1184 O  O   . HOH C 3 .   ? -10.300 12.303  -7.670  1.00 17.16 ? 307 HOH A O   1 
HETATM 1185 O  O   . HOH C 3 .   ? -7.793  -9.758  7.241   1.00 15.04 ? 308 HOH A O   1 
HETATM 1186 O  O   . HOH C 3 .   ? -9.140  12.681  -3.682  1.00 16.85 ? 309 HOH A O   1 
HETATM 1187 O  O   . HOH C 3 .   ? 10.058  12.811  6.180   1.00 16.21 ? 310 HOH A O   1 
HETATM 1188 O  O   . HOH C 3 .   ? 3.679   -9.155  -10.307 1.00 18.76 ? 311 HOH A O   1 
HETATM 1189 O  O   . HOH C 3 .   ? -7.592  3.584   -8.254  1.00 23.29 ? 312 HOH A O   1 
HETATM 1190 O  O   . HOH C 3 .   ? -12.968 -13.363 -3.460  1.00 21.32 ? 313 HOH A O   1 
HETATM 1191 O  O   . HOH C 3 .   ? 6.792   14.138  -0.225  1.00 21.23 ? 314 HOH A O   1 
HETATM 1192 O  O   . HOH C 3 .   ? 11.575  10.238  9.110   1.00 22.94 ? 315 HOH A O   1 
HETATM 1193 O  O   . HOH C 3 .   ? 6.356   12.015  -1.906  1.00 19.18 ? 316 HOH A O   1 
HETATM 1194 O  O   . HOH C 3 .   ? 23.099  11.118  -4.022  1.00 20.14 ? 317 HOH A O   1 
HETATM 1195 O  O   . HOH C 3 .   ? -1.628  -12.003 -12.277 1.00 22.70 ? 318 HOH A O   1 
HETATM 1196 O  O   . HOH C 3 .   ? -12.661 7.044   10.120  1.00 24.08 ? 319 HOH A O   1 
HETATM 1197 O  O   . HOH C 3 .   ? -6.839  -18.897 -9.618  1.00 26.41 ? 320 HOH A O   1 
HETATM 1198 O  O   . HOH C 3 .   ? -16.021 9.327   2.548   1.00 23.36 ? 321 HOH A O   1 
HETATM 1199 O  O   . HOH C 3 .   ? 2.247   -17.749 -3.160  1.00 18.12 ? 322 HOH A O   1 
HETATM 1200 O  O   . HOH C 3 .   ? -2.356  -14.358 1.388   1.00 18.03 ? 323 HOH A O   1 
HETATM 1201 O  O   . HOH C 3 .   ? -14.501 1.783   -4.708  1.00 23.01 ? 324 HOH A O   1 
HETATM 1202 O  O   . HOH C 3 .   ? -7.337  -14.109 -8.706  1.00 18.84 ? 325 HOH A O   1 
HETATM 1203 O  O   . HOH C 3 .   ? 3.321   -15.416 2.785   1.00 16.66 ? 326 HOH A O   1 
HETATM 1204 O  O   . HOH C 3 .   ? 16.672  11.796  5.498   1.00 22.30 ? 327 HOH A O   1 
HETATM 1205 O  O   . HOH C 3 .   ? 15.851  5.708   -12.676 1.00 23.98 ? 328 HOH A O   1 
HETATM 1206 O  O   . HOH C 3 .   ? 16.974  16.033  -11.008 1.00 19.28 ? 329 HOH A O   1 
HETATM 1207 O  O   . HOH C 3 .   ? -7.588  -3.478  16.518  1.00 21.50 ? 330 HOH A O   1 
HETATM 1208 O  O   . HOH C 3 .   ? 5.748   2.577   16.271  0.50 11.96 ? 331 HOH A O   1 
HETATM 1209 O  O   . HOH C 3 .   ? -8.210  9.228   -10.220 1.00 29.61 ? 332 HOH A O   1 
HETATM 1210 O  O   . HOH C 3 .   ? -12.971 0.362   10.110  1.00 20.17 ? 333 HOH A O   1 
HETATM 1211 O  O   . HOH C 3 .   ? 1.984   -13.944 0.725   1.00 23.69 ? 334 HOH A O   1 
HETATM 1212 O  O   . HOH C 3 .   ? -2.833  14.383  -5.757  1.00 23.88 ? 335 HOH A O   1 
HETATM 1213 O  O   . HOH C 3 .   ? 20.230  12.962  2.566   1.00 22.66 ? 336 HOH A O   1 
HETATM 1214 O  O   . HOH C 3 .   ? 15.886  3.867   5.596   1.00 20.95 ? 337 HOH A O   1 
HETATM 1215 O  O   . HOH C 3 .   ? 27.088  5.746   -7.676  1.00 33.25 ? 338 HOH A O   1 
HETATM 1216 O  O   . HOH C 3 .   ? -4.038  -20.702 -6.938  1.00 24.56 ? 339 HOH A O   1 
HETATM 1217 O  O   . HOH C 3 .   ? -6.422  -0.323  -12.201 1.00 26.66 ? 340 HOH A O   1 
HETATM 1218 O  O   . HOH C 3 .   ? 22.528  1.680   -11.494 1.00 25.62 ? 341 HOH A O   1 
HETATM 1219 O  O   . HOH C 3 .   ? 11.243  -4.397  -13.273 1.00 23.95 ? 342 HOH A O   1 
HETATM 1220 O  O   . HOH C 3 .   ? 6.927   6.956   13.167  1.00 33.15 ? 343 HOH A O   1 
HETATM 1221 O  O   . HOH C 3 .   ? 8.130   -2.185  -15.342 1.00 22.53 ? 344 HOH A O   1 
HETATM 1222 O  O   . HOH C 3 .   ? 0.295   8.056   -8.890  1.00 21.39 ? 345 HOH A O   1 
HETATM 1223 O  O   . HOH C 3 .   ? 14.925  7.684   11.612  1.00 33.17 ? 346 HOH A O   1 
HETATM 1224 O  O   . HOH C 3 .   ? -5.517  -8.005  -12.799 1.00 30.69 ? 347 HOH A O   1 
HETATM 1225 O  O   . HOH C 3 .   ? 0.076   -16.141 0.288   1.00 25.17 ? 348 HOH A O   1 
HETATM 1226 O  O   . HOH C 3 .   ? -14.378 -10.471 -5.837  1.00 27.88 ? 349 HOH A O   1 
HETATM 1227 O  O   . HOH C 3 .   ? -10.365 -11.980 5.424   1.00 31.31 ? 350 HOH A O   1 
HETATM 1228 O  O   . HOH C 3 .   ? -15.228 -1.236  9.432   1.00 26.05 ? 351 HOH A O   1 
HETATM 1229 O  O   . HOH C 3 .   ? -6.067  -8.544  10.997  1.00 23.28 ? 352 HOH A O   1 
HETATM 1230 O  O   . HOH C 3 .   ? 5.998   10.750  10.263  1.00 31.87 ? 353 HOH A O   1 
HETATM 1231 O  O   . HOH C 3 .   ? 1.922   8.230   -6.727  1.00 34.48 ? 354 HOH A O   1 
HETATM 1232 O  O   . HOH C 3 .   ? -4.537  -13.884 -14.173 1.00 38.18 ? 355 HOH A O   1 
HETATM 1233 O  O   . HOH C 3 .   ? -13.654 13.743  0.032   1.00 27.98 ? 356 HOH A O   1 
HETATM 1234 O  O   . HOH C 3 .   ? 12.472  9.838   -8.711  1.00 35.39 ? 357 HOH A O   1 
HETATM 1235 O  O   . HOH C 3 .   ? 0.234   11.848  -6.790  1.00 28.80 ? 358 HOH A O   1 
HETATM 1236 O  O   . HOH C 3 .   ? 11.587  10.334  -6.005  1.00 38.75 ? 359 HOH A O   1 
HETATM 1237 O  O   . HOH C 3 .   ? -9.982  12.483  -1.024  1.00 26.82 ? 360 HOH A O   1 
HETATM 1238 O  O   . HOH C 3 .   ? 15.713  10.358  8.633   1.00 32.89 ? 361 HOH A O   1 
HETATM 1239 O  O   . HOH C 3 .   ? -14.075 -6.404  8.012   1.00 35.64 ? 362 HOH A O   1 
HETATM 1240 O  O   . HOH C 3 .   ? 18.116  7.335   -13.352 1.00 30.90 ? 363 HOH A O   1 
HETATM 1241 O  O   . HOH C 3 .   ? 5.887   9.443   12.502  1.00 36.62 ? 364 HOH A O   1 
HETATM 1242 O  O   . HOH C 3 .   ? -8.832  -7.548  10.765  1.00 29.16 ? 365 HOH A O   1 
HETATM 1243 O  O   . HOH C 3 .   ? -15.582 -4.941  -0.803  1.00 26.99 ? 366 HOH A O   1 
HETATM 1244 O  O   . HOH C 3 .   ? -4.739  -10.120 -13.879 1.00 38.66 ? 367 HOH A O   1 
HETATM 1245 O  O   . HOH C 3 .   ? 17.915  13.695  3.695   1.00 32.58 ? 368 HOH A O   1 
HETATM 1246 O  O   . HOH C 3 .   ? -15.319 8.542   -8.867  1.00 36.91 ? 369 HOH A O   1 
HETATM 1247 O  O   . HOH C 3 .   ? 9.009   14.092  8.185   1.00 33.06 ? 370 HOH A O   1 
HETATM 1248 O  O   . HOH C 3 .   ? 4.436   7.683   -7.224  1.00 30.50 ? 371 HOH A O   1 
HETATM 1249 O  O   . HOH C 3 .   ? 15.676  4.273   -15.064 1.00 36.90 ? 372 HOH A O   1 
HETATM 1250 O  O   . HOH C 3 .   ? -12.437 6.282   -11.365 1.00 32.85 ? 373 HOH A O   1 
HETATM 1251 O  O   . HOH C 3 .   ? -11.191 8.899   11.847  1.00 56.73 ? 374 HOH A O   1 
HETATM 1252 O  O   . HOH C 3 .   ? -12.759 -20.280 -1.716  1.00 39.23 ? 375 HOH A O   1 
HETATM 1253 O  O   . HOH C 3 .   ? -9.667  5.965   -11.660 1.00 53.41 ? 376 HOH A O   1 
HETATM 1254 O  O   . HOH C 3 .   ? -10.114 -11.337 12.674  1.00 38.15 ? 377 HOH A O   1 
HETATM 1255 O  O   . HOH C 3 .   ? 2.794   11.090  2.664   1.00 43.85 ? 378 HOH A O   1 
HETATM 1256 O  O   . HOH C 3 .   ? -12.509 -9.278  -7.277  1.00 31.61 ? 379 HOH A O   1 
HETATM 1257 O  O   . HOH C 3 .   ? -13.499 7.740   -6.814  1.00 35.12 ? 380 HOH A O   1 
HETATM 1258 O  O   . HOH C 3 .   ? -11.710 -2.934  14.363  1.00 44.44 ? 381 HOH A O   1 
HETATM 1259 O  O   . HOH C 3 .   ? -13.757 -13.662 -5.908  1.00 41.62 ? 382 HOH A O   1 
HETATM 1260 O  O   . HOH C 3 .   ? -7.825  -6.204  15.074  1.00 32.01 ? 383 HOH A O   1 
HETATM 1261 O  O   . HOH C 3 .   ? 12.123  16.286  5.144   1.00 44.37 ? 384 HOH A O   1 
HETATM 1262 O  O   . HOH C 3 .   ? -7.101  -18.827 -5.530  1.00 41.51 ? 385 HOH A O   1 
HETATM 1263 O  O   . HOH C 3 .   ? -2.887  14.944  -8.841  1.00 50.36 ? 386 HOH A O   1 
HETATM 1264 O  O   . HOH C 3 .   ? 13.465  12.081  8.328   1.00 35.37 ? 387 HOH A O   1 
HETATM 1265 O  O   . HOH C 3 .   ? -13.206 2.554   11.602  1.00 43.70 ? 388 HOH A O   1 
HETATM 1266 O  O   . HOH C 3 .   ? -15.637 -4.214  8.206   1.00 44.05 ? 389 HOH A O   1 
HETATM 1267 O  O   . HOH C 3 .   ? -11.527 14.265  -1.888  1.00 34.93 ? 390 HOH A O   1 
HETATM 1268 O  O   . HOH C 3 .   ? -7.707  3.612   -11.589 1.00 37.74 ? 391 HOH A O   1 
HETATM 1269 O  O   . HOH C 3 .   ? 7.050   8.667   -7.699  1.00 39.34 ? 392 HOH A O   1 
HETATM 1270 O  O   . HOH C 3 .   ? -17.451 -6.783  -0.867  1.00 41.36 ? 393 HOH A O   1 
HETATM 1271 O  O   . HOH C 3 .   ? -9.083  -10.652 -11.306 1.00 47.04 ? 394 HOH A O   1 
HETATM 1272 O  O   . HOH C 3 .   ? -9.794  -12.673 -9.145  1.00 47.00 ? 395 HOH A O   1 
HETATM 1273 O  O   . HOH C 3 .   ? -13.054 0.554   -9.861  1.00 47.37 ? 396 HOH A O   1 
HETATM 1274 O  O   . HOH C 3 .   ? -10.028 -2.613  -10.886 1.00 43.86 ? 397 HOH A O   1 
HETATM 1275 O  O   . HOH C 3 .   ? 4.731   6.011   15.886  1.00 40.60 ? 398 HOH A O   1 
HETATM 1276 O  O   . HOH C 3 .   ? 8.323   8.326   16.259  1.00 62.56 ? 399 HOH A O   1 
HETATM 1277 O  O   . HOH C 3 .   ? -14.751 2.799   -2.027  1.00 35.37 ? 400 HOH A O   1 
HETATM 1278 O  O   . HOH C 3 .   ? -18.265 1.766   0.423   1.00 46.24 ? 401 HOH A O   1 
HETATM 1279 O  O   . HOH C 3 .   ? -17.734 0.187   2.840   1.00 38.34 ? 402 HOH A O   1 
HETATM 1280 O  O   . HOH C 3 .   ? -17.285 -3.176  5.068   1.00 42.08 ? 403 HOH A O   1 
HETATM 1281 O  O   . HOH C 3 .   ? -18.155 -6.161  2.258   1.00 46.11 ? 404 HOH A O   1 
HETATM 1282 O  O   . HOH C 3 .   ? -14.287 6.140   -5.074  1.00 43.90 ? 405 HOH A O   1 
HETATM 1283 O  O   . HOH C 3 .   ? -16.480 5.460   -1.792  1.00 41.29 ? 406 HOH A O   1 
HETATM 1284 O  O   . HOH C 3 .   ? -16.604 8.341   -5.370  1.00 49.49 ? 407 HOH A O   1 
HETATM 1285 O  O   . HOH C 3 .   ? -18.425 11.873  -0.196  1.00 56.98 ? 408 HOH A O   1 
HETATM 1286 O  O   . HOH C 3 .   ? -18.143 7.431   2.124   1.00 44.57 ? 409 HOH A O   1 
HETATM 1287 O  O   . HOH C 3 .   ? -12.253 3.663   13.836  1.00 58.46 ? 410 HOH A O   1 
HETATM 1288 O  O   . HOH C 3 .   ? -13.141 -9.271  12.537  0.50 38.62 ? 411 HOH A O   1 
HETATM 1289 O  O   . HOH C 3 .   ? 0.398   6.805   13.597  1.00 49.14 ? 412 HOH A O   1 
HETATM 1290 O  O   . HOH C 3 .   ? -17.151 -14.154 -4.033  1.00 45.84 ? 413 HOH A O   1 
HETATM 1291 O  O   . HOH C 3 .   ? 6.387   0.238   -14.839 1.00 43.91 ? 414 HOH A O   1 
HETATM 1292 O  O   . HOH C 3 .   ? -2.505  14.542  -2.433  1.00 49.14 ? 415 HOH A O   1 
HETATM 1293 O  O   . HOH C 3 .   ? 28.474  7.810   -8.110  1.00 48.81 ? 416 HOH A O   1 
HETATM 1294 O  O   . HOH C 3 .   ? 22.472  -0.464  -13.168 1.00 43.26 ? 417 HOH A O   1 
HETATM 1295 O  O   . HOH C 3 .   ? 8.398   13.060  -4.928  1.00 46.56 ? 418 HOH A O   1 
HETATM 1296 O  O   . HOH C 3 .   ? 0.524   2.699   -17.435 1.00 51.96 ? 419 HOH A O   1 
HETATM 1297 O  O   . HOH C 3 .   ? -6.303  -20.177 -0.082  1.00 51.38 ? 420 HOH A O   1 
HETATM 1298 O  O   . HOH C 3 .   ? -10.315 2.443   -11.775 1.00 55.07 ? 421 HOH A O   1 
HETATM 1299 O  O   . HOH C 3 .   ? -10.264 13.967  7.566   1.00 42.46 ? 422 HOH A O   1 
HETATM 1300 O  O   . HOH C 3 .   ? -15.089 5.101   -12.577 1.00 58.18 ? 423 HOH A O   1 
HETATM 1301 O  O   . HOH C 3 .   ? 4.672   3.327   -16.487 1.00 44.60 ? 424 HOH A O   1 
HETATM 1302 O  O   . HOH C 3 .   ? -9.849  16.735  6.556   1.00 51.60 ? 425 HOH A O   1 
HETATM 1303 O  O   . HOH C 3 .   ? -16.842 4.727   7.384   1.00 55.14 ? 426 HOH A O   1 
HETATM 1304 O  O   . HOH C 3 .   ? 12.743  7.193   -9.297  1.00 51.04 ? 427 HOH A O   1 
HETATM 1305 O  O   . HOH C 3 .   ? -17.136 -13.887 1.625   1.00 47.06 ? 428 HOH A O   1 
HETATM 1306 O  O   . HOH C 3 .   ? 10.602  16.793  3.223   1.00 45.33 ? 429 HOH A O   1 
HETATM 1307 O  O   . HOH C 3 .   ? -11.487 -5.275  -9.655  1.00 46.64 ? 430 HOH A O   1 
HETATM 1308 O  O   . HOH C 3 .   ? 7.431   -5.224  -15.719 1.00 49.06 ? 431 HOH A O   1 
HETATM 1309 O  O   . HOH C 3 .   ? 22.760  2.983   -15.333 1.00 58.61 ? 432 HOH A O   1 
HETATM 1310 O  O   . HOH C 3 .   ? -4.445  11.065  -14.512 1.00 51.33 ? 433 HOH A O   1 
HETATM 1311 O  O   . HOH C 3 .   ? 10.915  12.786  -6.023  1.00 48.06 ? 434 HOH A O   1 
HETATM 1312 O  O   . HOH C 3 .   ? -6.287  2.240   -13.053 1.00 47.98 ? 435 HOH A O   1 
HETATM 1313 O  O   . HOH C 3 .   ? -8.516  -16.877 -9.663  1.00 54.57 ? 436 HOH A O   1 
HETATM 1314 O  O   . HOH C 3 .   ? -12.703 -1.345  12.549  1.00 41.63 ? 437 HOH A O   1 
HETATM 1315 O  O   . HOH C 3 .   ? -6.998  5.107   15.062  1.00 52.04 ? 438 HOH A O   1 
HETATM 1316 O  O   . HOH C 3 .   ? 8.313   12.406  10.281  1.00 37.24 ? 439 HOH A O   1 
HETATM 1317 O  O   . HOH C 3 .   ? 3.999   5.691   -15.205 1.00 45.69 ? 440 HOH A O   1 
HETATM 1318 O  O   . HOH C 3 .   ? -1.935  7.986   14.279  1.00 47.95 ? 441 HOH A O   1 
HETATM 1319 O  O   . HOH C 3 .   ? -11.281 -19.051 0.905   1.00 49.84 ? 442 HOH A O   1 
HETATM 1320 O  O   . HOH C 3 .   ? -14.836 -10.685 6.726   1.00 54.90 ? 443 HOH A O   1 
HETATM 1321 O  O   . HOH C 3 .   ? 17.109  2.733   -16.820 1.00 47.27 ? 444 HOH A O   1 
HETATM 1322 O  O   . HOH C 3 .   ? 8.751   4.420   -14.861 1.00 57.06 ? 445 HOH A O   1 
HETATM 1323 O  O   . HOH C 3 .   ? -17.644 11.634  6.025   1.00 57.04 ? 446 HOH A O   1 
HETATM 1324 O  O   . HOH C 3 .   ? -17.005 12.294  2.680   1.00 58.10 ? 447 HOH A O   1 
HETATM 1325 O  O   . HOH C 3 .   ? -17.179 0.603   9.681   1.00 54.98 ? 448 HOH A O   1 
HETATM 1326 O  O   . HOH C 3 .   ? -19.029 -15.431 -1.089  1.00 56.39 ? 449 HOH A O   1 
HETATM 1327 O  O   . HOH C 3 .   ? 21.662  8.867   3.407   1.00 44.18 ? 450 HOH A O   1 
HETATM 1328 O  O   . HOH C 3 .   ? -4.327  -4.086  -14.473 1.00 50.12 ? 451 HOH A O   1 
HETATM 1329 O  O   . HOH C 3 .   ? -8.572  -19.326 -7.650  1.00 49.15 ? 452 HOH A O   1 
HETATM 1330 O  O   . HOH C 3 .   ? -15.856 -0.897  -5.550  1.00 54.81 ? 453 HOH A O   1 
HETATM 1331 O  O   . HOH C 3 .   ? -14.999 3.871   -6.153  1.00 51.00 ? 454 HOH A O   1 
HETATM 1332 O  O   . HOH C 3 .   ? -7.762  13.350  6.861   1.00 55.97 ? 455 HOH A O   1 
HETATM 1333 O  O   . HOH C 3 .   ? -6.825  -21.974 -2.596  1.00 47.83 ? 456 HOH A O   1 
HETATM 1334 O  O   . HOH C 3 .   ? -18.896 -10.518 1.141   1.00 56.13 ? 457 HOH A O   1 
HETATM 1335 O  O   . HOH C 3 .   ? -3.361  -9.802  -16.087 1.00 53.88 ? 458 HOH A O   1 
HETATM 1336 O  O   . HOH C 3 .   ? -16.908 -2.190  1.342   1.00 41.45 ? 459 HOH A O   1 
HETATM 1337 O  O   . HOH C 3 .   ? 1.694   -8.843  -11.403 1.00 46.21 ? 460 HOH A O   1 
HETATM 1338 O  O   . HOH C 3 .   ? -5.439  3.407   -15.176 1.00 55.61 ? 461 HOH A O   1 
HETATM 1339 O  O   . HOH C 3 .   ? 4.151   7.653   13.535  1.00 43.70 ? 462 HOH A O   1 
HETATM 1340 O  O   . HOH C 3 .   ? 19.305  1.655   -16.938 1.00 58.24 ? 463 HOH A O   1 
HETATM 1341 O  O   . HOH C 3 .   ? 21.062  -1.378  -15.278 1.00 60.67 ? 464 HOH A O   1 
HETATM 1342 O  O   . HOH C 3 .   ? 10.126  -6.930  -16.104 1.00 46.49 ? 465 HOH A O   1 
HETATM 1343 O  O   . HOH C 3 .   ? -17.625 -11.682 3.426   1.00 65.96 ? 466 HOH A O   1 
HETATM 1344 O  O   . HOH C 3 .   ? -15.455 -7.818  6.533   1.00 48.32 ? 467 HOH A O   1 
HETATM 1345 O  O   . HOH C 3 .   ? -14.715 -8.440  10.544  1.00 61.72 ? 468 HOH A O   1 
HETATM 1346 O  O   . HOH C 3 .   ? 10.020  11.804  9.007   1.00 51.67 ? 469 HOH A O   1 
HETATM 1347 O  O   . HOH C 3 .   ? -6.777  -21.627 -5.713  1.00 60.57 ? 470 HOH A O   1 
HETATM 1348 O  O   . HOH C 3 .   ? 12.817  9.016   15.063  1.00 64.94 ? 471 HOH A O   1 
HETATM 1349 O  O   . HOH C 3 .   ? 10.674  7.391   16.175  1.00 55.27 ? 472 HOH A O   1 
HETATM 1350 O  O   . HOH C 3 .   ? 7.869   6.426   -9.277  1.00 31.90 ? 473 HOH A O   1 
HETATM 1351 O  O   . HOH C 3 .   ? 3.813   8.203   -11.382 1.00 53.66 ? 474 HOH A O   1 
HETATM 1352 O  O   . HOH C 3 .   ? 5.012   6.365   -10.333 1.00 52.76 ? 475 HOH A O   1 
HETATM 1353 O  O   . HOH C 3 .   ? -0.060  -3.175  -14.013 1.00 47.07 ? 476 HOH A O   1 
HETATM 1354 O  O   . HOH C 3 .   ? -2.036  -3.331  -15.747 1.00 63.30 ? 477 HOH A O   1 
HETATM 1355 O  O   . HOH C 3 .   ? 0.053   -3.504  -15.879 1.00 39.92 ? 478 HOH A O   1 
HETATM 1356 O  O   . HOH C 3 .   ? -5.057  3.501   21.496  1.00 49.72 ? 479 HOH A O   1 
HETATM 1357 O  O   . HOH C 3 .   ? -4.857  1.344   21.823  1.00 43.51 ? 480 HOH A O   1 
HETATM 1358 O  O   . HOH C 3 .   ? -5.024  0.347   24.018  1.00 33.48 ? 481 HOH A O   1 
HETATM 1359 O  O   . HOH C 3 .   ? -7.251  0.591   25.388  1.00 28.35 ? 482 HOH A O   1 
HETATM 1360 O  O   . HOH C 3 .   ? 20.579  5.282   5.166   1.00 47.40 ? 483 HOH A O   1 
HETATM 1361 O  O   . HOH C 3 .   ? 10.105  9.339   -7.609  1.00 62.77 ? 484 HOH A O   1 
HETATM 1362 O  O   . HOH C 3 .   ? 6.697   11.465  -5.499  1.00 55.22 ? 485 HOH A O   1 
HETATM 1363 O  O   . HOH C 3 .   ? -16.329 0.993   -1.321  1.00 50.73 ? 486 HOH A O   1 
HETATM 1364 O  O   . HOH C 3 .   ? -6.684  -2.826  -13.828 1.00 63.36 ? 487 HOH A O   1 
HETATM 1365 O  O   . HOH C 3 .   ? 1.915   13.203  1.900   1.00 56.06 ? 488 HOH A O   1 
HETATM 1366 O  O   . HOH C 3 .   ? 2.259   15.410  1.457   1.00 55.41 ? 489 HOH A O   1 
HETATM 1367 O  O   . HOH C 3 .   ? 2.869   14.708  3.492   1.00 50.63 ? 490 HOH A O   1 
HETATM 1368 O  O   . HOH C 3 .   ? 4.773   15.782  0.166   1.00 43.88 ? 491 HOH A O   1 
HETATM 1369 O  O   . HOH C 3 .   ? 2.047   10.917  -3.821  1.00 49.07 ? 492 HOH A O   1 
HETATM 1370 O  O   . HOH C 3 .   ? 4.632   9.328   -4.032  1.00 47.19 ? 493 HOH A O   1 
HETATM 1371 O  O   . HOH C 3 .   ? 4.194   11.380  -3.949  1.00 51.26 ? 494 HOH A O   1 
HETATM 1372 O  O   . HOH C 3 .   ? -5.713  9.873   8.124   1.00 63.84 ? 495 HOH A O   1 
HETATM 1373 O  O   . HOH C 3 .   ? -3.647  11.127  7.393   1.00 55.57 ? 496 HOH A O   1 
HETATM 1374 O  O   . HOH C 3 .   ? -5.135  12.241  7.315   1.00 59.79 ? 497 HOH A O   1 
HETATM 1375 O  O   . HOH C 3 .   ? -2.416  13.632  5.770   1.00 54.75 ? 498 HOH A O   1 
HETATM 1376 O  O   . HOH C 3 .   ? -18.420 5.703   5.415   1.00 61.42 ? 499 HOH A O   1 
HETATM 1377 O  O   . HOH C 3 .   ? -1.615  12.501  1.876   1.00 50.54 ? 500 HOH A O   1 
HETATM 1378 O  O   . HOH C 3 .   ? -13.605 -3.929  -9.785  1.00 49.61 ? 501 HOH A O   1 
HETATM 1379 O  O   . HOH C 3 .   ? 7.456   10.449  14.753  1.00 52.09 ? 502 HOH A O   1 
HETATM 1380 O  O   . HOH C 3 .   ? -19.109 1.001   8.054   1.00 52.98 ? 503 HOH A O   1 
HETATM 1381 O  O   . HOH C 3 .   ? 4.294   17.150  4.597   1.00 60.23 ? 504 HOH A O   1 
HETATM 1382 O  O   . HOH C 3 .   ? 5.906   13.728  9.530   1.00 60.96 ? 505 HOH A O   1 
HETATM 1383 O  O   . HOH C 3 .   ? -1.561  6.013   -18.462 1.00 57.05 ? 506 HOH A O   1 
HETATM 1384 O  O   . HOH C 3 .   ? -17.455 -6.770  4.833   1.00 60.72 ? 507 HOH A O   1 
HETATM 1385 O  O   . HOH C 3 .   ? -5.252  10.499  12.737  1.00 58.92 ? 508 HOH A O   1 
HETATM 1386 O  O   . HOH C 3 .   ? -6.378  5.748   -16.693 1.00 58.57 ? 509 HOH A O   1 
HETATM 1387 O  O   . HOH C 3 .   ? -4.501  8.564   -16.711 1.00 68.57 ? 510 HOH A O   1 
HETATM 1388 O  O   . HOH C 3 .   ? 1.024   8.685   -16.068 1.00 59.51 ? 511 HOH A O   1 
HETATM 1389 O  O   . HOH C 3 .   ? -12.720 -8.164  -9.568  1.00 50.48 ? 512 HOH A O   1 
HETATM 1390 O  O   . HOH C 3 .   ? -18.220 3.285   5.646   1.00 61.42 ? 513 HOH A O   1 
# 
loop_
_pdbx_poly_seq_scheme.asym_id 
_pdbx_poly_seq_scheme.entity_id 
_pdbx_poly_seq_scheme.seq_id 
_pdbx_poly_seq_scheme.mon_id 
_pdbx_poly_seq_scheme.ndb_seq_num 
_pdbx_poly_seq_scheme.pdb_seq_num 
_pdbx_poly_seq_scheme.auth_seq_num 
_pdbx_poly_seq_scheme.pdb_mon_id 
_pdbx_poly_seq_scheme.auth_mon_id 
_pdbx_poly_seq_scheme.pdb_strand_id 
_pdbx_poly_seq_scheme.pdb_ins_code 
_pdbx_poly_seq_scheme.hetero 
A 1 1   MSE 1   -11 ?   ?   ?   A . n 
A 1 2   GLY 2   -10 ?   ?   ?   A . n 
A 1 3   SER 3   -9  ?   ?   ?   A . n 
A 1 4   ASP 4   -8  ?   ?   ?   A . n 
A 1 5   LYS 5   -7  ?   ?   ?   A . n 
A 1 6   ILE 6   -6  ?   ?   ?   A . n 
A 1 7   HIS 7   -5  ?   ?   ?   A . n 
A 1 8   HIS 8   -4  ?   ?   ?   A . n 
A 1 9   HIS 9   -3  ?   ?   ?   A . n 
A 1 10  HIS 10  -2  ?   ?   ?   A . n 
A 1 11  HIS 11  -1  -1  HIS HIS A . n 
A 1 12  HIS 12  0   0   HIS HIS A . n 
A 1 13  VAL 13  1   1   VAL VAL A . n 
A 1 14  LYS 14  2   2   LYS LYS A . n 
A 1 15  ILE 15  3   3   ILE ILE A . n 
A 1 16  ALA 16  4   4   ALA ALA A . n 
A 1 17  ILE 17  5   5   ILE ILE A . n 
A 1 18  ALA 18  6   6   ALA ALA A . n 
A 1 19  SER 19  7   7   SER SER A . n 
A 1 20  ASP 20  8   8   ASP ASP A . n 
A 1 21  HIS 21  9   9   HIS HIS A . n 
A 1 22  ALA 22  10  10  ALA ALA A . n 
A 1 23  ALA 23  11  11  ALA ALA A . n 
A 1 24  PHE 24  12  12  PHE PHE A . n 
A 1 25  GLU 25  13  13  GLU GLU A . n 
A 1 26  LEU 26  14  14  LEU LEU A . n 
A 1 27  LYS 27  15  15  LYS LYS A . n 
A 1 28  GLU 28  16  16  GLU GLU A . n 
A 1 29  LYS 29  17  17  LYS LYS A . n 
A 1 30  VAL 30  18  18  VAL VAL A . n 
A 1 31  LYS 31  19  19  LYS LYS A . n 
A 1 32  ASN 32  20  20  ASN ASN A . n 
A 1 33  TYR 33  21  21  TYR TYR A . n 
A 1 34  LEU 34  22  22  LEU LEU A . n 
A 1 35  LEU 35  23  23  LEU LEU A . n 
A 1 36  GLY 36  24  24  GLY GLY A . n 
A 1 37  LYS 37  25  25  LYS LYS A . n 
A 1 38  GLY 38  26  26  GLY GLY A . n 
A 1 39  ILE 39  27  27  ILE ILE A . n 
A 1 40  GLU 40  28  28  GLU GLU A . n 
A 1 41  VAL 41  29  29  VAL VAL A . n 
A 1 42  GLU 42  30  30  GLU GLU A . n 
A 1 43  ASP 43  31  31  ASP ASP A . n 
A 1 44  HIS 44  32  32  HIS HIS A . n 
A 1 45  GLY 45  33  33  GLY GLY A . n 
A 1 46  THR 46  34  34  THR THR A . n 
A 1 47  TYR 47  35  35  TYR TYR A . n 
A 1 48  SER 48  36  36  SER SER A . n 
A 1 49  GLU 49  37  37  GLU GLU A . n 
A 1 50  GLU 50  38  38  GLU GLU A . n 
A 1 51  SER 51  39  39  SER SER A . n 
A 1 52  VAL 52  40  40  VAL VAL A . n 
A 1 53  ASP 53  41  41  ASP ASP A . n 
A 1 54  TYR 54  42  42  TYR TYR A . n 
A 1 55  PRO 55  43  43  PRO PRO A . n 
A 1 56  ASP 56  44  44  ASP ASP A . n 
A 1 57  TYR 57  45  45  TYR TYR A . n 
A 1 58  ALA 58  46  46  ALA ALA A . n 
A 1 59  LYS 59  47  47  LYS LYS A . n 
A 1 60  LYS 60  48  48  LYS LYS A . n 
A 1 61  VAL 61  49  49  VAL VAL A . n 
A 1 62  VAL 62  50  50  VAL VAL A . n 
A 1 63  GLN 63  51  51  GLN GLN A . n 
A 1 64  SER 64  52  52  SER SER A . n 
A 1 65  ILE 65  53  53  ILE ILE A . n 
A 1 66  LEU 66  54  54  LEU LEU A . n 
A 1 67  SER 67  55  55  SER SER A . n 
A 1 68  ASN 68  56  56  ASN ASN A . n 
A 1 69  GLU 69  57  57  GLU GLU A . n 
A 1 70  ALA 70  58  58  ALA ALA A . n 
A 1 71  ASP 71  59  59  ASP ASP A . n 
A 1 72  PHE 72  60  60  PHE PHE A . n 
A 1 73  GLY 73  61  61  GLY GLY A . n 
A 1 74  ILE 74  62  62  ILE ILE A . n 
A 1 75  LEU 75  63  63  LEU LEU A . n 
A 1 76  LEU 76  64  64  LEU LEU A . n 
A 1 77  OCS 77  65  65  OCS OCS A . n 
A 1 78  GLY 78  66  66  GLY GLY A . n 
A 1 79  THR 79  67  67  THR THR A . n 
A 1 80  GLY 80  68  68  GLY GLY A . n 
A 1 81  LEU 81  69  69  LEU LEU A . n 
A 1 82  GLY 82  70  70  GLY GLY A . n 
A 1 83  MSE 83  71  71  MSE MSE A . n 
A 1 84  SER 84  72  72  SER SER A . n 
A 1 85  ILE 85  73  73  ILE ILE A . n 
A 1 86  ALA 86  74  74  ALA ALA A . n 
A 1 87  ALA 87  75  75  ALA ALA A . n 
A 1 88  ASN 88  76  76  ASN ASN A . n 
A 1 89  ARG 89  77  77  ARG ARG A . n 
A 1 90  TYR 90  78  78  TYR TYR A . n 
A 1 91  ARG 91  79  79  ARG ARG A . n 
A 1 92  GLY 92  80  80  GLY GLY A . n 
A 1 93  ILE 93  81  81  ILE ILE A . n 
A 1 94  ARG 94  82  82  ARG ARG A . n 
A 1 95  ALA 95  83  83  ALA ALA A . n 
A 1 96  ALA 96  84  84  ALA ALA A . n 
A 1 97  LEU 97  85  85  LEU LEU A . n 
A 1 98  CYS 98  86  86  CYS CYS A . n 
A 1 99  LEU 99  87  87  LEU LEU A . n 
A 1 100 PHE 100 88  88  PHE PHE A . n 
A 1 101 PRO 101 89  89  PRO PRO A . n 
A 1 102 ASP 102 90  90  ASP ASP A . n 
A 1 103 MSE 103 91  91  MSE MSE A . n 
A 1 104 ALA 104 92  92  ALA ALA A . n 
A 1 105 ARG 105 93  93  ARG ARG A . n 
A 1 106 LEU 106 94  94  LEU LEU A . n 
A 1 107 ALA 107 95  95  ALA ALA A . n 
A 1 108 ARG 108 96  96  ARG ARG A . n 
A 1 109 SER 109 97  97  SER SER A . n 
A 1 110 HIS 110 98  98  HIS HIS A . n 
A 1 111 ASN 111 99  99  ASN ASN A . n 
A 1 112 ASN 112 100 100 ASN ASN A . n 
A 1 113 ALA 113 101 101 ALA ALA A . n 
A 1 114 ASN 114 102 102 ASN ASN A . n 
A 1 115 ILE 115 103 103 ILE ILE A . n 
A 1 116 LEU 116 104 104 LEU LEU A . n 
A 1 117 VAL 117 105 105 VAL VAL A . n 
A 1 118 LEU 118 106 106 LEU LEU A . n 
A 1 119 PRO 119 107 107 PRO PRO A . n 
A 1 120 GLY 120 108 108 GLY GLY A . n 
A 1 121 ARG 121 109 109 ARG ARG A . n 
A 1 122 LEU 122 110 110 LEU LEU A . n 
A 1 123 ILE 123 111 111 ILE ILE A . n 
A 1 124 GLY 124 112 112 GLY GLY A . n 
A 1 125 ALA 125 113 113 ALA ALA A . n 
A 1 126 GLU 126 114 114 GLU GLU A . n 
A 1 127 LEU 127 115 115 LEU LEU A . n 
A 1 128 ALA 128 116 116 ALA ALA A . n 
A 1 129 PHE 129 117 117 PHE PHE A . n 
A 1 130 TRP 130 118 118 TRP TRP A . n 
A 1 131 ILE 131 119 119 ILE ILE A . n 
A 1 132 VAL 132 120 120 VAL VAL A . n 
A 1 133 ASP 133 121 121 ASP ASP A . n 
A 1 134 THR 134 122 122 THR THR A . n 
A 1 135 PHE 135 123 123 PHE PHE A . n 
A 1 136 LEU 136 124 124 LEU LEU A . n 
A 1 137 SER 137 125 125 SER SER A . n 
A 1 138 THR 138 126 126 THR THR A . n 
A 1 139 PRO 139 127 127 PRO PRO A . n 
A 1 140 PHE 140 128 128 PHE PHE A . n 
A 1 141 ASP 141 129 129 ASP ASP A . n 
A 1 142 GLY 142 130 130 GLY GLY A . n 
A 1 143 GLY 143 131 131 GLY GLY A . n 
A 1 144 ARG 144 132 132 ARG ARG A . n 
A 1 145 HIS 145 133 133 HIS HIS A . n 
A 1 146 GLU 146 134 134 GLU GLU A . n 
A 1 147 ARG 147 135 135 ARG ARG A . n 
A 1 148 ARG 148 136 136 ARG ARG A . n 
A 1 149 ILE 149 137 137 ILE ILE A . n 
A 1 150 ARG 150 138 138 ARG ARG A . n 
A 1 151 LYS 151 139 139 LYS LYS A . n 
A 1 152 ILE 152 140 140 ILE ILE A . n 
A 1 153 ASP 153 141 141 ASP ASP A . n 
A 1 154 GLU 154 142 142 GLU GLU A . n 
A 1 155 VAL 155 143 143 VAL VAL A . n 
# 
_pdbx_SG_project.id                    1 
_pdbx_SG_project.project_name          'PSI, Protein Structure Initiative' 
_pdbx_SG_project.full_name_of_center   'Joint Center for Structural Genomics' 
_pdbx_SG_project.initial_of_center     JCSG 
# 
loop_
_pdbx_nonpoly_scheme.asym_id 
_pdbx_nonpoly_scheme.entity_id 
_pdbx_nonpoly_scheme.mon_id 
_pdbx_nonpoly_scheme.ndb_seq_num 
_pdbx_nonpoly_scheme.pdb_seq_num 
_pdbx_nonpoly_scheme.auth_seq_num 
_pdbx_nonpoly_scheme.pdb_mon_id 
_pdbx_nonpoly_scheme.auth_mon_id 
_pdbx_nonpoly_scheme.pdb_strand_id 
_pdbx_nonpoly_scheme.pdb_ins_code 
B 2 MPD 1   301 301 MPD MPD A . 
C 3 HOH 1   302 1   HOH HOH A . 
C 3 HOH 2   303 2   HOH HOH A . 
C 3 HOH 3   304 3   HOH HOH A . 
C 3 HOH 4   305 4   HOH HOH A . 
C 3 HOH 5   306 5   HOH HOH A . 
C 3 HOH 6   307 6   HOH HOH A . 
C 3 HOH 7   308 7   HOH HOH A . 
C 3 HOH 8   309 8   HOH HOH A . 
C 3 HOH 9   310 9   HOH HOH A . 
C 3 HOH 10  311 10  HOH HOH A . 
C 3 HOH 11  312 11  HOH HOH A . 
C 3 HOH 12  313 12  HOH HOH A . 
C 3 HOH 13  314 13  HOH HOH A . 
C 3 HOH 14  315 14  HOH HOH A . 
C 3 HOH 15  316 15  HOH HOH A . 
C 3 HOH 16  317 16  HOH HOH A . 
C 3 HOH 17  318 17  HOH HOH A . 
C 3 HOH 18  319 18  HOH HOH A . 
C 3 HOH 19  320 19  HOH HOH A . 
C 3 HOH 20  321 20  HOH HOH A . 
C 3 HOH 21  322 21  HOH HOH A . 
C 3 HOH 22  323 22  HOH HOH A . 
C 3 HOH 23  324 23  HOH HOH A . 
C 3 HOH 24  325 24  HOH HOH A . 
C 3 HOH 25  326 25  HOH HOH A . 
C 3 HOH 26  327 26  HOH HOH A . 
C 3 HOH 27  328 27  HOH HOH A . 
C 3 HOH 28  329 28  HOH HOH A . 
C 3 HOH 29  330 29  HOH HOH A . 
C 3 HOH 30  331 30  HOH HOH A . 
C 3 HOH 31  332 31  HOH HOH A . 
C 3 HOH 32  333 32  HOH HOH A . 
C 3 HOH 33  334 33  HOH HOH A . 
C 3 HOH 34  335 34  HOH HOH A . 
C 3 HOH 35  336 35  HOH HOH A . 
C 3 HOH 36  337 36  HOH HOH A . 
C 3 HOH 37  338 37  HOH HOH A . 
C 3 HOH 38  339 38  HOH HOH A . 
C 3 HOH 39  340 39  HOH HOH A . 
C 3 HOH 40  341 40  HOH HOH A . 
C 3 HOH 41  342 41  HOH HOH A . 
C 3 HOH 42  343 42  HOH HOH A . 
C 3 HOH 43  344 43  HOH HOH A . 
C 3 HOH 44  345 44  HOH HOH A . 
C 3 HOH 45  346 45  HOH HOH A . 
C 3 HOH 46  347 46  HOH HOH A . 
C 3 HOH 47  348 47  HOH HOH A . 
C 3 HOH 48  349 49  HOH HOH A . 
C 3 HOH 49  350 50  HOH HOH A . 
C 3 HOH 50  351 51  HOH HOH A . 
C 3 HOH 51  352 52  HOH HOH A . 
C 3 HOH 52  353 53  HOH HOH A . 
C 3 HOH 53  354 54  HOH HOH A . 
C 3 HOH 54  355 56  HOH HOH A . 
C 3 HOH 55  356 57  HOH HOH A . 
C 3 HOH 56  357 58  HOH HOH A . 
C 3 HOH 57  358 59  HOH HOH A . 
C 3 HOH 58  359 60  HOH HOH A . 
C 3 HOH 59  360 61  HOH HOH A . 
C 3 HOH 60  361 62  HOH HOH A . 
C 3 HOH 61  362 63  HOH HOH A . 
C 3 HOH 62  363 64  HOH HOH A . 
C 3 HOH 63  364 65  HOH HOH A . 
C 3 HOH 64  365 66  HOH HOH A . 
C 3 HOH 65  366 67  HOH HOH A . 
C 3 HOH 66  367 68  HOH HOH A . 
C 3 HOH 67  368 69  HOH HOH A . 
C 3 HOH 68  369 70  HOH HOH A . 
C 3 HOH 69  370 71  HOH HOH A . 
C 3 HOH 70  371 72  HOH HOH A . 
C 3 HOH 71  372 73  HOH HOH A . 
C 3 HOH 72  373 74  HOH HOH A . 
C 3 HOH 73  374 75  HOH HOH A . 
C 3 HOH 74  375 77  HOH HOH A . 
C 3 HOH 75  376 78  HOH HOH A . 
C 3 HOH 76  377 79  HOH HOH A . 
C 3 HOH 77  378 80  HOH HOH A . 
C 3 HOH 78  379 81  HOH HOH A . 
C 3 HOH 79  380 82  HOH HOH A . 
C 3 HOH 80  381 83  HOH HOH A . 
C 3 HOH 81  382 84  HOH HOH A . 
C 3 HOH 82  383 85  HOH HOH A . 
C 3 HOH 83  384 86  HOH HOH A . 
C 3 HOH 84  385 89  HOH HOH A . 
C 3 HOH 85  386 90  HOH HOH A . 
C 3 HOH 86  387 91  HOH HOH A . 
C 3 HOH 87  388 92  HOH HOH A . 
C 3 HOH 88  389 94  HOH HOH A . 
C 3 HOH 89  390 95  HOH HOH A . 
C 3 HOH 90  391 97  HOH HOH A . 
C 3 HOH 91  392 98  HOH HOH A . 
C 3 HOH 92  393 100 HOH HOH A . 
C 3 HOH 93  394 101 HOH HOH A . 
C 3 HOH 94  395 102 HOH HOH A . 
C 3 HOH 95  396 103 HOH HOH A . 
C 3 HOH 96  397 104 HOH HOH A . 
C 3 HOH 97  398 106 HOH HOH A . 
C 3 HOH 98  399 107 HOH HOH A . 
C 3 HOH 99  400 108 HOH HOH A . 
C 3 HOH 100 401 109 HOH HOH A . 
C 3 HOH 101 402 110 HOH HOH A . 
C 3 HOH 102 403 111 HOH HOH A . 
C 3 HOH 103 404 112 HOH HOH A . 
C 3 HOH 104 405 113 HOH HOH A . 
C 3 HOH 105 406 114 HOH HOH A . 
C 3 HOH 106 407 115 HOH HOH A . 
C 3 HOH 107 408 116 HOH HOH A . 
C 3 HOH 108 409 117 HOH HOH A . 
C 3 HOH 109 410 119 HOH HOH A . 
C 3 HOH 110 411 120 HOH HOH A . 
C 3 HOH 111 412 121 HOH HOH A . 
C 3 HOH 112 413 122 HOH HOH A . 
C 3 HOH 113 414 123 HOH HOH A . 
C 3 HOH 114 415 124 HOH HOH A . 
C 3 HOH 115 416 127 HOH HOH A . 
C 3 HOH 116 417 128 HOH HOH A . 
C 3 HOH 117 418 129 HOH HOH A . 
C 3 HOH 118 419 130 HOH HOH A . 
C 3 HOH 119 420 131 HOH HOH A . 
C 3 HOH 120 421 132 HOH HOH A . 
C 3 HOH 121 422 133 HOH HOH A . 
C 3 HOH 122 423 134 HOH HOH A . 
C 3 HOH 123 424 135 HOH HOH A . 
C 3 HOH 124 425 136 HOH HOH A . 
C 3 HOH 125 426 137 HOH HOH A . 
C 3 HOH 126 427 138 HOH HOH A . 
C 3 HOH 127 428 139 HOH HOH A . 
C 3 HOH 128 429 140 HOH HOH A . 
C 3 HOH 129 430 141 HOH HOH A . 
C 3 HOH 130 431 142 HOH HOH A . 
C 3 HOH 131 432 143 HOH HOH A . 
C 3 HOH 132 433 147 HOH HOH A . 
C 3 HOH 133 434 148 HOH HOH A . 
C 3 HOH 134 435 149 HOH HOH A . 
C 3 HOH 135 436 150 HOH HOH A . 
C 3 HOH 136 437 151 HOH HOH A . 
C 3 HOH 137 438 152 HOH HOH A . 
C 3 HOH 138 439 153 HOH HOH A . 
C 3 HOH 139 440 154 HOH HOH A . 
C 3 HOH 140 441 155 HOH HOH A . 
C 3 HOH 141 442 156 HOH HOH A . 
C 3 HOH 142 443 157 HOH HOH A . 
C 3 HOH 143 444 158 HOH HOH A . 
C 3 HOH 144 445 159 HOH HOH A . 
C 3 HOH 145 446 160 HOH HOH A . 
C 3 HOH 146 447 161 HOH HOH A . 
C 3 HOH 147 448 162 HOH HOH A . 
C 3 HOH 148 449 163 HOH HOH A . 
C 3 HOH 149 450 164 HOH HOH A . 
C 3 HOH 150 451 165 HOH HOH A . 
C 3 HOH 151 452 166 HOH HOH A . 
C 3 HOH 152 453 167 HOH HOH A . 
C 3 HOH 153 454 168 HOH HOH A . 
C 3 HOH 154 455 169 HOH HOH A . 
C 3 HOH 155 456 170 HOH HOH A . 
C 3 HOH 156 457 171 HOH HOH A . 
C 3 HOH 157 458 172 HOH HOH A . 
C 3 HOH 158 459 173 HOH HOH A . 
C 3 HOH 159 460 174 HOH HOH A . 
C 3 HOH 160 461 175 HOH HOH A . 
C 3 HOH 161 462 176 HOH HOH A . 
C 3 HOH 162 463 181 HOH HOH A . 
C 3 HOH 163 464 182 HOH HOH A . 
C 3 HOH 164 465 184 HOH HOH A . 
C 3 HOH 165 466 185 HOH HOH A . 
C 3 HOH 166 467 186 HOH HOH A . 
C 3 HOH 167 468 187 HOH HOH A . 
C 3 HOH 168 469 188 HOH HOH A . 
C 3 HOH 169 470 190 HOH HOH A . 
C 3 HOH 170 471 191 HOH HOH A . 
C 3 HOH 171 472 192 HOH HOH A . 
C 3 HOH 172 473 194 HOH HOH A . 
C 3 HOH 173 474 195 HOH HOH A . 
C 3 HOH 174 475 196 HOH HOH A . 
C 3 HOH 175 476 197 HOH HOH A . 
C 3 HOH 176 477 198 HOH HOH A . 
C 3 HOH 177 478 199 HOH HOH A . 
C 3 HOH 178 479 200 HOH HOH A . 
C 3 HOH 179 480 201 HOH HOH A . 
C 3 HOH 180 481 202 HOH HOH A . 
C 3 HOH 181 482 203 HOH HOH A . 
C 3 HOH 182 483 204 HOH HOH A . 
C 3 HOH 183 484 205 HOH HOH A . 
C 3 HOH 184 485 206 HOH HOH A . 
C 3 HOH 185 486 207 HOH HOH A . 
C 3 HOH 186 487 208 HOH HOH A . 
C 3 HOH 187 488 209 HOH HOH A . 
C 3 HOH 188 489 210 HOH HOH A . 
C 3 HOH 189 490 211 HOH HOH A . 
C 3 HOH 190 491 212 HOH HOH A . 
C 3 HOH 191 492 213 HOH HOH A . 
C 3 HOH 192 493 214 HOH HOH A . 
C 3 HOH 193 494 215 HOH HOH A . 
C 3 HOH 194 495 216 HOH HOH A . 
C 3 HOH 195 496 217 HOH HOH A . 
C 3 HOH 196 497 218 HOH HOH A . 
C 3 HOH 197 498 219 HOH HOH A . 
C 3 HOH 198 499 220 HOH HOH A . 
C 3 HOH 199 500 221 HOH HOH A . 
C 3 HOH 200 501 222 HOH HOH A . 
C 3 HOH 201 502 223 HOH HOH A . 
C 3 HOH 202 503 224 HOH HOH A . 
C 3 HOH 203 504 225 HOH HOH A . 
C 3 HOH 204 505 226 HOH HOH A . 
C 3 HOH 205 506 227 HOH HOH A . 
C 3 HOH 206 507 229 HOH HOH A . 
C 3 HOH 207 508 230 HOH HOH A . 
C 3 HOH 208 509 232 HOH HOH A . 
C 3 HOH 209 510 233 HOH HOH A . 
C 3 HOH 210 511 234 HOH HOH A . 
C 3 HOH 211 512 235 HOH HOH A . 
C 3 HOH 212 513 236 HOH HOH A . 
# 
loop_
_pdbx_struct_mod_residue.id 
_pdbx_struct_mod_residue.label_asym_id 
_pdbx_struct_mod_residue.label_comp_id 
_pdbx_struct_mod_residue.label_seq_id 
_pdbx_struct_mod_residue.auth_asym_id 
_pdbx_struct_mod_residue.auth_comp_id 
_pdbx_struct_mod_residue.auth_seq_id 
_pdbx_struct_mod_residue.PDB_ins_code 
_pdbx_struct_mod_residue.parent_comp_id 
_pdbx_struct_mod_residue.details 
1 A OCS 77  A OCS 65 ? CYS 'CYSTEINESULFONIC ACID' 
2 A MSE 83  A MSE 71 ? MET SELENOMETHIONINE        
3 A MSE 103 A MSE 91 ? MET SELENOMETHIONINE        
# 
_pdbx_struct_assembly.id                   1 
_pdbx_struct_assembly.details              author_and_software_defined_assembly 
_pdbx_struct_assembly.method_details       PISA,PQS 
_pdbx_struct_assembly.oligomeric_details   tetrameric 
_pdbx_struct_assembly.oligomeric_count     4 
# 
_pdbx_struct_assembly_gen.assembly_id       1 
_pdbx_struct_assembly_gen.oper_expression   1,2,3,4 
_pdbx_struct_assembly_gen.asym_id_list      A,B,C 
# 
loop_
_pdbx_struct_assembly_prop.biol_id 
_pdbx_struct_assembly_prop.type 
_pdbx_struct_assembly_prop.value 
_pdbx_struct_assembly_prop.details 
1 'ABSA (A^2)' 10130 ? 
1 MORE         -91   ? 
1 'SSA (A^2)'  20690 ? 
# 
loop_
_pdbx_struct_oper_list.id 
_pdbx_struct_oper_list.type 
_pdbx_struct_oper_list.name 
_pdbx_struct_oper_list.symmetry_operation 
_pdbx_struct_oper_list.matrix[1][1] 
_pdbx_struct_oper_list.matrix[1][2] 
_pdbx_struct_oper_list.matrix[1][3] 
_pdbx_struct_oper_list.vector[1] 
_pdbx_struct_oper_list.matrix[2][1] 
_pdbx_struct_oper_list.matrix[2][2] 
_pdbx_struct_oper_list.matrix[2][3] 
_pdbx_struct_oper_list.vector[2] 
_pdbx_struct_oper_list.matrix[3][1] 
_pdbx_struct_oper_list.matrix[3][2] 
_pdbx_struct_oper_list.matrix[3][3] 
_pdbx_struct_oper_list.vector[3] 
1 'identity operation'         1_555 x,y,z       1.0000000000  0.0000000000  0.0000000000  0.0000000000  0.0000000000  1.0000000000  0.0000000000  0.0000000000   0.0000000000  0.0000000000  1.0000000000  0.0000000000  
2 'crystal symmetry operation' 2_655 -x+1,-y,z   -0.9722469845 0.0094733367  -0.2337649613 17.6920737444 0.0094733367  -0.9967663295 -0.0797943628 -12.7330439883 -0.2337649613 -0.0797943628 0.9690133139  1.5844290028  
3 'crystal symmetry operation' 3_656 -x+1,y,-z+1 -0.9830143675 -0.1834486352 -0.0054176989 12.8610118689 -0.1834486352 0.9812863506  0.0585123615  0.2567323639   -0.0054176989 0.0585123615  -0.9982719830 31.6287823520 
4 'crystal symmetry operation' 4_556 x,-y,-z+1   0.9552613520  0.1739752985  0.2391826601  -2.2032752309 0.1739752985  -0.9845200211 0.0212820013  -15.3909080028 0.2391826601  0.0212820013  -0.9707413309 29.2062004684 
# 
loop_
_pdbx_audit_revision_history.ordinal 
_pdbx_audit_revision_history.data_content_type 
_pdbx_audit_revision_history.major_revision 
_pdbx_audit_revision_history.minor_revision 
_pdbx_audit_revision_history.revision_date 
1 'Structure model' 1 0 2003-04-01 
2 'Structure model' 1 1 2008-04-26 
3 'Structure model' 1 2 2011-07-13 
4 'Structure model' 1 3 2017-10-04 
5 'Structure model' 1 4 2018-07-18 
6 'Structure model' 1 5 2019-07-24 
7 'Structure model' 1 6 2023-01-25 
# 
_pdbx_audit_revision_details.ordinal             1 
_pdbx_audit_revision_details.revision_ordinal    1 
_pdbx_audit_revision_details.data_content_type   'Structure model' 
_pdbx_audit_revision_details.provider            repository 
_pdbx_audit_revision_details.type                'Initial release' 
_pdbx_audit_revision_details.description         ? 
_pdbx_audit_revision_details.details             ? 
# 
loop_
_pdbx_audit_revision_group.ordinal 
_pdbx_audit_revision_group.revision_ordinal 
_pdbx_audit_revision_group.data_content_type 
_pdbx_audit_revision_group.group 
1  2 'Structure model' 'Version format compliance' 
2  3 'Structure model' Advisory                    
3  3 'Structure model' 'Derived calculations'      
4  3 'Structure model' 'Version format compliance' 
5  4 'Structure model' 'Refinement description'    
6  5 'Structure model' 'Data collection'           
7  5 'Structure model' 'Database references'       
8  6 'Structure model' 'Data collection'           
9  6 'Structure model' 'Derived calculations'      
10 6 'Structure model' 'Refinement description'    
11 7 'Structure model' 'Database references'       
12 7 'Structure model' 'Derived calculations'      
# 
loop_
_pdbx_audit_revision_category.ordinal 
_pdbx_audit_revision_category.revision_ordinal 
_pdbx_audit_revision_category.data_content_type 
_pdbx_audit_revision_category.category 
1 4 'Structure model' software              
2 5 'Structure model' pdbx_database_related 
3 6 'Structure model' software              
4 6 'Structure model' struct_conn           
5 7 'Structure model' database_2            
6 7 'Structure model' struct_ref_seq_dif    
7 7 'Structure model' struct_site           
# 
loop_
_pdbx_audit_revision_item.ordinal 
_pdbx_audit_revision_item.revision_ordinal 
_pdbx_audit_revision_item.data_content_type 
_pdbx_audit_revision_item.item 
1 6 'Structure model' '_software.classification'            
2 6 'Structure model' '_software.name'                      
3 6 'Structure model' '_struct_conn.pdbx_leaving_atom_flag' 
4 7 'Structure model' '_database_2.pdbx_DOI'                
5 7 'Structure model' '_database_2.pdbx_database_accession' 
6 7 'Structure model' '_struct_ref_seq_dif.details'         
7 7 'Structure model' '_struct_site.pdbx_auth_asym_id'      
8 7 'Structure model' '_struct_site.pdbx_auth_comp_id'      
9 7 'Structure model' '_struct_site.pdbx_auth_seq_id'       
# 
_pdbx_refine_tls.id               1 
_pdbx_refine_tls.details          ? 
_pdbx_refine_tls.method           refined 
_pdbx_refine_tls.origin_x         0.4170 
_pdbx_refine_tls.origin_y         0.0694 
_pdbx_refine_tls.origin_z         0.1972 
_pdbx_refine_tls.T[1][1]          0.0076 
_pdbx_refine_tls.T[2][2]          -0.0043 
_pdbx_refine_tls.T[3][3]          -0.0032 
_pdbx_refine_tls.T[1][2]          0.0011 
_pdbx_refine_tls.T[1][3]          -0.0130 
_pdbx_refine_tls.T[2][3]          0.0133 
_pdbx_refine_tls.L[1][1]          1.1961 
_pdbx_refine_tls.L[2][2]          0.8642 
_pdbx_refine_tls.L[3][3]          1.0611 
_pdbx_refine_tls.L[1][2]          -0.1515 
_pdbx_refine_tls.L[1][3]          -0.2319 
_pdbx_refine_tls.L[2][3]          0.0349 
_pdbx_refine_tls.S[1][1]          -0.0090 
_pdbx_refine_tls.S[1][2]          0.0175 
_pdbx_refine_tls.S[1][3]          -0.0270 
_pdbx_refine_tls.S[2][1]          -0.0418 
_pdbx_refine_tls.S[2][2]          0.0232 
_pdbx_refine_tls.S[2][3]          0.0639 
_pdbx_refine_tls.S[3][1]          -0.0247 
_pdbx_refine_tls.S[3][2]          -0.0843 
_pdbx_refine_tls.S[3][3]          -0.0143 
_pdbx_refine_tls.pdbx_refine_id   'X-RAY DIFFRACTION' 
# 
_pdbx_refine_tls_group.id                  1 
_pdbx_refine_tls_group.refine_tls_id       1 
_pdbx_refine_tls_group.beg_label_asym_id   A 
_pdbx_refine_tls_group.beg_label_seq_id    11 
_pdbx_refine_tls_group.beg_auth_seq_id     -1 
_pdbx_refine_tls_group.end_label_asym_id   A 
_pdbx_refine_tls_group.end_label_seq_id    155 
_pdbx_refine_tls_group.end_auth_seq_id     143 
_pdbx_refine_tls_group.selection           ? 
_pdbx_refine_tls_group.beg_auth_asym_id    A 
_pdbx_refine_tls_group.end_auth_asym_id    A 
_pdbx_refine_tls_group.pdbx_refine_id      'X-RAY DIFFRACTION' 
_pdbx_refine_tls_group.selection_details   ? 
# 
loop_
_software.name 
_software.classification 
_software.version 
_software.citation_id 
_software.pdbx_ordinal 
REFMAC  refinement       .         ? 1 
SCALA   'data scaling'   .         ? 2 
RESOLVE 'model building' .         ? 3 
SOLVE   phasing          .         ? 4 
CNS     refinement       .         ? 5 
MOSFLM  'data reduction' .         ? 6 
XFIT    'data reduction' .         ? 7 
CCP4    'data scaling'   '(SCALA)' ? 8 
RESOLVE phasing          .         ? 9 
# 
_pdbx_database_remark.id     300 
_pdbx_database_remark.text   
;BIOMOLECULE: 1
THIS ENTRY CONTAINS THE CRYSTALLOGRAPHIC ASYMMETRIC UNIT
WHICH CONSISTS OF 1 CHAIN(S). SEE REMARK 350 FOR
INFORMATION ON GENERATING THE BIOLOGICAL MOLECULE(S). 
THE BIOLOGICAL UNIT IS A TETRAMER WITH 222 POINT SYMMETRY,
FORMED BY CRYSTALLOGRAPHIC SYMMETRY, AS ADJUDGED BY 
EXTENSIVE HYDROPHOBIC CONTACTS BETWEEN THESE UNITS.
;
# 
loop_
_pdbx_validate_close_contact.id 
_pdbx_validate_close_contact.PDB_model_num 
_pdbx_validate_close_contact.auth_atom_id_1 
_pdbx_validate_close_contact.auth_asym_id_1 
_pdbx_validate_close_contact.auth_comp_id_1 
_pdbx_validate_close_contact.auth_seq_id_1 
_pdbx_validate_close_contact.PDB_ins_code_1 
_pdbx_validate_close_contact.label_alt_id_1 
_pdbx_validate_close_contact.auth_atom_id_2 
_pdbx_validate_close_contact.auth_asym_id_2 
_pdbx_validate_close_contact.auth_comp_id_2 
_pdbx_validate_close_contact.auth_seq_id_2 
_pdbx_validate_close_contact.PDB_ins_code_2 
_pdbx_validate_close_contact.label_alt_id_2 
_pdbx_validate_close_contact.dist 
1 1 O A HOH 496 ? ? O A HOH 497 ? ? 1.86 
2 1 O A HOH 476 ? ? O A HOH 478 ? ? 1.90 
3 1 O A HOH 477 ? ? O A HOH 478 ? ? 2.10 
4 1 O A HOH 493 ? ? O A HOH 494 ? ? 2.10 
5 1 O A HOH 479 ? ? O A HOH 480 ? ? 2.19 
# 
_pdbx_validate_symm_contact.id                1 
_pdbx_validate_symm_contact.PDB_model_num     1 
_pdbx_validate_symm_contact.auth_atom_id_1    O 
_pdbx_validate_symm_contact.auth_asym_id_1    A 
_pdbx_validate_symm_contact.auth_comp_id_1    HOH 
_pdbx_validate_symm_contact.auth_seq_id_1     482 
_pdbx_validate_symm_contact.PDB_ins_code_1    ? 
_pdbx_validate_symm_contact.label_alt_id_1    ? 
_pdbx_validate_symm_contact.site_symmetry_1   1_555 
_pdbx_validate_symm_contact.auth_atom_id_2    O 
_pdbx_validate_symm_contact.auth_asym_id_2    A 
_pdbx_validate_symm_contact.auth_comp_id_2    HOH 
_pdbx_validate_symm_contact.auth_seq_id_2     483 
_pdbx_validate_symm_contact.PDB_ins_code_2    ? 
_pdbx_validate_symm_contact.label_alt_id_2    ? 
_pdbx_validate_symm_contact.site_symmetry_2   3_656 
_pdbx_validate_symm_contact.dist              2.19 
# 
_pdbx_validate_rmsd_angle.id                         1 
_pdbx_validate_rmsd_angle.PDB_model_num              1 
_pdbx_validate_rmsd_angle.auth_atom_id_1             CB 
_pdbx_validate_rmsd_angle.auth_asym_id_1             A 
_pdbx_validate_rmsd_angle.auth_comp_id_1             ASP 
_pdbx_validate_rmsd_angle.auth_seq_id_1              141 
_pdbx_validate_rmsd_angle.PDB_ins_code_1             ? 
_pdbx_validate_rmsd_angle.label_alt_id_1             ? 
_pdbx_validate_rmsd_angle.auth_atom_id_2             CG 
_pdbx_validate_rmsd_angle.auth_asym_id_2             A 
_pdbx_validate_rmsd_angle.auth_comp_id_2             ASP 
_pdbx_validate_rmsd_angle.auth_seq_id_2              141 
_pdbx_validate_rmsd_angle.PDB_ins_code_2             ? 
_pdbx_validate_rmsd_angle.label_alt_id_2             ? 
_pdbx_validate_rmsd_angle.auth_atom_id_3             OD2 
_pdbx_validate_rmsd_angle.auth_asym_id_3             A 
_pdbx_validate_rmsd_angle.auth_comp_id_3             ASP 
_pdbx_validate_rmsd_angle.auth_seq_id_3              141 
_pdbx_validate_rmsd_angle.PDB_ins_code_3             ? 
_pdbx_validate_rmsd_angle.label_alt_id_3             ? 
_pdbx_validate_rmsd_angle.angle_value                124.20 
_pdbx_validate_rmsd_angle.angle_target_value         118.30 
_pdbx_validate_rmsd_angle.angle_deviation            5.90 
_pdbx_validate_rmsd_angle.angle_standard_deviation   0.90 
_pdbx_validate_rmsd_angle.linker_flag                N 
# 
loop_
_pdbx_unobs_or_zero_occ_residues.id 
_pdbx_unobs_or_zero_occ_residues.PDB_model_num 
_pdbx_unobs_or_zero_occ_residues.polymer_flag 
_pdbx_unobs_or_zero_occ_residues.occupancy_flag 
_pdbx_unobs_or_zero_occ_residues.auth_asym_id 
_pdbx_unobs_or_zero_occ_residues.auth_comp_id 
_pdbx_unobs_or_zero_occ_residues.auth_seq_id 
_pdbx_unobs_or_zero_occ_residues.PDB_ins_code 
_pdbx_unobs_or_zero_occ_residues.label_asym_id 
_pdbx_unobs_or_zero_occ_residues.label_comp_id 
_pdbx_unobs_or_zero_occ_residues.label_seq_id 
1  1 Y 1 A MSE -11 ? A MSE 1  
2  1 Y 1 A GLY -10 ? A GLY 2  
3  1 Y 1 A SER -9  ? A SER 3  
4  1 Y 1 A ASP -8  ? A ASP 4  
5  1 Y 1 A LYS -7  ? A LYS 5  
6  1 Y 1 A ILE -6  ? A ILE 6  
7  1 Y 1 A HIS -5  ? A HIS 7  
8  1 Y 1 A HIS -4  ? A HIS 8  
9  1 Y 1 A HIS -3  ? A HIS 9  
10 1 Y 1 A HIS -2  ? A HIS 10 
# 
loop_
_pdbx_entity_nonpoly.entity_id 
_pdbx_entity_nonpoly.name 
_pdbx_entity_nonpoly.comp_id 
2 '(4S)-2-METHYL-2,4-PENTANEDIOL' MPD 
3 water                           HOH 
# 
